data_3FNV
# 
_entry.id   3FNV 
# 
_audit_conform.dict_name       mmcif_pdbx.dic 
_audit_conform.dict_version    5.387 
_audit_conform.dict_location   http://mmcif.pdb.org/dictionaries/ascii/mmcif_pdbx.dic 
# 
loop_
_database_2.database_id 
_database_2.database_code 
_database_2.pdbx_database_accession 
_database_2.pdbx_DOI 
PDB   3FNV         pdb_00003fnv 10.2210/pdb3fnv/pdb 
RCSB  RCSB050821   ?            ?                   
WWPDB D_1000050821 ?            ?                   
# 
loop_
_pdbx_audit_revision_history.ordinal 
_pdbx_audit_revision_history.data_content_type 
_pdbx_audit_revision_history.major_revision 
_pdbx_audit_revision_history.minor_revision 
_pdbx_audit_revision_history.revision_date 
1 'Structure model' 1 0 2009-08-18 
2 'Structure model' 1 1 2011-07-13 
3 'Structure model' 1 2 2021-10-20 
4 'Structure model' 1 3 2024-02-21 
# 
_pdbx_audit_revision_details.ordinal             1 
_pdbx_audit_revision_details.revision_ordinal    1 
_pdbx_audit_revision_details.data_content_type   'Structure model' 
_pdbx_audit_revision_details.provider            repository 
_pdbx_audit_revision_details.type                'Initial release' 
_pdbx_audit_revision_details.description         ? 
_pdbx_audit_revision_details.details             ? 
# 
loop_
_pdbx_audit_revision_group.ordinal 
_pdbx_audit_revision_group.revision_ordinal 
_pdbx_audit_revision_group.data_content_type 
_pdbx_audit_revision_group.group 
1 2 'Structure model' Advisory                    
2 2 'Structure model' 'Refinement description'    
3 2 'Structure model' 'Version format compliance' 
4 3 'Structure model' 'Database references'       
5 3 'Structure model' 'Derived calculations'      
6 4 'Structure model' 'Data collection'           
# 
loop_
_pdbx_audit_revision_category.ordinal 
_pdbx_audit_revision_category.revision_ordinal 
_pdbx_audit_revision_category.data_content_type 
_pdbx_audit_revision_category.category 
1 3 'Structure model' database_2         
2 3 'Structure model' struct_ref_seq_dif 
3 3 'Structure model' struct_site        
4 4 'Structure model' chem_comp_atom     
5 4 'Structure model' chem_comp_bond     
# 
loop_
_pdbx_audit_revision_item.ordinal 
_pdbx_audit_revision_item.revision_ordinal 
_pdbx_audit_revision_item.data_content_type 
_pdbx_audit_revision_item.item 
1 3 'Structure model' '_database_2.pdbx_DOI'                
2 3 'Structure model' '_database_2.pdbx_database_accession' 
3 3 'Structure model' '_struct_ref_seq_dif.details'         
4 3 'Structure model' '_struct_site.pdbx_auth_asym_id'      
5 3 'Structure model' '_struct_site.pdbx_auth_comp_id'      
6 3 'Structure model' '_struct_site.pdbx_auth_seq_id'       
# 
_pdbx_database_status.entry_id                        3FNV 
_pdbx_database_status.deposit_site                    RCSB 
_pdbx_database_status.process_site                    RCSB 
_pdbx_database_status.recvd_initial_deposition_date   2008-12-26 
_pdbx_database_status.status_code                     REL 
_pdbx_database_status.status_code_sf                  REL 
_pdbx_database_status.status_code_mr                  ? 
_pdbx_database_status.SG_entry                        ? 
_pdbx_database_status.pdb_format_compatible           Y 
_pdbx_database_status.status_code_cs                  ? 
_pdbx_database_status.status_code_nmr_data            ? 
_pdbx_database_status.methods_development_category    ? 
# 
_pdbx_database_related.db_name        PDB 
_pdbx_database_related.db_id          2QH7 
_pdbx_database_related.details        
'MitoNEET is a uniquely folded 2Fe-2S outer mitochondrial membrane protein stabilized by pioglitazone' 
_pdbx_database_related.content_type   unspecified 
# 
loop_
_audit_author.name 
_audit_author.pdbx_ordinal 
'Conlan, A.R.'   1 
'Axelrod, H.L.'  2 
'Cohen, A.E.'    3 
'Abresch, E.C.'  4 
'Yee, D.'        5 
'Zuris, J.'      6 
'Nechushtai, R.' 7 
'Jennings, P.A.' 8 
'Paddock, M.L.'  9 
# 
_citation.id                        primary 
_citation.title                     'Crystal structure of Miner1: The redox-active 2Fe-2S protein causative in Wolfram Syndrome 2.' 
_citation.journal_abbrev            J.Mol.Biol. 
_citation.journal_volume            392 
_citation.page_first                143 
_citation.page_last                 153 
_citation.year                      2009 
_citation.journal_id_ASTM           JMOBAK 
_citation.country                   UK 
_citation.journal_id_ISSN           0022-2836 
_citation.journal_id_CSD            0070 
_citation.book_publisher            ? 
_citation.pdbx_database_id_PubMed   19580816 
_citation.pdbx_database_id_DOI      10.1016/j.jmb.2009.06.079 
# 
loop_
_citation_author.citation_id 
_citation_author.name 
_citation_author.ordinal 
_citation_author.identifier_ORCID 
primary 'Conlan, A.R.'   1 ? 
primary 'Axelrod, H.L.'  2 ? 
primary 'Cohen, A.E.'    3 ? 
primary 'Abresch, E.C.'  4 ? 
primary 'Zuris, J.'      5 ? 
primary 'Yee, D.'        6 ? 
primary 'Nechushtai, R.' 7 ? 
primary 'Jennings, P.A.' 8 ? 
primary 'Paddock, M.L.'  9 ? 
# 
loop_
_entity.id 
_entity.type 
_entity.src_method 
_entity.pdbx_description 
_entity.formula_weight 
_entity.pdbx_number_of_molecules 
_entity.pdbx_ec 
_entity.pdbx_mutation 
_entity.pdbx_fragment 
_entity.details 
1 polymer     man 'CDGSH iron sulfur domain-containing protein 2' 9490.047 2  ? C92S 
'C-terminal water-soluble domain: UNP residues 57-135' ? 
2 non-polymer syn 'FE2/S2 (INORGANIC) CLUSTER'                    175.820  2  ? ?    ? ? 
3 water       nat water                                           18.015   40 ? ?    ? ? 
# 
_entity_name_com.entity_id   1 
_entity_name_com.name        'Endoplasmic reticulum intermembrane small protein, MitoNEET-related 1 protein, Miner1' 
# 
_entity_poly.entity_id                      1 
_entity_poly.type                           'polypeptide(L)' 
_entity_poly.nstd_linkage                   no 
_entity_poly.nstd_monomer                   no 
_entity_poly.pdbx_seq_one_letter_code       
;GSHMRPFLPKKKQQKDSLINLKIQKENPKVVNEINIEDLSLTKAAYCRCWRSKTFPACDGSHNKHNELTGDNVGPLILKK
KEV
;
_entity_poly.pdbx_seq_one_letter_code_can   
;GSHMRPFLPKKKQQKDSLINLKIQKENPKVVNEINIEDLSLTKAAYCRCWRSKTFPACDGSHNKHNELTGDNVGPLILKK
KEV
;
_entity_poly.pdbx_strand_id                 A,B 
_entity_poly.pdbx_target_identifier         ? 
# 
loop_
_pdbx_entity_nonpoly.entity_id 
_pdbx_entity_nonpoly.name 
_pdbx_entity_nonpoly.comp_id 
2 'FE2/S2 (INORGANIC) CLUSTER' FES 
3 water                        HOH 
# 
loop_
_entity_poly_seq.entity_id 
_entity_poly_seq.num 
_entity_poly_seq.mon_id 
_entity_poly_seq.hetero 
1 1  GLY n 
1 2  SER n 
1 3  HIS n 
1 4  MET n 
1 5  ARG n 
1 6  PRO n 
1 7  PHE n 
1 8  LEU n 
1 9  PRO n 
1 10 LYS n 
1 11 LYS n 
1 12 LYS n 
1 13 GLN n 
1 14 GLN n 
1 15 LYS n 
1 16 ASP n 
1 17 SER n 
1 18 LEU n 
1 19 ILE n 
1 20 ASN n 
1 21 LEU n 
1 22 LYS n 
1 23 ILE n 
1 24 GLN n 
1 25 LYS n 
1 26 GLU n 
1 27 ASN n 
1 28 PRO n 
1 29 LYS n 
1 30 VAL n 
1 31 VAL n 
1 32 ASN n 
1 33 GLU n 
1 34 ILE n 
1 35 ASN n 
1 36 ILE n 
1 37 GLU n 
1 38 ASP n 
1 39 LEU n 
1 40 SER n 
1 41 LEU n 
1 42 THR n 
1 43 LYS n 
1 44 ALA n 
1 45 ALA n 
1 46 TYR n 
1 47 CYS n 
1 48 ARG n 
1 49 CYS n 
1 50 TRP n 
1 51 ARG n 
1 52 SER n 
1 53 LYS n 
1 54 THR n 
1 55 PHE n 
1 56 PRO n 
1 57 ALA n 
1 58 CYS n 
1 59 ASP n 
1 60 GLY n 
1 61 SER n 
1 62 HIS n 
1 63 ASN n 
1 64 LYS n 
1 65 HIS n 
1 66 ASN n 
1 67 GLU n 
1 68 LEU n 
1 69 THR n 
1 70 GLY n 
1 71 ASP n 
1 72 ASN n 
1 73 VAL n 
1 74 GLY n 
1 75 PRO n 
1 76 LEU n 
1 77 ILE n 
1 78 LEU n 
1 79 LYS n 
1 80 LYS n 
1 81 LYS n 
1 82 GLU n 
1 83 VAL n 
# 
_entity_src_gen.entity_id                          1 
_entity_src_gen.pdbx_src_id                        1 
_entity_src_gen.pdbx_alt_source_flag               sample 
_entity_src_gen.pdbx_seq_type                      ? 
_entity_src_gen.pdbx_beg_seq_num                   ? 
_entity_src_gen.pdbx_end_seq_num                   ? 
_entity_src_gen.gene_src_common_name               Human 
_entity_src_gen.gene_src_genus                     ? 
_entity_src_gen.pdbx_gene_src_gene                 'CDGSH2, CISD2, ERIS, ZCD2' 
_entity_src_gen.gene_src_species                   ? 
_entity_src_gen.gene_src_strain                    ? 
_entity_src_gen.gene_src_tissue                    ? 
_entity_src_gen.gene_src_tissue_fraction           ? 
_entity_src_gen.gene_src_details                   ? 
_entity_src_gen.pdbx_gene_src_fragment             ? 
_entity_src_gen.pdbx_gene_src_scientific_name      'Homo sapiens' 
_entity_src_gen.pdbx_gene_src_ncbi_taxonomy_id     9606 
_entity_src_gen.pdbx_gene_src_variant              ? 
_entity_src_gen.pdbx_gene_src_cell_line            ? 
_entity_src_gen.pdbx_gene_src_atcc                 ? 
_entity_src_gen.pdbx_gene_src_organ                ? 
_entity_src_gen.pdbx_gene_src_organelle            ? 
_entity_src_gen.pdbx_gene_src_cell                 ? 
_entity_src_gen.pdbx_gene_src_cellular_location    ? 
_entity_src_gen.host_org_common_name               ? 
_entity_src_gen.pdbx_host_org_scientific_name      'Escherichia coli' 
_entity_src_gen.pdbx_host_org_ncbi_taxonomy_id     562 
_entity_src_gen.host_org_genus                     ? 
_entity_src_gen.pdbx_host_org_gene                 ? 
_entity_src_gen.pdbx_host_org_organ                ? 
_entity_src_gen.host_org_species                   ? 
_entity_src_gen.pdbx_host_org_tissue               ? 
_entity_src_gen.pdbx_host_org_tissue_fraction      ? 
_entity_src_gen.pdbx_host_org_strain               ? 
_entity_src_gen.pdbx_host_org_variant              ? 
_entity_src_gen.pdbx_host_org_cell_line            ? 
_entity_src_gen.pdbx_host_org_atcc                 ? 
_entity_src_gen.pdbx_host_org_culture_collection   ? 
_entity_src_gen.pdbx_host_org_cell                 ? 
_entity_src_gen.pdbx_host_org_organelle            ? 
_entity_src_gen.pdbx_host_org_cellular_location    ? 
_entity_src_gen.pdbx_host_org_vector_type          Plasmid 
_entity_src_gen.pdbx_host_org_vector               ? 
_entity_src_gen.host_org_details                   ? 
_entity_src_gen.expression_system_id               ? 
_entity_src_gen.plasmid_name                       'pET28a(+)' 
_entity_src_gen.plasmid_details                    ? 
_entity_src_gen.pdbx_description                   ? 
# 
loop_
_chem_comp.id 
_chem_comp.type 
_chem_comp.mon_nstd_flag 
_chem_comp.name 
_chem_comp.pdbx_synonyms 
_chem_comp.formula 
_chem_comp.formula_weight 
ALA 'L-peptide linking' y ALANINE                      ? 'C3 H7 N O2'     89.093  
ARG 'L-peptide linking' y ARGININE                     ? 'C6 H15 N4 O2 1' 175.209 
ASN 'L-peptide linking' y ASPARAGINE                   ? 'C4 H8 N2 O3'    132.118 
ASP 'L-peptide linking' y 'ASPARTIC ACID'              ? 'C4 H7 N O4'     133.103 
CYS 'L-peptide linking' y CYSTEINE                     ? 'C3 H7 N O2 S'   121.158 
FES non-polymer         . 'FE2/S2 (INORGANIC) CLUSTER' ? 'Fe2 S2'         175.820 
GLN 'L-peptide linking' y GLUTAMINE                    ? 'C5 H10 N2 O3'   146.144 
GLU 'L-peptide linking' y 'GLUTAMIC ACID'              ? 'C5 H9 N O4'     147.129 
GLY 'peptide linking'   y GLYCINE                      ? 'C2 H5 N O2'     75.067  
HIS 'L-peptide linking' y HISTIDINE                    ? 'C6 H10 N3 O2 1' 156.162 
HOH non-polymer         . WATER                        ? 'H2 O'           18.015  
ILE 'L-peptide linking' y ISOLEUCINE                   ? 'C6 H13 N O2'    131.173 
LEU 'L-peptide linking' y LEUCINE                      ? 'C6 H13 N O2'    131.173 
LYS 'L-peptide linking' y LYSINE                       ? 'C6 H15 N2 O2 1' 147.195 
MET 'L-peptide linking' y METHIONINE                   ? 'C5 H11 N O2 S'  149.211 
PHE 'L-peptide linking' y PHENYLALANINE                ? 'C9 H11 N O2'    165.189 
PRO 'L-peptide linking' y PROLINE                      ? 'C5 H9 N O2'     115.130 
SER 'L-peptide linking' y SERINE                       ? 'C3 H7 N O3'     105.093 
THR 'L-peptide linking' y THREONINE                    ? 'C4 H9 N O3'     119.119 
TRP 'L-peptide linking' y TRYPTOPHAN                   ? 'C11 H12 N2 O2'  204.225 
TYR 'L-peptide linking' y TYROSINE                     ? 'C9 H11 N O3'    181.189 
VAL 'L-peptide linking' y VALINE                       ? 'C5 H11 N O2'    117.146 
# 
loop_
_pdbx_poly_seq_scheme.asym_id 
_pdbx_poly_seq_scheme.entity_id 
_pdbx_poly_seq_scheme.seq_id 
_pdbx_poly_seq_scheme.mon_id 
_pdbx_poly_seq_scheme.ndb_seq_num 
_pdbx_poly_seq_scheme.pdb_seq_num 
_pdbx_poly_seq_scheme.auth_seq_num 
_pdbx_poly_seq_scheme.pdb_mon_id 
_pdbx_poly_seq_scheme.auth_mon_id 
_pdbx_poly_seq_scheme.pdb_strand_id 
_pdbx_poly_seq_scheme.pdb_ins_code 
_pdbx_poly_seq_scheme.hetero 
A 1 1  GLY 1  53  ?   ?   ?   A . n 
A 1 2  SER 2  54  ?   ?   ?   A . n 
A 1 3  HIS 3  55  ?   ?   ?   A . n 
A 1 4  MET 4  56  ?   ?   ?   A . n 
A 1 5  ARG 5  57  ?   ?   ?   A . n 
A 1 6  PRO 6  58  ?   ?   ?   A . n 
A 1 7  PHE 7  59  ?   ?   ?   A . n 
A 1 8  LEU 8  60  ?   ?   ?   A . n 
A 1 9  PRO 9  61  ?   ?   ?   A . n 
A 1 10 LYS 10 62  ?   ?   ?   A . n 
A 1 11 LYS 11 63  ?   ?   ?   A . n 
A 1 12 LYS 12 64  ?   ?   ?   A . n 
A 1 13 GLN 13 65  ?   ?   ?   A . n 
A 1 14 GLN 14 66  ?   ?   ?   A . n 
A 1 15 LYS 15 67  ?   ?   ?   A . n 
A 1 16 ASP 16 68  68  ASP ASP A . n 
A 1 17 SER 17 69  69  SER SER A . n 
A 1 18 LEU 18 70  70  LEU LEU A . n 
A 1 19 ILE 19 71  71  ILE ILE A . n 
A 1 20 ASN 20 72  72  ASN ASN A . n 
A 1 21 LEU 21 73  73  LEU LEU A . n 
A 1 22 LYS 22 74  74  LYS LYS A . n 
A 1 23 ILE 23 75  75  ILE ILE A . n 
A 1 24 GLN 24 76  76  GLN GLN A . n 
A 1 25 LYS 25 77  77  LYS LYS A . n 
A 1 26 GLU 26 78  78  GLU GLU A . n 
A 1 27 ASN 27 79  79  ASN ASN A . n 
A 1 28 PRO 28 80  80  PRO PRO A . n 
A 1 29 LYS 29 81  81  LYS LYS A . n 
A 1 30 VAL 30 82  82  VAL VAL A . n 
A 1 31 VAL 31 83  83  VAL VAL A . n 
A 1 32 ASN 32 84  84  ASN ASN A . n 
A 1 33 GLU 33 85  85  GLU GLU A . n 
A 1 34 ILE 34 86  86  ILE ILE A . n 
A 1 35 ASN 35 87  87  ASN ASN A . n 
A 1 36 ILE 36 88  88  ILE ILE A . n 
A 1 37 GLU 37 89  89  GLU GLU A . n 
A 1 38 ASP 38 90  90  ASP ASP A . n 
A 1 39 LEU 39 91  91  LEU LEU A . n 
A 1 40 SER 40 92  92  SER SER A . n 
A 1 41 LEU 41 93  93  LEU LEU A . n 
A 1 42 THR 42 94  94  THR THR A . n 
A 1 43 LYS 43 95  95  LYS LYS A . n 
A 1 44 ALA 44 96  96  ALA ALA A . n 
A 1 45 ALA 45 97  97  ALA ALA A . n 
A 1 46 TYR 46 98  98  TYR TYR A . n 
A 1 47 CYS 47 99  99  CYS CYS A . n 
A 1 48 ARG 48 100 100 ARG ARG A . n 
A 1 49 CYS 49 101 101 CYS CYS A . n 
A 1 50 TRP 50 102 102 TRP TRP A . n 
A 1 51 ARG 51 103 103 ARG ARG A . n 
A 1 52 SER 52 104 104 SER SER A . n 
A 1 53 LYS 53 105 105 LYS LYS A . n 
A 1 54 THR 54 106 106 THR THR A . n 
A 1 55 PHE 55 107 107 PHE PHE A . n 
A 1 56 PRO 56 108 108 PRO PRO A . n 
A 1 57 ALA 57 109 109 ALA ALA A . n 
A 1 58 CYS 58 110 110 CYS CYS A . n 
A 1 59 ASP 59 111 111 ASP ASP A . n 
A 1 60 GLY 60 112 112 GLY GLY A . n 
A 1 61 SER 61 113 113 SER SER A . n 
A 1 62 HIS 62 114 114 HIS HIS A . n 
A 1 63 ASN 63 115 115 ASN ASN A . n 
A 1 64 LYS 64 116 116 LYS LYS A . n 
A 1 65 HIS 65 117 117 HIS HIS A . n 
A 1 66 ASN 66 118 118 ASN ASN A . n 
A 1 67 GLU 67 119 119 GLU GLU A . n 
A 1 68 LEU 68 120 120 LEU LEU A . n 
A 1 69 THR 69 121 121 THR THR A . n 
A 1 70 GLY 70 122 122 GLY GLY A . n 
A 1 71 ASP 71 123 123 ASP ASP A . n 
A 1 72 ASN 72 124 124 ASN ASN A . n 
A 1 73 VAL 73 125 125 VAL VAL A . n 
A 1 74 GLY 74 126 126 GLY GLY A . n 
A 1 75 PRO 75 127 127 PRO PRO A . n 
A 1 76 LEU 76 128 128 LEU LEU A . n 
A 1 77 ILE 77 129 129 ILE ILE A . n 
A 1 78 LEU 78 130 130 LEU LEU A . n 
A 1 79 LYS 79 131 131 LYS LYS A . n 
A 1 80 LYS 80 132 132 LYS LYS A . n 
A 1 81 LYS 81 133 133 LYS LYS A . n 
A 1 82 GLU 82 134 134 GLU GLU A . n 
A 1 83 VAL 83 135 ?   ?   ?   A . n 
B 1 1  GLY 1  53  ?   ?   ?   B . n 
B 1 2  SER 2  54  ?   ?   ?   B . n 
B 1 3  HIS 3  55  ?   ?   ?   B . n 
B 1 4  MET 4  56  ?   ?   ?   B . n 
B 1 5  ARG 5  57  ?   ?   ?   B . n 
B 1 6  PRO 6  58  ?   ?   ?   B . n 
B 1 7  PHE 7  59  ?   ?   ?   B . n 
B 1 8  LEU 8  60  ?   ?   ?   B . n 
B 1 9  PRO 9  61  ?   ?   ?   B . n 
B 1 10 LYS 10 62  ?   ?   ?   B . n 
B 1 11 LYS 11 63  ?   ?   ?   B . n 
B 1 12 LYS 12 64  ?   ?   ?   B . n 
B 1 13 GLN 13 65  ?   ?   ?   B . n 
B 1 14 GLN 14 66  ?   ?   ?   B . n 
B 1 15 LYS 15 67  ?   ?   ?   B . n 
B 1 16 ASP 16 68  68  ASP ASP B . n 
B 1 17 SER 17 69  69  SER SER B . n 
B 1 18 LEU 18 70  70  LEU LEU B . n 
B 1 19 ILE 19 71  71  ILE ILE B . n 
B 1 20 ASN 20 72  72  ASN ASN B . n 
B 1 21 LEU 21 73  73  LEU LEU B . n 
B 1 22 LYS 22 74  74  LYS LYS B . n 
B 1 23 ILE 23 75  75  ILE ILE B . n 
B 1 24 GLN 24 76  76  GLN GLN B . n 
B 1 25 LYS 25 77  77  LYS LYS B . n 
B 1 26 GLU 26 78  78  GLU GLU B . n 
B 1 27 ASN 27 79  79  ASN ASN B . n 
B 1 28 PRO 28 80  80  PRO PRO B . n 
B 1 29 LYS 29 81  81  LYS LYS B . n 
B 1 30 VAL 30 82  82  VAL VAL B . n 
B 1 31 VAL 31 83  83  VAL VAL B . n 
B 1 32 ASN 32 84  84  ASN ASN B . n 
B 1 33 GLU 33 85  85  GLU GLU B . n 
B 1 34 ILE 34 86  86  ILE ILE B . n 
B 1 35 ASN 35 87  87  ASN ASN B . n 
B 1 36 ILE 36 88  88  ILE ILE B . n 
B 1 37 GLU 37 89  89  GLU GLU B . n 
B 1 38 ASP 38 90  90  ASP ASP B . n 
B 1 39 LEU 39 91  91  LEU LEU B . n 
B 1 40 SER 40 92  92  SER SER B . n 
B 1 41 LEU 41 93  93  LEU LEU B . n 
B 1 42 THR 42 94  94  THR THR B . n 
B 1 43 LYS 43 95  95  LYS LYS B . n 
B 1 44 ALA 44 96  96  ALA ALA B . n 
B 1 45 ALA 45 97  97  ALA ALA B . n 
B 1 46 TYR 46 98  98  TYR TYR B . n 
B 1 47 CYS 47 99  99  CYS CYS B . n 
B 1 48 ARG 48 100 100 ARG ARG B . n 
B 1 49 CYS 49 101 101 CYS CYS B . n 
B 1 50 TRP 50 102 102 TRP TRP B . n 
B 1 51 ARG 51 103 103 ARG ARG B . n 
B 1 52 SER 52 104 104 SER SER B . n 
B 1 53 LYS 53 105 105 LYS LYS B . n 
B 1 54 THR 54 106 106 THR THR B . n 
B 1 55 PHE 55 107 107 PHE PHE B . n 
B 1 56 PRO 56 108 108 PRO PRO B . n 
B 1 57 ALA 57 109 109 ALA ALA B . n 
B 1 58 CYS 58 110 110 CYS CYS B . n 
B 1 59 ASP 59 111 111 ASP ASP B . n 
B 1 60 GLY 60 112 112 GLY GLY B . n 
B 1 61 SER 61 113 113 SER SER B . n 
B 1 62 HIS 62 114 114 HIS HIS B . n 
B 1 63 ASN 63 115 115 ASN ASN B . n 
B 1 64 LYS 64 116 116 LYS LYS B . n 
B 1 65 HIS 65 117 117 HIS HIS B . n 
B 1 66 ASN 66 118 118 ASN ASN B . n 
B 1 67 GLU 67 119 119 GLU GLU B . n 
B 1 68 LEU 68 120 120 LEU LEU B . n 
B 1 69 THR 69 121 121 THR THR B . n 
B 1 70 GLY 70 122 122 GLY GLY B . n 
B 1 71 ASP 71 123 123 ASP ASP B . n 
B 1 72 ASN 72 124 124 ASN ASN B . n 
B 1 73 VAL 73 125 125 VAL VAL B . n 
B 1 74 GLY 74 126 126 GLY GLY B . n 
B 1 75 PRO 75 127 127 PRO PRO B . n 
B 1 76 LEU 76 128 128 LEU LEU B . n 
B 1 77 ILE 77 129 129 ILE ILE B . n 
B 1 78 LEU 78 130 130 LEU LEU B . n 
B 1 79 LYS 79 131 131 LYS LYS B . n 
B 1 80 LYS 80 132 132 LYS LYS B . n 
B 1 81 LYS 81 133 133 LYS LYS B . n 
B 1 82 GLU 82 134 134 GLU GLU B . n 
B 1 83 VAL 83 135 135 VAL VAL B . n 
# 
loop_
_pdbx_nonpoly_scheme.asym_id 
_pdbx_nonpoly_scheme.entity_id 
_pdbx_nonpoly_scheme.mon_id 
_pdbx_nonpoly_scheme.ndb_seq_num 
_pdbx_nonpoly_scheme.pdb_seq_num 
_pdbx_nonpoly_scheme.auth_seq_num 
_pdbx_nonpoly_scheme.pdb_mon_id 
_pdbx_nonpoly_scheme.auth_mon_id 
_pdbx_nonpoly_scheme.pdb_strand_id 
_pdbx_nonpoly_scheme.pdb_ins_code 
C 2 FES 1  200 200 FES FES A . 
D 2 FES 1  200 200 FES FES B . 
E 3 HOH 1  1   1   HOH HOH A . 
E 3 HOH 2  2   2   HOH HOH A . 
E 3 HOH 3  3   3   HOH HOH A . 
E 3 HOH 4  4   4   HOH HOH A . 
E 3 HOH 5  5   5   HOH HOH A . 
E 3 HOH 6  6   6   HOH HOH A . 
E 3 HOH 7  10  10  HOH HOH A . 
E 3 HOH 8  12  12  HOH HOH A . 
E 3 HOH 9  13  13  HOH HOH A . 
E 3 HOH 10 14  14  HOH HOH A . 
E 3 HOH 11 15  15  HOH HOH A . 
E 3 HOH 12 16  16  HOH HOH A . 
E 3 HOH 13 17  17  HOH HOH A . 
E 3 HOH 14 19  19  HOH HOH A . 
E 3 HOH 15 21  21  HOH HOH A . 
E 3 HOH 16 23  23  HOH HOH A . 
E 3 HOH 17 30  30  HOH HOH A . 
E 3 HOH 18 31  31  HOH HOH A . 
E 3 HOH 19 32  32  HOH HOH A . 
E 3 HOH 20 33  33  HOH HOH A . 
E 3 HOH 21 39  39  HOH HOH A . 
F 3 HOH 1  7   7   HOH HOH B . 
F 3 HOH 2  8   8   HOH HOH B . 
F 3 HOH 3  9   9   HOH HOH B . 
F 3 HOH 4  11  11  HOH HOH B . 
F 3 HOH 5  18  18  HOH HOH B . 
F 3 HOH 6  20  20  HOH HOH B . 
F 3 HOH 7  22  22  HOH HOH B . 
F 3 HOH 8  24  24  HOH HOH B . 
F 3 HOH 9  25  25  HOH HOH B . 
F 3 HOH 10 26  26  HOH HOH B . 
F 3 HOH 11 27  27  HOH HOH B . 
F 3 HOH 12 28  28  HOH HOH B . 
F 3 HOH 13 29  29  HOH HOH B . 
F 3 HOH 14 34  34  HOH HOH B . 
F 3 HOH 15 35  35  HOH HOH B . 
F 3 HOH 16 36  36  HOH HOH B . 
F 3 HOH 17 37  37  HOH HOH B . 
F 3 HOH 18 38  38  HOH HOH B . 
F 3 HOH 19 40  40  HOH HOH B . 
# 
loop_
_pdbx_unobs_or_zero_occ_atoms.id 
_pdbx_unobs_or_zero_occ_atoms.PDB_model_num 
_pdbx_unobs_or_zero_occ_atoms.polymer_flag 
_pdbx_unobs_or_zero_occ_atoms.occupancy_flag 
_pdbx_unobs_or_zero_occ_atoms.auth_asym_id 
_pdbx_unobs_or_zero_occ_atoms.auth_comp_id 
_pdbx_unobs_or_zero_occ_atoms.auth_seq_id 
_pdbx_unobs_or_zero_occ_atoms.PDB_ins_code 
_pdbx_unobs_or_zero_occ_atoms.auth_atom_id 
_pdbx_unobs_or_zero_occ_atoms.label_alt_id 
_pdbx_unobs_or_zero_occ_atoms.label_asym_id 
_pdbx_unobs_or_zero_occ_atoms.label_comp_id 
_pdbx_unobs_or_zero_occ_atoms.label_seq_id 
_pdbx_unobs_or_zero_occ_atoms.label_atom_id 
1  1 Y 1 A ASP 68  ? CG  ? A ASP 16 CG  
2  1 Y 1 A ASP 68  ? OD1 ? A ASP 16 OD1 
3  1 Y 1 A ASP 68  ? OD2 ? A ASP 16 OD2 
4  1 Y 1 A LYS 74  ? NZ  ? A LYS 22 NZ  
5  1 Y 1 A GLU 85  ? CD  ? A GLU 33 CD  
6  1 Y 1 A GLU 85  ? OE1 ? A GLU 33 OE1 
7  1 Y 1 A GLU 85  ? OE2 ? A GLU 33 OE2 
8  1 Y 1 A GLU 89  ? CG  ? A GLU 37 CG  
9  1 Y 1 A GLU 89  ? CD  ? A GLU 37 CD  
10 1 Y 1 A GLU 89  ? OE1 ? A GLU 37 OE1 
11 1 Y 1 A GLU 89  ? OE2 ? A GLU 37 OE2 
12 1 Y 1 A ASP 90  ? CG  ? A ASP 38 CG  
13 1 Y 1 A ASP 90  ? OD1 ? A ASP 38 OD1 
14 1 Y 1 A ASP 90  ? OD2 ? A ASP 38 OD2 
15 1 Y 1 A SER 92  ? OG  ? A SER 40 OG  
16 1 Y 1 A LYS 95  ? CE  ? A LYS 43 CE  
17 1 Y 1 A LYS 95  ? NZ  ? A LYS 43 NZ  
18 1 Y 1 A LYS 105 ? CE  ? A LYS 53 CE  
19 1 Y 1 A LYS 105 ? NZ  ? A LYS 53 NZ  
20 1 Y 1 A LYS 116 ? CD  ? A LYS 64 CD  
21 1 Y 1 A LYS 116 ? CE  ? A LYS 64 CE  
22 1 Y 1 A LYS 116 ? NZ  ? A LYS 64 NZ  
23 1 Y 1 A GLU 119 ? CG  ? A GLU 67 CG  
24 1 Y 1 A GLU 119 ? CD  ? A GLU 67 CD  
25 1 Y 1 A GLU 119 ? OE1 ? A GLU 67 OE1 
26 1 Y 1 A GLU 119 ? OE2 ? A GLU 67 OE2 
27 1 Y 1 A LYS 133 ? CG  ? A LYS 81 CG  
28 1 Y 1 A LYS 133 ? CD  ? A LYS 81 CD  
29 1 Y 1 A LYS 133 ? CE  ? A LYS 81 CE  
30 1 Y 1 A LYS 133 ? NZ  ? A LYS 81 NZ  
31 1 Y 1 A GLU 134 ? CG  ? A GLU 82 CG  
32 1 Y 1 A GLU 134 ? CD  ? A GLU 82 CD  
33 1 Y 1 A GLU 134 ? OE1 ? A GLU 82 OE1 
34 1 Y 1 A GLU 134 ? OE2 ? A GLU 82 OE2 
35 1 Y 1 B ASP 68  ? CG  ? B ASP 16 CG  
36 1 Y 1 B ASP 68  ? OD1 ? B ASP 16 OD1 
37 1 Y 1 B ASP 68  ? OD2 ? B ASP 16 OD2 
38 1 Y 1 B LYS 74  ? CG  ? B LYS 22 CG  
39 1 Y 1 B LYS 74  ? CD  ? B LYS 22 CD  
40 1 Y 1 B LYS 74  ? CE  ? B LYS 22 CE  
41 1 Y 1 B LYS 74  ? NZ  ? B LYS 22 NZ  
42 1 Y 1 B GLU 89  ? CG  ? B GLU 37 CG  
43 1 Y 1 B GLU 89  ? CD  ? B GLU 37 CD  
44 1 Y 1 B GLU 89  ? OE1 ? B GLU 37 OE1 
45 1 Y 1 B GLU 89  ? OE2 ? B GLU 37 OE2 
46 1 Y 1 B LYS 95  ? CE  ? B LYS 43 CE  
47 1 Y 1 B LYS 95  ? NZ  ? B LYS 43 NZ  
48 1 Y 1 B LYS 105 ? CE  ? B LYS 53 CE  
49 1 Y 1 B LYS 105 ? NZ  ? B LYS 53 NZ  
50 1 Y 1 B LYS 116 ? CD  ? B LYS 64 CD  
51 1 Y 1 B LYS 116 ? CE  ? B LYS 64 CE  
52 1 Y 1 B LYS 116 ? NZ  ? B LYS 64 NZ  
53 1 Y 1 B GLU 119 ? CG  ? B GLU 67 CG  
54 1 Y 1 B GLU 119 ? CD  ? B GLU 67 CD  
55 1 Y 1 B GLU 119 ? OE1 ? B GLU 67 OE1 
56 1 Y 1 B GLU 119 ? OE2 ? B GLU 67 OE2 
57 1 Y 1 B LYS 131 ? CE  ? B LYS 79 CE  
58 1 Y 1 B LYS 131 ? NZ  ? B LYS 79 NZ  
59 1 Y 1 B LYS 133 ? CD  ? B LYS 81 CD  
60 1 Y 1 B LYS 133 ? CE  ? B LYS 81 CE  
61 1 Y 1 B LYS 133 ? NZ  ? B LYS 81 NZ  
62 1 Y 1 B GLU 134 ? CG  ? B GLU 82 CG  
63 1 Y 1 B GLU 134 ? CD  ? B GLU 82 CD  
64 1 Y 1 B GLU 134 ? OE1 ? B GLU 82 OE1 
65 1 Y 1 B GLU 134 ? OE2 ? B GLU 82 OE2 
# 
loop_
_software.name 
_software.version 
_software.date 
_software.type 
_software.contact_author 
_software.contact_author_email 
_software.classification 
_software.location 
_software.language 
_software.citation_id 
_software.pdbx_ordinal 
XSCALE      .     ?               package 'Wolfgang Kabsch'       ?                               'data scaling'    
http://www.mpimf-heidelberg.mpg.de/~kabsch/xds/html_doc/xscale_program.html ?          ? 1 
SHARP       .     ?               package 'Eric de La Fortelle'   sharp-develop@globalphasing.com phasing           
http://www.globalphasing.com/sharp/                                         ?          ? 2 
RESOLVE     2.13  6-Mar-2008      program 'Thomas C. Terwilliger' terwilliger@lanl.gov            phasing           
http://www.solve.lanl.gov/                                                  ?          ? 3 
REFMAC      .     ?               program 'Garib N. Murshudov'    garib@ysbl.york.ac.uk           refinement        
http://www.ccp4.ac.uk/dist/html/refmac5.html                                Fortran_77 ? 4 
PDB_EXTRACT 3.006 'June 11, 2008' package PDB                     help@deposit.rcsb.org           'data extraction' 
http://sw-tools.pdb.org/apps/PDB_EXTRACT/                                   C++        ? 5 
Blu-Ice     .     ?               ?       ?                       ?                               'data collection' ? ?          ? 
6 
XDS         .     ?               ?       ?                       ?                               'data reduction'  ? ?          ? 
7 
SHELX       .     ?               ?       ?                       ?                               phasing           ? ?          ? 
8 
# 
_cell.length_a           40.904 
_cell.length_b           48.579 
_cell.length_c           74.104 
_cell.angle_alpha        90.000 
_cell.angle_beta         90.000 
_cell.angle_gamma        90.000 
_cell.entry_id           3FNV 
_cell.pdbx_unique_axis   ? 
_cell.Z_PDB              8 
_cell.length_a_esd       ? 
_cell.length_b_esd       ? 
_cell.length_c_esd       ? 
_cell.angle_alpha_esd    ? 
_cell.angle_beta_esd     ? 
_cell.angle_gamma_esd    ? 
# 
_symmetry.space_group_name_H-M             'P 21 21 21' 
_symmetry.entry_id                         3FNV 
_symmetry.Int_Tables_number                19 
_symmetry.pdbx_full_space_group_name_H-M   ? 
_symmetry.cell_setting                     ? 
_symmetry.space_group_name_Hall            ? 
# 
_exptl.crystals_number   1 
_exptl.entry_id          3FNV 
_exptl.method            'X-RAY DIFFRACTION' 
# 
_exptl_crystal.id                    1 
_exptl_crystal.density_Matthews      1.94 
_exptl_crystal.density_meas          ? 
_exptl_crystal.density_percent_sol   36.58 
_exptl_crystal.description           ? 
_exptl_crystal.F_000                 ? 
_exptl_crystal.preparation           ? 
# 
_exptl_crystal_grow.crystal_id      1 
_exptl_crystal_grow.method          'VAPOR DIFFUSION' 
_exptl_crystal_grow.pH              8.0 
_exptl_crystal_grow.temp            300 
_exptl_crystal_grow.temp_details    ? 
_exptl_crystal_grow.pdbx_details    '100 mM Tris-HCl pH 8.0, 100 mM NaCl, 15% PEG 3000, VAPOR DIFFUSION' 
_exptl_crystal_grow.pdbx_pH_range   ? 
# 
_diffrn.id                     1 
_diffrn.ambient_temp           100 
_diffrn.ambient_temp_details   ? 
_diffrn.crystal_id             1 
# 
_diffrn_detector.diffrn_id              1 
_diffrn_detector.detector               CCD 
_diffrn_detector.type                   'MARMOSAIC 325 mm CCD' 
_diffrn_detector.pdbx_collection_date   2008-12-15 
_diffrn_detector.details                'Flat collimating mirror, toroid focusing mirror' 
# 
_diffrn_radiation.diffrn_id                        1 
_diffrn_radiation.wavelength_id                    1 
_diffrn_radiation.pdbx_diffrn_protocol             MAD 
_diffrn_radiation.monochromator                    'Double crystal' 
_diffrn_radiation.pdbx_monochromatic_or_laue_m_l   M 
_diffrn_radiation.pdbx_scattering_type             x-ray 
# 
loop_
_diffrn_radiation_wavelength.id 
_diffrn_radiation_wavelength.wavelength 
_diffrn_radiation_wavelength.wt 
1 1.7418 1.0 
2 1.3624 1.0 
3 1.7372 1.0 
# 
_diffrn_source.diffrn_id                   1 
_diffrn_source.source                      SYNCHROTRON 
_diffrn_source.type                        'SSRL BEAMLINE BL9-2' 
_diffrn_source.pdbx_wavelength             ? 
_diffrn_source.pdbx_wavelength_list        '1.7418, 1.3624, 1.7372' 
_diffrn_source.pdbx_synchrotron_site       SSRL 
_diffrn_source.pdbx_synchrotron_beamline   BL9-2 
# 
_reflns.entry_id                     3FNV 
_reflns.d_resolution_high            1.80 
_reflns.number_obs                   14086 
_reflns.pdbx_Rmerge_I_obs            0.143 
_reflns.percent_possible_obs         98.600 
_reflns.B_iso_Wilson_estimate        34.594 
_reflns.observed_criterion_sigma_I   -3.00 
_reflns.observed_criterion_sigma_F   ? 
_reflns.d_resolution_low             48.56 
_reflns.number_all                   ? 
_reflns.pdbx_Rsym_value              ? 
_reflns.pdbx_netI_over_sigmaI        16.17 
_reflns.pdbx_redundancy              25.9 
_reflns.R_free_details               ? 
_reflns.limit_h_max                  ? 
_reflns.limit_h_min                  ? 
_reflns.limit_k_max                  ? 
_reflns.limit_k_min                  ? 
_reflns.limit_l_max                  ? 
_reflns.limit_l_min                  ? 
_reflns.observed_criterion_F_max     ? 
_reflns.observed_criterion_F_min     ? 
_reflns.pdbx_chi_squared             ? 
_reflns.pdbx_scaling_rejects         ? 
_reflns.pdbx_ordinal                 1 
_reflns.pdbx_diffrn_id               1 
# 
_reflns_shell.d_res_high             1.80 
_reflns_shell.d_res_low              1.86 
_reflns_shell.number_measured_obs    18126 
_reflns_shell.number_measured_all    ? 
_reflns_shell.number_unique_obs      1285 
_reflns_shell.Rmerge_I_obs           1.790 
_reflns_shell.meanI_over_sigI_obs    1.9 
_reflns_shell.pdbx_Rsym_value        ? 
_reflns_shell.pdbx_chi_squared       ? 
_reflns_shell.pdbx_redundancy        17.9 
_reflns_shell.percent_possible_obs   ? 
_reflns_shell.number_unique_all      ? 
_reflns_shell.percent_possible_all   97.90 
_reflns_shell.pdbx_ordinal           1 
_reflns_shell.pdbx_diffrn_id         1 
# 
_refine.entry_id                                 3FNV 
_refine.ls_d_res_high                            2.100 
_refine.ls_d_res_low                             37.060 
_refine.pdbx_ls_sigma_F                          0.00 
_refine.ls_percent_reflns_obs                    99.230 
_refine.ls_number_reflns_obs                     9013 
_refine.pdbx_ls_cross_valid_method               THROUGHOUT 
_refine.pdbx_R_Free_selection_details            RANDOM 
_refine.details                                  
;1. HYDROGENS HAVE BEEN ADDED IN THE RIDING POSITIONS.
 2. ATOM RECORD CONTAINS RESIDUAL B FACTORS ONLY.
 3. AN 2FE-2S CLUSTER (FES) WAS MODELED INTO EACH SUBUNIT IN THE
 ASYMMETRIC UNIT. THE PRESENCE OF THE 2FE-2S CLUSTER WAS
 CORROBORATED BY ANOMALOUS DIFFERENCE MAPS. THE PROTEIN LIGANDS
 TO THE FE ATOMS IN THE 2FE-2S CLUSTERS ARE CYS 99, CYS 101, CYS
 110, AND HIS 114.
;
_refine.ls_R_factor_obs                          0.172 
_refine.ls_R_factor_R_work                       0.170 
_refine.ls_wR_factor_R_work                      0.199 
_refine.ls_R_factor_R_free                       0.216 
_refine.ls_wR_factor_R_free                      0.235 
_refine.ls_percent_reflns_R_free                 5.000 
_refine.ls_number_reflns_R_free                  450 
_refine.B_iso_mean                               35.795 
_refine.aniso_B[1][1]                            0.110 
_refine.aniso_B[2][2]                            -1.520 
_refine.aniso_B[3][3]                            1.410 
_refine.aniso_B[1][2]                            0.000 
_refine.aniso_B[1][3]                            0.000 
_refine.aniso_B[2][3]                            0.000 
_refine.correlation_coeff_Fo_to_Fc               0.960 
_refine.correlation_coeff_Fo_to_Fc_free          0.943 
_refine.overall_SU_R_Cruickshank_DPI             0.208 
_refine.overall_SU_R_free                        0.172 
_refine.pdbx_overall_ESU_R                       0.183 
_refine.pdbx_overall_ESU_R_Free                  0.164 
_refine.overall_SU_ML                            0.101 
_refine.overall_SU_B                             7.676 
_refine.solvent_model_details                    MASK 
_refine.pdbx_solvent_vdw_probe_radii             1.200 
_refine.pdbx_solvent_ion_probe_radii             0.800 
_refine.pdbx_solvent_shrinkage_radii             0.800 
_refine.pdbx_method_to_determine_struct          MAD 
_refine.pdbx_stereochemistry_target_values       'MAXIMUM LIKELIHOOD WITH PHASES' 
_refine.overall_FOM_work_R_set                   0.928 
_refine.B_iso_max                                59.35 
_refine.B_iso_min                                16.62 
_refine.occupancy_max                            1.00 
_refine.occupancy_min                            0.50 
_refine.pdbx_ls_sigma_I                          ? 
_refine.ls_number_reflns_all                     ? 
_refine.ls_R_factor_all                          ? 
_refine.ls_redundancy_reflns_obs                 ? 
_refine.pdbx_data_cutoff_high_absF               ? 
_refine.pdbx_data_cutoff_low_absF                ? 
_refine.ls_number_parameters                     ? 
_refine.ls_number_restraints                     ? 
_refine.ls_R_factor_R_free_error                 ? 
_refine.ls_R_factor_R_free_error_details         ? 
_refine.pdbx_starting_model                      ? 
_refine.pdbx_stereochem_target_val_spec_case     ? 
_refine.solvent_model_param_bsol                 ? 
_refine.solvent_model_param_ksol                 ? 
_refine.pdbx_isotropic_thermal_model             ? 
_refine.pdbx_data_cutoff_high_rms_absF           ? 
_refine.overall_FOM_free_R_set                   ? 
_refine.pdbx_overall_phase_error                 ? 
_refine.pdbx_refine_id                           'X-RAY DIFFRACTION' 
_refine.pdbx_TLS_residual_ADP_flag               'LIKELY RESIDUAL' 
_refine.pdbx_diffrn_id                           1 
_refine.pdbx_overall_SU_R_free_Cruickshank_DPI   ? 
_refine.pdbx_overall_SU_R_Blow_DPI               ? 
_refine.pdbx_overall_SU_R_free_Blow_DPI          ? 
# 
_refine_hist.pdbx_refine_id                   'X-RAY DIFFRACTION' 
_refine_hist.cycle_id                         LAST 
_refine_hist.pdbx_number_atoms_protein        1003 
_refine_hist.pdbx_number_atoms_nucleic_acid   0 
_refine_hist.pdbx_number_atoms_ligand         8 
_refine_hist.number_atoms_solvent             40 
_refine_hist.number_atoms_total               1051 
_refine_hist.d_res_high                       2.100 
_refine_hist.d_res_low                        37.060 
# 
loop_
_refine_ls_restr.type 
_refine_ls_restr.number 
_refine_ls_restr.dev_ideal 
_refine_ls_restr.dev_ideal_target 
_refine_ls_restr.weight 
_refine_ls_restr.pdbx_refine_id 
_refine_ls_restr.pdbx_restraint_function 
r_bond_refined_d         1056 0.013  0.022  ? 'X-RAY DIFFRACTION' ? 
r_bond_other_d           683  0.001  0.020  ? 'X-RAY DIFFRACTION' ? 
r_angle_refined_deg      1440 1.859  1.963  ? 'X-RAY DIFFRACTION' ? 
r_angle_other_deg        1695 0.904  3.000  ? 'X-RAY DIFFRACTION' ? 
r_dihedral_angle_1_deg   141  4.144  5.000  ? 'X-RAY DIFFRACTION' ? 
r_dihedral_angle_2_deg   40   33.462 25.250 ? 'X-RAY DIFFRACTION' ? 
r_dihedral_angle_3_deg   176  11.835 15.000 ? 'X-RAY DIFFRACTION' ? 
r_dihedral_angle_4_deg   4    7.142  15.000 ? 'X-RAY DIFFRACTION' ? 
r_chiral_restr           172  0.098  0.200  ? 'X-RAY DIFFRACTION' ? 
r_gen_planes_refined     1171 0.005  0.020  ? 'X-RAY DIFFRACTION' ? 
r_gen_planes_other       187  0.001  0.020  ? 'X-RAY DIFFRACTION' ? 
r_nbd_refined            181  0.208  0.300  ? 'X-RAY DIFFRACTION' ? 
r_nbd_other              726  0.200  0.300  ? 'X-RAY DIFFRACTION' ? 
r_nbtor_refined          510  0.176  0.500  ? 'X-RAY DIFFRACTION' ? 
r_nbtor_other            541  0.089  0.500  ? 'X-RAY DIFFRACTION' ? 
r_xyhbond_nbd_refined    98   0.135  0.500  ? 'X-RAY DIFFRACTION' ? 
r_symmetry_vdw_refined   8    0.163  0.300  ? 'X-RAY DIFFRACTION' ? 
r_symmetry_vdw_other     6    0.143  0.300  ? 'X-RAY DIFFRACTION' ? 
r_symmetry_hbond_refined 8    0.306  0.500  ? 'X-RAY DIFFRACTION' ? 
r_mcbond_it              731  1.803  3.000  ? 'X-RAY DIFFRACTION' ? 
r_mcbond_other           272  0.500  3.000  ? 'X-RAY DIFFRACTION' ? 
r_mcangle_it             1106 2.536  5.000  ? 'X-RAY DIFFRACTION' ? 
r_scbond_it              400  4.088  8.000  ? 'X-RAY DIFFRACTION' ? 
r_scangle_it             326  5.419  11.000 ? 'X-RAY DIFFRACTION' ? 
# 
loop_
_refine_ls_restr_ncs.pdbx_ens_id 
_refine_ls_restr_ncs.dom_id 
_refine_ls_restr_ncs.pdbx_type 
_refine_ls_restr_ncs.pdbx_auth_asym_id 
_refine_ls_restr_ncs.pdbx_number 
_refine_ls_restr_ncs.rms_dev_position 
_refine_ls_restr_ncs.weight_position 
_refine_ls_restr_ncs.pdbx_refine_id 
_refine_ls_restr_ncs.pdbx_ordinal 
_refine_ls_restr_ncs.ncs_model_details 
_refine_ls_restr_ncs.rms_dev_B_iso 
_refine_ls_restr_ncs.weight_B_iso 
_refine_ls_restr_ncs.pdbx_asym_id 
_refine_ls_restr_ncs.pdbx_rms 
_refine_ls_restr_ncs.pdbx_weight 
1 1 'MEDIUM POSITIONAL' A 775 0.350 0.500 'X-RAY DIFFRACTION' 1 ? ? ? ? ? ? 
1 1 'MEDIUM THERMAL'    A 775 0.750 2.000 'X-RAY DIFFRACTION' 2 ? ? ? ? ? ? 
# 
_refine_ls_shell.d_res_high                       2.100 
_refine_ls_shell.d_res_low                        2.154 
_refine_ls_shell.pdbx_total_number_of_bins_used   20 
_refine_ls_shell.percent_reflns_obs               98.650 
_refine_ls_shell.number_reflns_R_work             611 
_refine_ls_shell.R_factor_all                     ? 
_refine_ls_shell.R_factor_R_work                  0.158 
_refine_ls_shell.R_factor_R_free                  0.209 
_refine_ls_shell.percent_reflns_R_free            ? 
_refine_ls_shell.number_reflns_R_free             46 
_refine_ls_shell.R_factor_R_free_error            ? 
_refine_ls_shell.number_reflns_all                657 
_refine_ls_shell.number_reflns_obs                ? 
_refine_ls_shell.redundancy_reflns_obs            ? 
_refine_ls_shell.pdbx_refine_id                   'X-RAY DIFFRACTION' 
# 
loop_
_struct_ncs_dom.pdbx_ens_id 
_struct_ncs_dom.id 
_struct_ncs_dom.details 
1 1 A 
1 2 B 
# 
loop_
_struct_ncs_dom_lim.pdbx_ens_id 
_struct_ncs_dom_lim.dom_id 
_struct_ncs_dom_lim.pdbx_component_id 
_struct_ncs_dom_lim.beg_label_asym_id 
_struct_ncs_dom_lim.beg_label_seq_id 
_struct_ncs_dom_lim.end_label_asym_id 
_struct_ncs_dom_lim.end_label_seq_id 
_struct_ncs_dom_lim.pdbx_refine_code 
_struct_ncs_dom_lim.beg_label_alt_id 
_struct_ncs_dom_lim.end_label_alt_id 
_struct_ncs_dom_lim.beg_label_comp_id 
_struct_ncs_dom_lim.end_label_comp_id 
_struct_ncs_dom_lim.beg_auth_asym_id 
_struct_ncs_dom_lim.beg_auth_seq_id 
_struct_ncs_dom_lim.end_auth_asym_id 
_struct_ncs_dom_lim.end_auth_seq_id 
_struct_ncs_dom_lim.selection_details 
_struct_ncs_dom_lim.beg_auth_comp_id 
_struct_ncs_dom_lim.end_auth_comp_id 
1 1 1 A 68 A 500 4 . . . . A 68 A 500 ? ? ? 
1 2 1 B 68 B 500 4 . . . . B 68 B 500 ? ? ? 
# 
_struct_ncs_ens.id        1 
_struct_ncs_ens.details   ? 
# 
_struct.entry_id                  3FNV 
_struct.title                     'Crystal Structure of Miner1: The Redox-active 2Fe-2S Protein Causative in Wolfram Syndrome 2' 
_struct.pdbx_model_details        ? 
_struct.pdbx_CASP_flag            ? 
_struct.pdbx_model_type_details   ? 
# 
_struct_keywords.entry_id        3FNV 
_struct_keywords.pdbx_keywords   'METAL BINDING PROTEIN' 
_struct_keywords.text            
;diabetes, membrane bound, thiazolidinedione, oxidative stress, CDGSH, Endoplasmic reticulum, Iron, Iron-sulfur, Membrane, Metal-binding, Transmembrane, Zinc-finger, METAL BINDING PROTEIN
;
# 
loop_
_struct_asym.id 
_struct_asym.pdbx_blank_PDB_chainid_flag 
_struct_asym.pdbx_modified 
_struct_asym.entity_id 
_struct_asym.details 
A N N 1 ? 
B N N 1 ? 
C N N 2 ? 
D N N 2 ? 
E N N 3 ? 
F N N 3 ? 
# 
_struct_ref.id                         1 
_struct_ref.db_name                    UNP 
_struct_ref.db_code                    CISD2_HUMAN 
_struct_ref.pdbx_db_accession          Q8N5K1 
_struct_ref.entity_id                  1 
_struct_ref.pdbx_seq_one_letter_code   RPFLPKKKQQKDSLINLKIQKENPKVVNEINIEDLCLTKAAYCRCWRSKTFPACDGSHNKHNELTGDNVGPLILKKKEV 
_struct_ref.pdbx_align_begin           57 
_struct_ref.pdbx_db_isoform            ? 
# 
loop_
_struct_ref_seq.align_id 
_struct_ref_seq.ref_id 
_struct_ref_seq.pdbx_PDB_id_code 
_struct_ref_seq.pdbx_strand_id 
_struct_ref_seq.seq_align_beg 
_struct_ref_seq.pdbx_seq_align_beg_ins_code 
_struct_ref_seq.seq_align_end 
_struct_ref_seq.pdbx_seq_align_end_ins_code 
_struct_ref_seq.pdbx_db_accession 
_struct_ref_seq.db_align_beg 
_struct_ref_seq.pdbx_db_align_beg_ins_code 
_struct_ref_seq.db_align_end 
_struct_ref_seq.pdbx_db_align_end_ins_code 
_struct_ref_seq.pdbx_auth_seq_align_beg 
_struct_ref_seq.pdbx_auth_seq_align_end 
1 1 3FNV A 5 ? 83 ? Q8N5K1 57 ? 135 ? 57 135 
2 1 3FNV B 5 ? 83 ? Q8N5K1 57 ? 135 ? 57 135 
# 
loop_
_struct_ref_seq_dif.align_id 
_struct_ref_seq_dif.pdbx_pdb_id_code 
_struct_ref_seq_dif.mon_id 
_struct_ref_seq_dif.pdbx_pdb_strand_id 
_struct_ref_seq_dif.seq_num 
_struct_ref_seq_dif.pdbx_pdb_ins_code 
_struct_ref_seq_dif.pdbx_seq_db_name 
_struct_ref_seq_dif.pdbx_seq_db_accession_code 
_struct_ref_seq_dif.db_mon_id 
_struct_ref_seq_dif.pdbx_seq_db_seq_num 
_struct_ref_seq_dif.details 
_struct_ref_seq_dif.pdbx_auth_seq_num 
_struct_ref_seq_dif.pdbx_ordinal 
1 3FNV GLY A 1  ? UNP Q8N5K1 ?   ?  'expression tag'      53 1  
1 3FNV SER A 2  ? UNP Q8N5K1 ?   ?  'expression tag'      54 2  
1 3FNV HIS A 3  ? UNP Q8N5K1 ?   ?  'expression tag'      55 3  
1 3FNV MET A 4  ? UNP Q8N5K1 ?   ?  'expression tag'      56 4  
1 3FNV SER A 40 ? UNP Q8N5K1 CYS 92 'engineered mutation' 92 5  
2 3FNV GLY B 1  ? UNP Q8N5K1 ?   ?  'expression tag'      53 6  
2 3FNV SER B 2  ? UNP Q8N5K1 ?   ?  'expression tag'      54 7  
2 3FNV HIS B 3  ? UNP Q8N5K1 ?   ?  'expression tag'      55 8  
2 3FNV MET B 4  ? UNP Q8N5K1 ?   ?  'expression tag'      56 9  
2 3FNV SER B 40 ? UNP Q8N5K1 CYS 92 'engineered mutation' 92 10 
# 
_pdbx_struct_assembly.id                   1 
_pdbx_struct_assembly.details              author_and_software_defined_assembly 
_pdbx_struct_assembly.method_details       PISA 
_pdbx_struct_assembly.oligomeric_details   dimeric 
_pdbx_struct_assembly.oligomeric_count     2 
# 
loop_
_pdbx_struct_assembly_prop.biol_id 
_pdbx_struct_assembly_prop.type 
_pdbx_struct_assembly_prop.value 
_pdbx_struct_assembly_prop.details 
1 'ABSA (A^2)' 3530  ? 
1 MORE         -18.0 ? 
1 'SSA (A^2)'  7090  ? 
# 
_pdbx_struct_assembly_gen.assembly_id       1 
_pdbx_struct_assembly_gen.oper_expression   1 
_pdbx_struct_assembly_gen.asym_id_list      A,B,C,D,E,F 
# 
_pdbx_struct_oper_list.id                   1 
_pdbx_struct_oper_list.type                 'identity operation' 
_pdbx_struct_oper_list.name                 1_555 
_pdbx_struct_oper_list.symmetry_operation   x,y,z 
_pdbx_struct_oper_list.matrix[1][1]         1.0000000000 
_pdbx_struct_oper_list.matrix[1][2]         0.0000000000 
_pdbx_struct_oper_list.matrix[1][3]         0.0000000000 
_pdbx_struct_oper_list.vector[1]            0.0000000000 
_pdbx_struct_oper_list.matrix[2][1]         0.0000000000 
_pdbx_struct_oper_list.matrix[2][2]         1.0000000000 
_pdbx_struct_oper_list.matrix[2][3]         0.0000000000 
_pdbx_struct_oper_list.vector[2]            0.0000000000 
_pdbx_struct_oper_list.matrix[3][1]         0.0000000000 
_pdbx_struct_oper_list.matrix[3][2]         0.0000000000 
_pdbx_struct_oper_list.matrix[3][3]         1.0000000000 
_pdbx_struct_oper_list.vector[3]            0.0000000000 
# 
_struct_biol.id        1 
_struct_biol.details   
'The biological assembly is a dimer formed from the two chains (A and B) in the crystallographic asymmetric unit.' 
# 
loop_
_struct_conf.conf_type_id 
_struct_conf.id 
_struct_conf.pdbx_PDB_helix_id 
_struct_conf.beg_label_comp_id 
_struct_conf.beg_label_asym_id 
_struct_conf.beg_label_seq_id 
_struct_conf.pdbx_beg_PDB_ins_code 
_struct_conf.end_label_comp_id 
_struct_conf.end_label_asym_id 
_struct_conf.end_label_seq_id 
_struct_conf.pdbx_end_PDB_ins_code 
_struct_conf.beg_auth_comp_id 
_struct_conf.beg_auth_asym_id 
_struct_conf.beg_auth_seq_id 
_struct_conf.end_auth_comp_id 
_struct_conf.end_auth_asym_id 
_struct_conf.end_auth_seq_id 
_struct_conf.pdbx_PDB_helix_class 
_struct_conf.details 
_struct_conf.pdbx_PDB_helix_length 
HELX_P HELX_P1 1 GLU A 37 ? LEU A 39 ? GLU A 89  LEU A 91  5 ? 3  
HELX_P HELX_P2 2 GLY A 60 ? GLY A 70 ? GLY A 112 GLY A 122 1 ? 11 
HELX_P HELX_P3 3 GLU B 37 ? LEU B 39 ? GLU B 89  LEU B 91  5 ? 3  
HELX_P HELX_P4 4 GLY B 60 ? GLY B 70 ? GLY B 112 GLY B 122 1 ? 11 
# 
_struct_conf_type.id          HELX_P 
_struct_conf_type.criteria    ? 
_struct_conf_type.reference   ? 
# 
loop_
_struct_conn.id 
_struct_conn.conn_type_id 
_struct_conn.pdbx_leaving_atom_flag 
_struct_conn.pdbx_PDB_id 
_struct_conn.ptnr1_label_asym_id 
_struct_conn.ptnr1_label_comp_id 
_struct_conn.ptnr1_label_seq_id 
_struct_conn.ptnr1_label_atom_id 
_struct_conn.pdbx_ptnr1_label_alt_id 
_struct_conn.pdbx_ptnr1_PDB_ins_code 
_struct_conn.pdbx_ptnr1_standard_comp_id 
_struct_conn.ptnr1_symmetry 
_struct_conn.ptnr2_label_asym_id 
_struct_conn.ptnr2_label_comp_id 
_struct_conn.ptnr2_label_seq_id 
_struct_conn.ptnr2_label_atom_id 
_struct_conn.pdbx_ptnr2_label_alt_id 
_struct_conn.pdbx_ptnr2_PDB_ins_code 
_struct_conn.ptnr1_auth_asym_id 
_struct_conn.ptnr1_auth_comp_id 
_struct_conn.ptnr1_auth_seq_id 
_struct_conn.ptnr2_auth_asym_id 
_struct_conn.ptnr2_auth_comp_id 
_struct_conn.ptnr2_auth_seq_id 
_struct_conn.ptnr2_symmetry 
_struct_conn.pdbx_ptnr3_label_atom_id 
_struct_conn.pdbx_ptnr3_label_seq_id 
_struct_conn.pdbx_ptnr3_label_comp_id 
_struct_conn.pdbx_ptnr3_label_asym_id 
_struct_conn.pdbx_ptnr3_label_alt_id 
_struct_conn.pdbx_ptnr3_PDB_ins_code 
_struct_conn.details 
_struct_conn.pdbx_dist_value 
_struct_conn.pdbx_value_order 
_struct_conn.pdbx_role 
metalc1 metalc ? ? A CYS 47 SG  ? ? ? 1_555 C FES . FE1 ? ? A CYS 99  A FES 200 1_555 ? ? ? ? ? ? ? 2.404 ? ? 
metalc2 metalc ? ? A CYS 49 SG  ? ? ? 1_555 C FES . FE1 ? ? A CYS 101 A FES 200 1_555 ? ? ? ? ? ? ? 2.317 ? ? 
metalc3 metalc ? ? A CYS 58 SG  ? ? ? 1_555 C FES . FE2 ? ? A CYS 110 A FES 200 1_555 ? ? ? ? ? ? ? 2.366 ? ? 
metalc4 metalc ? ? A HIS 62 ND1 ? ? ? 1_555 C FES . FE2 ? ? A HIS 114 A FES 200 1_555 ? ? ? ? ? ? ? 2.200 ? ? 
metalc5 metalc ? ? B CYS 47 SG  ? ? ? 1_555 D FES . FE1 ? ? B CYS 99  B FES 200 1_555 ? ? ? ? ? ? ? 2.366 ? ? 
metalc6 metalc ? ? B CYS 49 SG  ? ? ? 1_555 D FES . FE1 ? ? B CYS 101 B FES 200 1_555 ? ? ? ? ? ? ? 2.324 ? ? 
metalc7 metalc ? ? B CYS 58 SG  ? ? ? 1_555 D FES . FE2 ? ? B CYS 110 B FES 200 1_555 ? ? ? ? ? ? ? 2.360 ? ? 
metalc8 metalc ? ? B HIS 62 ND1 ? ? ? 1_555 D FES . FE2 ? ? B HIS 114 B FES 200 1_555 ? ? ? ? ? ? ? 2.193 ? ? 
# 
_struct_conn_type.id          metalc 
_struct_conn_type.criteria    ? 
_struct_conn_type.reference   ? 
# 
loop_
_pdbx_struct_conn_angle.id 
_pdbx_struct_conn_angle.ptnr1_label_atom_id 
_pdbx_struct_conn_angle.ptnr1_label_alt_id 
_pdbx_struct_conn_angle.ptnr1_label_asym_id 
_pdbx_struct_conn_angle.ptnr1_label_comp_id 
_pdbx_struct_conn_angle.ptnr1_label_seq_id 
_pdbx_struct_conn_angle.ptnr1_auth_atom_id 
_pdbx_struct_conn_angle.ptnr1_auth_asym_id 
_pdbx_struct_conn_angle.ptnr1_auth_comp_id 
_pdbx_struct_conn_angle.ptnr1_auth_seq_id 
_pdbx_struct_conn_angle.ptnr1_PDB_ins_code 
_pdbx_struct_conn_angle.ptnr1_symmetry 
_pdbx_struct_conn_angle.ptnr2_label_atom_id 
_pdbx_struct_conn_angle.ptnr2_label_alt_id 
_pdbx_struct_conn_angle.ptnr2_label_asym_id 
_pdbx_struct_conn_angle.ptnr2_label_comp_id 
_pdbx_struct_conn_angle.ptnr2_label_seq_id 
_pdbx_struct_conn_angle.ptnr2_auth_atom_id 
_pdbx_struct_conn_angle.ptnr2_auth_asym_id 
_pdbx_struct_conn_angle.ptnr2_auth_comp_id 
_pdbx_struct_conn_angle.ptnr2_auth_seq_id 
_pdbx_struct_conn_angle.ptnr2_PDB_ins_code 
_pdbx_struct_conn_angle.ptnr2_symmetry 
_pdbx_struct_conn_angle.ptnr3_label_atom_id 
_pdbx_struct_conn_angle.ptnr3_label_alt_id 
_pdbx_struct_conn_angle.ptnr3_label_asym_id 
_pdbx_struct_conn_angle.ptnr3_label_comp_id 
_pdbx_struct_conn_angle.ptnr3_label_seq_id 
_pdbx_struct_conn_angle.ptnr3_auth_atom_id 
_pdbx_struct_conn_angle.ptnr3_auth_asym_id 
_pdbx_struct_conn_angle.ptnr3_auth_comp_id 
_pdbx_struct_conn_angle.ptnr3_auth_seq_id 
_pdbx_struct_conn_angle.ptnr3_PDB_ins_code 
_pdbx_struct_conn_angle.ptnr3_symmetry 
_pdbx_struct_conn_angle.value 
_pdbx_struct_conn_angle.value_esd 
1  SG ? A CYS 47 ? A CYS 99  ? 1_555 FE1 ? C FES . ? A FES 200 ? 1_555 S1  ? C FES .  ? A FES 200 ? 1_555 114.9 ? 
2  SG ? A CYS 47 ? A CYS 99  ? 1_555 FE1 ? C FES . ? A FES 200 ? 1_555 S2  ? C FES .  ? A FES 200 ? 1_555 115.9 ? 
3  S1 ? C FES .  ? A FES 200 ? 1_555 FE1 ? C FES . ? A FES 200 ? 1_555 S2  ? C FES .  ? A FES 200 ? 1_555 105.5 ? 
4  SG ? A CYS 47 ? A CYS 99  ? 1_555 FE1 ? C FES . ? A FES 200 ? 1_555 SG  ? A CYS 49 ? A CYS 101 ? 1_555 98.1  ? 
5  S1 ? C FES .  ? A FES 200 ? 1_555 FE1 ? C FES . ? A FES 200 ? 1_555 SG  ? A CYS 49 ? A CYS 101 ? 1_555 108.4 ? 
6  S2 ? C FES .  ? A FES 200 ? 1_555 FE1 ? C FES . ? A FES 200 ? 1_555 SG  ? A CYS 49 ? A CYS 101 ? 1_555 114.2 ? 
7  SG ? A CYS 58 ? A CYS 110 ? 1_555 FE2 ? C FES . ? A FES 200 ? 1_555 S1  ? C FES .  ? A FES 200 ? 1_555 108.3 ? 
8  SG ? A CYS 58 ? A CYS 110 ? 1_555 FE2 ? C FES . ? A FES 200 ? 1_555 S2  ? C FES .  ? A FES 200 ? 1_555 124.0 ? 
9  S1 ? C FES .  ? A FES 200 ? 1_555 FE2 ? C FES . ? A FES 200 ? 1_555 S2  ? C FES .  ? A FES 200 ? 1_555 106.0 ? 
10 SG ? A CYS 58 ? A CYS 110 ? 1_555 FE2 ? C FES . ? A FES 200 ? 1_555 ND1 ? A HIS 62 ? A HIS 114 ? 1_555 97.2  ? 
11 S1 ? C FES .  ? A FES 200 ? 1_555 FE2 ? C FES . ? A FES 200 ? 1_555 ND1 ? A HIS 62 ? A HIS 114 ? 1_555 116.1 ? 
12 S2 ? C FES .  ? A FES 200 ? 1_555 FE2 ? C FES . ? A FES 200 ? 1_555 ND1 ? A HIS 62 ? A HIS 114 ? 1_555 105.7 ? 
13 SG ? B CYS 47 ? B CYS 99  ? 1_555 FE1 ? D FES . ? B FES 200 ? 1_555 S1  ? D FES .  ? B FES 200 ? 1_555 114.8 ? 
14 SG ? B CYS 47 ? B CYS 99  ? 1_555 FE1 ? D FES . ? B FES 200 ? 1_555 S2  ? D FES .  ? B FES 200 ? 1_555 115.4 ? 
15 S1 ? D FES .  ? B FES 200 ? 1_555 FE1 ? D FES . ? B FES 200 ? 1_555 S2  ? D FES .  ? B FES 200 ? 1_555 104.6 ? 
16 SG ? B CYS 47 ? B CYS 99  ? 1_555 FE1 ? D FES . ? B FES 200 ? 1_555 SG  ? B CYS 49 ? B CYS 101 ? 1_555 100.0 ? 
17 S1 ? D FES .  ? B FES 200 ? 1_555 FE1 ? D FES . ? B FES 200 ? 1_555 SG  ? B CYS 49 ? B CYS 101 ? 1_555 108.2 ? 
18 S2 ? D FES .  ? B FES 200 ? 1_555 FE1 ? D FES . ? B FES 200 ? 1_555 SG  ? B CYS 49 ? B CYS 101 ? 1_555 113.9 ? 
19 SG ? B CYS 58 ? B CYS 110 ? 1_555 FE2 ? D FES . ? B FES 200 ? 1_555 S1  ? D FES .  ? B FES 200 ? 1_555 109.9 ? 
20 SG ? B CYS 58 ? B CYS 110 ? 1_555 FE2 ? D FES . ? B FES 200 ? 1_555 S2  ? D FES .  ? B FES 200 ? 1_555 123.9 ? 
21 S1 ? D FES .  ? B FES 200 ? 1_555 FE2 ? D FES . ? B FES 200 ? 1_555 S2  ? D FES .  ? B FES 200 ? 1_555 104.9 ? 
22 SG ? B CYS 58 ? B CYS 110 ? 1_555 FE2 ? D FES . ? B FES 200 ? 1_555 ND1 ? B HIS 62 ? B HIS 114 ? 1_555 96.9  ? 
23 S1 ? D FES .  ? B FES 200 ? 1_555 FE2 ? D FES . ? B FES 200 ? 1_555 ND1 ? B HIS 62 ? B HIS 114 ? 1_555 116.4 ? 
24 S2 ? D FES .  ? B FES 200 ? 1_555 FE2 ? D FES . ? B FES 200 ? 1_555 ND1 ? B HIS 62 ? B HIS 114 ? 1_555 105.4 ? 
# 
loop_
_struct_mon_prot_cis.pdbx_id 
_struct_mon_prot_cis.label_comp_id 
_struct_mon_prot_cis.label_seq_id 
_struct_mon_prot_cis.label_asym_id 
_struct_mon_prot_cis.label_alt_id 
_struct_mon_prot_cis.pdbx_PDB_ins_code 
_struct_mon_prot_cis.auth_comp_id 
_struct_mon_prot_cis.auth_seq_id 
_struct_mon_prot_cis.auth_asym_id 
_struct_mon_prot_cis.pdbx_label_comp_id_2 
_struct_mon_prot_cis.pdbx_label_seq_id_2 
_struct_mon_prot_cis.pdbx_label_asym_id_2 
_struct_mon_prot_cis.pdbx_PDB_ins_code_2 
_struct_mon_prot_cis.pdbx_auth_comp_id_2 
_struct_mon_prot_cis.pdbx_auth_seq_id_2 
_struct_mon_prot_cis.pdbx_auth_asym_id_2 
_struct_mon_prot_cis.pdbx_PDB_model_num 
_struct_mon_prot_cis.pdbx_omega_angle 
1 PHE 55 A . ? PHE 107 A PRO 56 A ? PRO 108 A 1 5.75 
2 PHE 55 B . ? PHE 107 B PRO 56 B ? PRO 108 B 1 6.01 
# 
loop_
_struct_sheet.id 
_struct_sheet.type 
_struct_sheet.number_strands 
_struct_sheet.details 
A ? 3 ? 
B ? 3 ? 
# 
loop_
_struct_sheet_order.sheet_id 
_struct_sheet_order.range_id_1 
_struct_sheet_order.range_id_2 
_struct_sheet_order.offset 
_struct_sheet_order.sense 
A 1 2 ? parallel      
A 2 3 ? anti-parallel 
B 1 2 ? anti-parallel 
B 2 3 ? parallel      
# 
loop_
_struct_sheet_range.sheet_id 
_struct_sheet_range.id 
_struct_sheet_range.beg_label_comp_id 
_struct_sheet_range.beg_label_asym_id 
_struct_sheet_range.beg_label_seq_id 
_struct_sheet_range.pdbx_beg_PDB_ins_code 
_struct_sheet_range.end_label_comp_id 
_struct_sheet_range.end_label_asym_id 
_struct_sheet_range.end_label_seq_id 
_struct_sheet_range.pdbx_end_PDB_ins_code 
_struct_sheet_range.beg_auth_comp_id 
_struct_sheet_range.beg_auth_asym_id 
_struct_sheet_range.beg_auth_seq_id 
_struct_sheet_range.end_auth_comp_id 
_struct_sheet_range.end_auth_asym_id 
_struct_sheet_range.end_auth_seq_id 
A 1 VAL A 30 ? ASN A 35 ? VAL A 82  ASN A 87  
A 2 VAL B 73 ? LYS B 79 ? VAL B 125 LYS B 131 
A 3 LYS B 43 ? TYR B 46 ? LYS B 95  TYR B 98  
B 1 LYS A 43 ? TYR A 46 ? LYS A 95  TYR A 98  
B 2 VAL A 73 ? LYS A 79 ? VAL A 125 LYS A 131 
B 3 VAL B 30 ? ASN B 35 ? VAL B 82  ASN B 87  
# 
loop_
_pdbx_struct_sheet_hbond.sheet_id 
_pdbx_struct_sheet_hbond.range_id_1 
_pdbx_struct_sheet_hbond.range_id_2 
_pdbx_struct_sheet_hbond.range_1_label_atom_id 
_pdbx_struct_sheet_hbond.range_1_label_comp_id 
_pdbx_struct_sheet_hbond.range_1_label_asym_id 
_pdbx_struct_sheet_hbond.range_1_label_seq_id 
_pdbx_struct_sheet_hbond.range_1_PDB_ins_code 
_pdbx_struct_sheet_hbond.range_1_auth_atom_id 
_pdbx_struct_sheet_hbond.range_1_auth_comp_id 
_pdbx_struct_sheet_hbond.range_1_auth_asym_id 
_pdbx_struct_sheet_hbond.range_1_auth_seq_id 
_pdbx_struct_sheet_hbond.range_2_label_atom_id 
_pdbx_struct_sheet_hbond.range_2_label_comp_id 
_pdbx_struct_sheet_hbond.range_2_label_asym_id 
_pdbx_struct_sheet_hbond.range_2_label_seq_id 
_pdbx_struct_sheet_hbond.range_2_PDB_ins_code 
_pdbx_struct_sheet_hbond.range_2_auth_atom_id 
_pdbx_struct_sheet_hbond.range_2_auth_comp_id 
_pdbx_struct_sheet_hbond.range_2_auth_asym_id 
_pdbx_struct_sheet_hbond.range_2_auth_seq_id 
A 1 2 N ILE A 34 ? N ILE A 86  O LYS B 79 ? O LYS B 131 
A 2 3 O LEU B 76 ? O LEU B 128 N TYR B 46 ? N TYR B 98  
B 1 2 N TYR A 46 ? N TYR A 98  O LEU A 76 ? O LEU A 128 
B 2 3 N ILE A 77 ? N ILE A 129 O ASN B 32 ? O ASN B 84  
# 
loop_
_struct_site.id 
_struct_site.pdbx_evidence_code 
_struct_site.pdbx_auth_asym_id 
_struct_site.pdbx_auth_comp_id 
_struct_site.pdbx_auth_seq_id 
_struct_site.pdbx_auth_ins_code 
_struct_site.pdbx_num_residues 
_struct_site.details 
AC1 Software A FES 200 ? 8 'BINDING SITE FOR RESIDUE FES A 200' 
AC2 Software B FES 200 ? 7 'BINDING SITE FOR RESIDUE FES B 200' 
# 
loop_
_struct_site_gen.id 
_struct_site_gen.site_id 
_struct_site_gen.pdbx_num_res 
_struct_site_gen.label_comp_id 
_struct_site_gen.label_asym_id 
_struct_site_gen.label_seq_id 
_struct_site_gen.pdbx_auth_ins_code 
_struct_site_gen.auth_comp_id 
_struct_site_gen.auth_asym_id 
_struct_site_gen.auth_seq_id 
_struct_site_gen.label_atom_id 
_struct_site_gen.label_alt_id 
_struct_site_gen.symmetry 
_struct_site_gen.details 
1  AC1 8 CYS A 47 ? CYS A 99  . ? 1_555 ? 
2  AC1 8 ARG A 48 ? ARG A 100 . ? 1_555 ? 
3  AC1 8 CYS A 49 ? CYS A 101 . ? 1_555 ? 
4  AC1 8 CYS A 58 ? CYS A 110 . ? 1_555 ? 
5  AC1 8 ASP A 59 ? ASP A 111 . ? 1_555 ? 
6  AC1 8 GLY A 60 ? GLY A 112 . ? 1_555 ? 
7  AC1 8 SER A 61 ? SER A 113 . ? 1_555 ? 
8  AC1 8 HIS A 62 ? HIS A 114 . ? 1_555 ? 
9  AC2 7 CYS B 47 ? CYS B 99  . ? 1_555 ? 
10 AC2 7 ARG B 48 ? ARG B 100 . ? 1_555 ? 
11 AC2 7 CYS B 49 ? CYS B 101 . ? 1_555 ? 
12 AC2 7 CYS B 58 ? CYS B 110 . ? 1_555 ? 
13 AC2 7 ASP B 59 ? ASP B 111 . ? 1_555 ? 
14 AC2 7 SER B 61 ? SER B 113 . ? 1_555 ? 
15 AC2 7 HIS B 62 ? HIS B 114 . ? 1_555 ? 
# 
loop_
_pdbx_validate_torsion.id 
_pdbx_validate_torsion.PDB_model_num 
_pdbx_validate_torsion.auth_comp_id 
_pdbx_validate_torsion.auth_asym_id 
_pdbx_validate_torsion.auth_seq_id 
_pdbx_validate_torsion.PDB_ins_code 
_pdbx_validate_torsion.label_alt_id 
_pdbx_validate_torsion.phi 
_pdbx_validate_torsion.psi 
1 1 ASN A 124 ? ? -140.64 34.60 
2 1 GLN B 76  ? ? 36.97   60.75 
# 
_diffrn_reflns.diffrn_id                   1 
_diffrn_reflns.pdbx_d_res_high             2.160 
_diffrn_reflns.pdbx_d_res_low              ? 
_diffrn_reflns.pdbx_number_obs             8210 
_diffrn_reflns.pdbx_Rmerge_I_obs           0.139 
_diffrn_reflns.pdbx_Rsym_value             ? 
_diffrn_reflns.pdbx_chi_squared            ? 
_diffrn_reflns.av_sigmaI_over_netI         ? 
_diffrn_reflns.pdbx_redundancy             ? 
_diffrn_reflns.pdbx_percent_possible_obs   97.90 
_diffrn_reflns.number                      217494 
_diffrn_reflns.pdbx_observed_criterion     ? 
_diffrn_reflns.limit_h_max                 ? 
_diffrn_reflns.limit_h_min                 ? 
_diffrn_reflns.limit_k_max                 ? 
_diffrn_reflns.limit_k_min                 ? 
_diffrn_reflns.limit_l_max                 ? 
_diffrn_reflns.limit_l_min                 ? 
# 
loop_
_pdbx_diffrn_reflns_shell.diffrn_id 
_pdbx_diffrn_reflns_shell.d_res_high 
_pdbx_diffrn_reflns_shell.d_res_low 
_pdbx_diffrn_reflns_shell.number_obs 
_pdbx_diffrn_reflns_shell.rejects 
_pdbx_diffrn_reflns_shell.Rmerge_I_obs 
_pdbx_diffrn_reflns_shell.Rsym_value 
_pdbx_diffrn_reflns_shell.chi_squared 
_pdbx_diffrn_reflns_shell.redundancy 
_pdbx_diffrn_reflns_shell.percent_possible_obs 
1 2.16 2.24  765 ? 1.244 ? ? ? 92.50 
1 2.24 2.33  796 ? 0.957 ? ? ? 96.50 
1 2.33 2.43  751 ? 0.682 ? ? ? 97.00 
1 2.43 2.56  836 ? 0.523 ? ? ? 98.00 
1 2.56 2.72  798 ? 0.335 ? ? ? 98.30 
1 2.72 2.93  816 ? 0.230 ? ? ? 98.90 
1 2.93 3.22  820 ? 0.146 ? ? ? 99.30 
1 3.22 3.69  845 ? 0.104 ? ? ? 98.90 
1 3.69 4.64  854 ? 0.081 ? ? ? 99.40 
1 4.64 48.56 929 ? 0.075 ? ? ? 99.50 
# 
loop_
_pdbx_refine_tls.pdbx_refine_id 
_pdbx_refine_tls.id 
_pdbx_refine_tls.details 
_pdbx_refine_tls.method 
_pdbx_refine_tls.origin_x 
_pdbx_refine_tls.origin_y 
_pdbx_refine_tls.origin_z 
_pdbx_refine_tls.T[1][1] 
_pdbx_refine_tls.T[2][2] 
_pdbx_refine_tls.T[3][3] 
_pdbx_refine_tls.T[1][2] 
_pdbx_refine_tls.T[1][3] 
_pdbx_refine_tls.T[2][3] 
_pdbx_refine_tls.L[1][1] 
_pdbx_refine_tls.L[2][2] 
_pdbx_refine_tls.L[3][3] 
_pdbx_refine_tls.L[1][2] 
_pdbx_refine_tls.L[1][3] 
_pdbx_refine_tls.L[2][3] 
_pdbx_refine_tls.S[1][1] 
_pdbx_refine_tls.S[2][2] 
_pdbx_refine_tls.S[3][3] 
_pdbx_refine_tls.S[1][2] 
_pdbx_refine_tls.S[1][3] 
_pdbx_refine_tls.S[2][3] 
_pdbx_refine_tls.S[2][1] 
_pdbx_refine_tls.S[3][1] 
_pdbx_refine_tls.S[3][2] 
'X-RAY DIFFRACTION' 1 ? refined -4.7590 -0.6201 0.9100  -0.2307 -0.1814 -0.1396 -0.0178 0.0020 0.0127 4.8285 7.1326 3.2838 0.3504 -0.5981 -0.1681 0.0241  0.0045 -0.0286 -0.0277 -0.0831 0.2550  -0.0549 0.1748  -0.1674 
'X-RAY DIFFRACTION' 2 ? refined 4.8088  0.8930  -0.4780 -0.2089 -0.1466 -0.1359 -0.0159 0.0191 0.0045 4.1729 7.1875 1.9598 0.0990 0.6463  -0.0721 -0.0076 0.0565 -0.0489 0.1450  -0.0151 -0.3383 -0.2996 -0.1192 0.2829 
# 
loop_
_pdbx_refine_tls_group.pdbx_refine_id 
_pdbx_refine_tls_group.id 
_pdbx_refine_tls_group.refine_tls_id 
_pdbx_refine_tls_group.beg_auth_asym_id 
_pdbx_refine_tls_group.beg_auth_seq_id 
_pdbx_refine_tls_group.end_auth_asym_id 
_pdbx_refine_tls_group.end_auth_seq_id 
_pdbx_refine_tls_group.selection_details 
_pdbx_refine_tls_group.beg_label_asym_id 
_pdbx_refine_tls_group.beg_label_seq_id 
_pdbx_refine_tls_group.end_label_asym_id 
_pdbx_refine_tls_group.end_label_seq_id 
_pdbx_refine_tls_group.selection 
'X-RAY DIFFRACTION' 1 1 A 68 A 134 ? . . . . ? 
'X-RAY DIFFRACTION' 2 2 B 68 B 135 ? . . . . ? 
# 
loop_
_pdbx_phasing_MAD_set_site.id 
_pdbx_phasing_MAD_set_site.atom_type_symbol 
_pdbx_phasing_MAD_set_site.Cartn_x 
_pdbx_phasing_MAD_set_site.Cartn_y 
_pdbx_phasing_MAD_set_site.Cartn_z 
_pdbx_phasing_MAD_set_site.occupancy 
_pdbx_phasing_MAD_set_site.b_iso 
1 FE 13.212 17.425 -8.784  1.39 28.88 
2 FE 7.026  -1.785 2.707   1.61 36.04 
3 FE 10.870 17.660 -10.101 1.57 33.73 
4 FE 7.858  -3.943 1.326   1.54 36.43 
5 FE 6.419  0.787  2.479   0.14 34.06 
# 
_pdbx_phasing_dm.entry_id          3FNV 
_pdbx_phasing_dm.fom_acentric      0.810 
_pdbx_phasing_dm.fom_centric       0.740 
_pdbx_phasing_dm.fom               0.800 
_pdbx_phasing_dm.reflns_acentric   7562 
_pdbx_phasing_dm.reflns_centric    1456 
_pdbx_phasing_dm.reflns            9018 
# 
loop_
_pdbx_phasing_dm_shell.d_res_high 
_pdbx_phasing_dm_shell.d_res_low 
_pdbx_phasing_dm_shell.delta_phi_final 
_pdbx_phasing_dm_shell.delta_phi_initial 
_pdbx_phasing_dm_shell.fom_acentric 
_pdbx_phasing_dm_shell.fom_centric 
_pdbx_phasing_dm_shell.fom 
_pdbx_phasing_dm_shell.reflns_acentric 
_pdbx_phasing_dm_shell.reflns_centric 
_pdbx_phasing_dm_shell.reflns 
6.000 29.461 ? ? 0.990 0.950 0.980 270  169 439  
3.800 6.000  ? ? 0.980 0.910 0.960 962  280 1242 
3.000 3.800  ? ? 0.950 0.860 0.930 1259 267 1526 
2.600 3.000  ? ? 0.880 0.760 0.870 1295 224 1519 
2.300 2.600  ? ? 0.750 0.590 0.730 2325 333 2658 
2.100 2.300  ? ? 0.580 0.400 0.560 1451 183 1634 
# 
_phasing.method   MAD 
# 
_pdbx_entry_details.entry_id                 3FNV 
_pdbx_entry_details.sequence_details         
;1. IN THE TARGET SEQUENCE, CYS 92 IS REPLACED BY
AN SER RESIDUE BY SITE-DIRECTED MUTAGENESIS.
2. THE SOLUBLE DOMAIN OF MINER1 (RESIDUES 57-135)
WAS EXPRESSED WITH A PURIFICATION TAG IN A PET28A(+)
(NOVAGEN) BACTERIAL EXPRESSION VECTOR CONTAINING
AN N-TERMINAL HIS-TAG. THE TAG WAS REMOVED WITH THROMBIN
LEAVING ONLY GSHM FOLLOWED BY THE TARGET SEQUENCE.
;
_pdbx_entry_details.compound_details         ? 
_pdbx_entry_details.source_details           ? 
_pdbx_entry_details.nonpolymer_details       ? 
_pdbx_entry_details.has_ligand_of_interest   ? 
# 
loop_
_pdbx_unobs_or_zero_occ_residues.id 
_pdbx_unobs_or_zero_occ_residues.PDB_model_num 
_pdbx_unobs_or_zero_occ_residues.polymer_flag 
_pdbx_unobs_or_zero_occ_residues.occupancy_flag 
_pdbx_unobs_or_zero_occ_residues.auth_asym_id 
_pdbx_unobs_or_zero_occ_residues.auth_comp_id 
_pdbx_unobs_or_zero_occ_residues.auth_seq_id 
_pdbx_unobs_or_zero_occ_residues.PDB_ins_code 
_pdbx_unobs_or_zero_occ_residues.label_asym_id 
_pdbx_unobs_or_zero_occ_residues.label_comp_id 
_pdbx_unobs_or_zero_occ_residues.label_seq_id 
1  1 Y 1 A GLY 53  ? A GLY 1  
2  1 Y 1 A SER 54  ? A SER 2  
3  1 Y 1 A HIS 55  ? A HIS 3  
4  1 Y 1 A MET 56  ? A MET 4  
5  1 Y 1 A ARG 57  ? A ARG 5  
6  1 Y 1 A PRO 58  ? A PRO 6  
7  1 Y 1 A PHE 59  ? A PHE 7  
8  1 Y 1 A LEU 60  ? A LEU 8  
9  1 Y 1 A PRO 61  ? A PRO 9  
10 1 Y 1 A LYS 62  ? A LYS 10 
11 1 Y 1 A LYS 63  ? A LYS 11 
12 1 Y 1 A LYS 64  ? A LYS 12 
13 1 Y 1 A GLN 65  ? A GLN 13 
14 1 Y 1 A GLN 66  ? A GLN 14 
15 1 Y 1 A LYS 67  ? A LYS 15 
16 1 Y 1 A VAL 135 ? A VAL 83 
17 1 Y 1 B GLY 53  ? B GLY 1  
18 1 Y 1 B SER 54  ? B SER 2  
19 1 Y 1 B HIS 55  ? B HIS 3  
20 1 Y 1 B MET 56  ? B MET 4  
21 1 Y 1 B ARG 57  ? B ARG 5  
22 1 Y 1 B PRO 58  ? B PRO 6  
23 1 Y 1 B PHE 59  ? B PHE 7  
24 1 Y 1 B LEU 60  ? B LEU 8  
25 1 Y 1 B PRO 61  ? B PRO 9  
26 1 Y 1 B LYS 62  ? B LYS 10 
27 1 Y 1 B LYS 63  ? B LYS 11 
28 1 Y 1 B LYS 64  ? B LYS 12 
29 1 Y 1 B GLN 65  ? B GLN 13 
30 1 Y 1 B GLN 66  ? B GLN 14 
31 1 Y 1 B LYS 67  ? B LYS 15 
# 
loop_
_chem_comp_atom.comp_id 
_chem_comp_atom.atom_id 
_chem_comp_atom.type_symbol 
_chem_comp_atom.pdbx_aromatic_flag 
_chem_comp_atom.pdbx_stereo_config 
_chem_comp_atom.pdbx_ordinal 
ALA N    N  N N 1   
ALA CA   C  N S 2   
ALA C    C  N N 3   
ALA O    O  N N 4   
ALA CB   C  N N 5   
ALA OXT  O  N N 6   
ALA H    H  N N 7   
ALA H2   H  N N 8   
ALA HA   H  N N 9   
ALA HB1  H  N N 10  
ALA HB2  H  N N 11  
ALA HB3  H  N N 12  
ALA HXT  H  N N 13  
ARG N    N  N N 14  
ARG CA   C  N S 15  
ARG C    C  N N 16  
ARG O    O  N N 17  
ARG CB   C  N N 18  
ARG CG   C  N N 19  
ARG CD   C  N N 20  
ARG NE   N  N N 21  
ARG CZ   C  N N 22  
ARG NH1  N  N N 23  
ARG NH2  N  N N 24  
ARG OXT  O  N N 25  
ARG H    H  N N 26  
ARG H2   H  N N 27  
ARG HA   H  N N 28  
ARG HB2  H  N N 29  
ARG HB3  H  N N 30  
ARG HG2  H  N N 31  
ARG HG3  H  N N 32  
ARG HD2  H  N N 33  
ARG HD3  H  N N 34  
ARG HE   H  N N 35  
ARG HH11 H  N N 36  
ARG HH12 H  N N 37  
ARG HH21 H  N N 38  
ARG HH22 H  N N 39  
ARG HXT  H  N N 40  
ASN N    N  N N 41  
ASN CA   C  N S 42  
ASN C    C  N N 43  
ASN O    O  N N 44  
ASN CB   C  N N 45  
ASN CG   C  N N 46  
ASN OD1  O  N N 47  
ASN ND2  N  N N 48  
ASN OXT  O  N N 49  
ASN H    H  N N 50  
ASN H2   H  N N 51  
ASN HA   H  N N 52  
ASN HB2  H  N N 53  
ASN HB3  H  N N 54  
ASN HD21 H  N N 55  
ASN HD22 H  N N 56  
ASN HXT  H  N N 57  
ASP N    N  N N 58  
ASP CA   C  N S 59  
ASP C    C  N N 60  
ASP O    O  N N 61  
ASP CB   C  N N 62  
ASP CG   C  N N 63  
ASP OD1  O  N N 64  
ASP OD2  O  N N 65  
ASP OXT  O  N N 66  
ASP H    H  N N 67  
ASP H2   H  N N 68  
ASP HA   H  N N 69  
ASP HB2  H  N N 70  
ASP HB3  H  N N 71  
ASP HD2  H  N N 72  
ASP HXT  H  N N 73  
CYS N    N  N N 74  
CYS CA   C  N R 75  
CYS C    C  N N 76  
CYS O    O  N N 77  
CYS CB   C  N N 78  
CYS SG   S  N N 79  
CYS OXT  O  N N 80  
CYS H    H  N N 81  
CYS H2   H  N N 82  
CYS HA   H  N N 83  
CYS HB2  H  N N 84  
CYS HB3  H  N N 85  
CYS HG   H  N N 86  
CYS HXT  H  N N 87  
FES FE1  FE N N 88  
FES FE2  FE N N 89  
FES S1   S  N N 90  
FES S2   S  N N 91  
GLN N    N  N N 92  
GLN CA   C  N S 93  
GLN C    C  N N 94  
GLN O    O  N N 95  
GLN CB   C  N N 96  
GLN CG   C  N N 97  
GLN CD   C  N N 98  
GLN OE1  O  N N 99  
GLN NE2  N  N N 100 
GLN OXT  O  N N 101 
GLN H    H  N N 102 
GLN H2   H  N N 103 
GLN HA   H  N N 104 
GLN HB2  H  N N 105 
GLN HB3  H  N N 106 
GLN HG2  H  N N 107 
GLN HG3  H  N N 108 
GLN HE21 H  N N 109 
GLN HE22 H  N N 110 
GLN HXT  H  N N 111 
GLU N    N  N N 112 
GLU CA   C  N S 113 
GLU C    C  N N 114 
GLU O    O  N N 115 
GLU CB   C  N N 116 
GLU CG   C  N N 117 
GLU CD   C  N N 118 
GLU OE1  O  N N 119 
GLU OE2  O  N N 120 
GLU OXT  O  N N 121 
GLU H    H  N N 122 
GLU H2   H  N N 123 
GLU HA   H  N N 124 
GLU HB2  H  N N 125 
GLU HB3  H  N N 126 
GLU HG2  H  N N 127 
GLU HG3  H  N N 128 
GLU HE2  H  N N 129 
GLU HXT  H  N N 130 
GLY N    N  N N 131 
GLY CA   C  N N 132 
GLY C    C  N N 133 
GLY O    O  N N 134 
GLY OXT  O  N N 135 
GLY H    H  N N 136 
GLY H2   H  N N 137 
GLY HA2  H  N N 138 
GLY HA3  H  N N 139 
GLY HXT  H  N N 140 
HIS N    N  N N 141 
HIS CA   C  N S 142 
HIS C    C  N N 143 
HIS O    O  N N 144 
HIS CB   C  N N 145 
HIS CG   C  Y N 146 
HIS ND1  N  Y N 147 
HIS CD2  C  Y N 148 
HIS CE1  C  Y N 149 
HIS NE2  N  Y N 150 
HIS OXT  O  N N 151 
HIS H    H  N N 152 
HIS H2   H  N N 153 
HIS HA   H  N N 154 
HIS HB2  H  N N 155 
HIS HB3  H  N N 156 
HIS HD1  H  N N 157 
HIS HD2  H  N N 158 
HIS HE1  H  N N 159 
HIS HE2  H  N N 160 
HIS HXT  H  N N 161 
HOH O    O  N N 162 
HOH H1   H  N N 163 
HOH H2   H  N N 164 
ILE N    N  N N 165 
ILE CA   C  N S 166 
ILE C    C  N N 167 
ILE O    O  N N 168 
ILE CB   C  N S 169 
ILE CG1  C  N N 170 
ILE CG2  C  N N 171 
ILE CD1  C  N N 172 
ILE OXT  O  N N 173 
ILE H    H  N N 174 
ILE H2   H  N N 175 
ILE HA   H  N N 176 
ILE HB   H  N N 177 
ILE HG12 H  N N 178 
ILE HG13 H  N N 179 
ILE HG21 H  N N 180 
ILE HG22 H  N N 181 
ILE HG23 H  N N 182 
ILE HD11 H  N N 183 
ILE HD12 H  N N 184 
ILE HD13 H  N N 185 
ILE HXT  H  N N 186 
LEU N    N  N N 187 
LEU CA   C  N S 188 
LEU C    C  N N 189 
LEU O    O  N N 190 
LEU CB   C  N N 191 
LEU CG   C  N N 192 
LEU CD1  C  N N 193 
LEU CD2  C  N N 194 
LEU OXT  O  N N 195 
LEU H    H  N N 196 
LEU H2   H  N N 197 
LEU HA   H  N N 198 
LEU HB2  H  N N 199 
LEU HB3  H  N N 200 
LEU HG   H  N N 201 
LEU HD11 H  N N 202 
LEU HD12 H  N N 203 
LEU HD13 H  N N 204 
LEU HD21 H  N N 205 
LEU HD22 H  N N 206 
LEU HD23 H  N N 207 
LEU HXT  H  N N 208 
LYS N    N  N N 209 
LYS CA   C  N S 210 
LYS C    C  N N 211 
LYS O    O  N N 212 
LYS CB   C  N N 213 
LYS CG   C  N N 214 
LYS CD   C  N N 215 
LYS CE   C  N N 216 
LYS NZ   N  N N 217 
LYS OXT  O  N N 218 
LYS H    H  N N 219 
LYS H2   H  N N 220 
LYS HA   H  N N 221 
LYS HB2  H  N N 222 
LYS HB3  H  N N 223 
LYS HG2  H  N N 224 
LYS HG3  H  N N 225 
LYS HD2  H  N N 226 
LYS HD3  H  N N 227 
LYS HE2  H  N N 228 
LYS HE3  H  N N 229 
LYS HZ1  H  N N 230 
LYS HZ2  H  N N 231 
LYS HZ3  H  N N 232 
LYS HXT  H  N N 233 
MET N    N  N N 234 
MET CA   C  N S 235 
MET C    C  N N 236 
MET O    O  N N 237 
MET CB   C  N N 238 
MET CG   C  N N 239 
MET SD   S  N N 240 
MET CE   C  N N 241 
MET OXT  O  N N 242 
MET H    H  N N 243 
MET H2   H  N N 244 
MET HA   H  N N 245 
MET HB2  H  N N 246 
MET HB3  H  N N 247 
MET HG2  H  N N 248 
MET HG3  H  N N 249 
MET HE1  H  N N 250 
MET HE2  H  N N 251 
MET HE3  H  N N 252 
MET HXT  H  N N 253 
PHE N    N  N N 254 
PHE CA   C  N S 255 
PHE C    C  N N 256 
PHE O    O  N N 257 
PHE CB   C  N N 258 
PHE CG   C  Y N 259 
PHE CD1  C  Y N 260 
PHE CD2  C  Y N 261 
PHE CE1  C  Y N 262 
PHE CE2  C  Y N 263 
PHE CZ   C  Y N 264 
PHE OXT  O  N N 265 
PHE H    H  N N 266 
PHE H2   H  N N 267 
PHE HA   H  N N 268 
PHE HB2  H  N N 269 
PHE HB3  H  N N 270 
PHE HD1  H  N N 271 
PHE HD2  H  N N 272 
PHE HE1  H  N N 273 
PHE HE2  H  N N 274 
PHE HZ   H  N N 275 
PHE HXT  H  N N 276 
PRO N    N  N N 277 
PRO CA   C  N S 278 
PRO C    C  N N 279 
PRO O    O  N N 280 
PRO CB   C  N N 281 
PRO CG   C  N N 282 
PRO CD   C  N N 283 
PRO OXT  O  N N 284 
PRO H    H  N N 285 
PRO HA   H  N N 286 
PRO HB2  H  N N 287 
PRO HB3  H  N N 288 
PRO HG2  H  N N 289 
PRO HG3  H  N N 290 
PRO HD2  H  N N 291 
PRO HD3  H  N N 292 
PRO HXT  H  N N 293 
SER N    N  N N 294 
SER CA   C  N S 295 
SER C    C  N N 296 
SER O    O  N N 297 
SER CB   C  N N 298 
SER OG   O  N N 299 
SER OXT  O  N N 300 
SER H    H  N N 301 
SER H2   H  N N 302 
SER HA   H  N N 303 
SER HB2  H  N N 304 
SER HB3  H  N N 305 
SER HG   H  N N 306 
SER HXT  H  N N 307 
THR N    N  N N 308 
THR CA   C  N S 309 
THR C    C  N N 310 
THR O    O  N N 311 
THR CB   C  N R 312 
THR OG1  O  N N 313 
THR CG2  C  N N 314 
THR OXT  O  N N 315 
THR H    H  N N 316 
THR H2   H  N N 317 
THR HA   H  N N 318 
THR HB   H  N N 319 
THR HG1  H  N N 320 
THR HG21 H  N N 321 
THR HG22 H  N N 322 
THR HG23 H  N N 323 
THR HXT  H  N N 324 
TRP N    N  N N 325 
TRP CA   C  N S 326 
TRP C    C  N N 327 
TRP O    O  N N 328 
TRP CB   C  N N 329 
TRP CG   C  Y N 330 
TRP CD1  C  Y N 331 
TRP CD2  C  Y N 332 
TRP NE1  N  Y N 333 
TRP CE2  C  Y N 334 
TRP CE3  C  Y N 335 
TRP CZ2  C  Y N 336 
TRP CZ3  C  Y N 337 
TRP CH2  C  Y N 338 
TRP OXT  O  N N 339 
TRP H    H  N N 340 
TRP H2   H  N N 341 
TRP HA   H  N N 342 
TRP HB2  H  N N 343 
TRP HB3  H  N N 344 
TRP HD1  H  N N 345 
TRP HE1  H  N N 346 
TRP HE3  H  N N 347 
TRP HZ2  H  N N 348 
TRP HZ3  H  N N 349 
TRP HH2  H  N N 350 
TRP HXT  H  N N 351 
TYR N    N  N N 352 
TYR CA   C  N S 353 
TYR C    C  N N 354 
TYR O    O  N N 355 
TYR CB   C  N N 356 
TYR CG   C  Y N 357 
TYR CD1  C  Y N 358 
TYR CD2  C  Y N 359 
TYR CE1  C  Y N 360 
TYR CE2  C  Y N 361 
TYR CZ   C  Y N 362 
TYR OH   O  N N 363 
TYR OXT  O  N N 364 
TYR H    H  N N 365 
TYR H2   H  N N 366 
TYR HA   H  N N 367 
TYR HB2  H  N N 368 
TYR HB3  H  N N 369 
TYR HD1  H  N N 370 
TYR HD2  H  N N 371 
TYR HE1  H  N N 372 
TYR HE2  H  N N 373 
TYR HH   H  N N 374 
TYR HXT  H  N N 375 
VAL N    N  N N 376 
VAL CA   C  N S 377 
VAL C    C  N N 378 
VAL O    O  N N 379 
VAL CB   C  N N 380 
VAL CG1  C  N N 381 
VAL CG2  C  N N 382 
VAL OXT  O  N N 383 
VAL H    H  N N 384 
VAL H2   H  N N 385 
VAL HA   H  N N 386 
VAL HB   H  N N 387 
VAL HG11 H  N N 388 
VAL HG12 H  N N 389 
VAL HG13 H  N N 390 
VAL HG21 H  N N 391 
VAL HG22 H  N N 392 
VAL HG23 H  N N 393 
VAL HXT  H  N N 394 
# 
loop_
_chem_comp_bond.comp_id 
_chem_comp_bond.atom_id_1 
_chem_comp_bond.atom_id_2 
_chem_comp_bond.value_order 
_chem_comp_bond.pdbx_aromatic_flag 
_chem_comp_bond.pdbx_stereo_config 
_chem_comp_bond.pdbx_ordinal 
ALA N   CA   sing N N 1   
ALA N   H    sing N N 2   
ALA N   H2   sing N N 3   
ALA CA  C    sing N N 4   
ALA CA  CB   sing N N 5   
ALA CA  HA   sing N N 6   
ALA C   O    doub N N 7   
ALA C   OXT  sing N N 8   
ALA CB  HB1  sing N N 9   
ALA CB  HB2  sing N N 10  
ALA CB  HB3  sing N N 11  
ALA OXT HXT  sing N N 12  
ARG N   CA   sing N N 13  
ARG N   H    sing N N 14  
ARG N   H2   sing N N 15  
ARG CA  C    sing N N 16  
ARG CA  CB   sing N N 17  
ARG CA  HA   sing N N 18  
ARG C   O    doub N N 19  
ARG C   OXT  sing N N 20  
ARG CB  CG   sing N N 21  
ARG CB  HB2  sing N N 22  
ARG CB  HB3  sing N N 23  
ARG CG  CD   sing N N 24  
ARG CG  HG2  sing N N 25  
ARG CG  HG3  sing N N 26  
ARG CD  NE   sing N N 27  
ARG CD  HD2  sing N N 28  
ARG CD  HD3  sing N N 29  
ARG NE  CZ   sing N N 30  
ARG NE  HE   sing N N 31  
ARG CZ  NH1  sing N N 32  
ARG CZ  NH2  doub N N 33  
ARG NH1 HH11 sing N N 34  
ARG NH1 HH12 sing N N 35  
ARG NH2 HH21 sing N N 36  
ARG NH2 HH22 sing N N 37  
ARG OXT HXT  sing N N 38  
ASN N   CA   sing N N 39  
ASN N   H    sing N N 40  
ASN N   H2   sing N N 41  
ASN CA  C    sing N N 42  
ASN CA  CB   sing N N 43  
ASN CA  HA   sing N N 44  
ASN C   O    doub N N 45  
ASN C   OXT  sing N N 46  
ASN CB  CG   sing N N 47  
ASN CB  HB2  sing N N 48  
ASN CB  HB3  sing N N 49  
ASN CG  OD1  doub N N 50  
ASN CG  ND2  sing N N 51  
ASN ND2 HD21 sing N N 52  
ASN ND2 HD22 sing N N 53  
ASN OXT HXT  sing N N 54  
ASP N   CA   sing N N 55  
ASP N   H    sing N N 56  
ASP N   H2   sing N N 57  
ASP CA  C    sing N N 58  
ASP CA  CB   sing N N 59  
ASP CA  HA   sing N N 60  
ASP C   O    doub N N 61  
ASP C   OXT  sing N N 62  
ASP CB  CG   sing N N 63  
ASP CB  HB2  sing N N 64  
ASP CB  HB3  sing N N 65  
ASP CG  OD1  doub N N 66  
ASP CG  OD2  sing N N 67  
ASP OD2 HD2  sing N N 68  
ASP OXT HXT  sing N N 69  
CYS N   CA   sing N N 70  
CYS N   H    sing N N 71  
CYS N   H2   sing N N 72  
CYS CA  C    sing N N 73  
CYS CA  CB   sing N N 74  
CYS CA  HA   sing N N 75  
CYS C   O    doub N N 76  
CYS C   OXT  sing N N 77  
CYS CB  SG   sing N N 78  
CYS CB  HB2  sing N N 79  
CYS CB  HB3  sing N N 80  
CYS SG  HG   sing N N 81  
CYS OXT HXT  sing N N 82  
FES FE1 S1   sing N N 83  
FES FE1 S2   sing N N 84  
FES FE2 S1   sing N N 85  
FES FE2 S2   sing N N 86  
GLN N   CA   sing N N 87  
GLN N   H    sing N N 88  
GLN N   H2   sing N N 89  
GLN CA  C    sing N N 90  
GLN CA  CB   sing N N 91  
GLN CA  HA   sing N N 92  
GLN C   O    doub N N 93  
GLN C   OXT  sing N N 94  
GLN CB  CG   sing N N 95  
GLN CB  HB2  sing N N 96  
GLN CB  HB3  sing N N 97  
GLN CG  CD   sing N N 98  
GLN CG  HG2  sing N N 99  
GLN CG  HG3  sing N N 100 
GLN CD  OE1  doub N N 101 
GLN CD  NE2  sing N N 102 
GLN NE2 HE21 sing N N 103 
GLN NE2 HE22 sing N N 104 
GLN OXT HXT  sing N N 105 
GLU N   CA   sing N N 106 
GLU N   H    sing N N 107 
GLU N   H2   sing N N 108 
GLU CA  C    sing N N 109 
GLU CA  CB   sing N N 110 
GLU CA  HA   sing N N 111 
GLU C   O    doub N N 112 
GLU C   OXT  sing N N 113 
GLU CB  CG   sing N N 114 
GLU CB  HB2  sing N N 115 
GLU CB  HB3  sing N N 116 
GLU CG  CD   sing N N 117 
GLU CG  HG2  sing N N 118 
GLU CG  HG3  sing N N 119 
GLU CD  OE1  doub N N 120 
GLU CD  OE2  sing N N 121 
GLU OE2 HE2  sing N N 122 
GLU OXT HXT  sing N N 123 
GLY N   CA   sing N N 124 
GLY N   H    sing N N 125 
GLY N   H2   sing N N 126 
GLY CA  C    sing N N 127 
GLY CA  HA2  sing N N 128 
GLY CA  HA3  sing N N 129 
GLY C   O    doub N N 130 
GLY C   OXT  sing N N 131 
GLY OXT HXT  sing N N 132 
HIS N   CA   sing N N 133 
HIS N   H    sing N N 134 
HIS N   H2   sing N N 135 
HIS CA  C    sing N N 136 
HIS CA  CB   sing N N 137 
HIS CA  HA   sing N N 138 
HIS C   O    doub N N 139 
HIS C   OXT  sing N N 140 
HIS CB  CG   sing N N 141 
HIS CB  HB2  sing N N 142 
HIS CB  HB3  sing N N 143 
HIS CG  ND1  sing Y N 144 
HIS CG  CD2  doub Y N 145 
HIS ND1 CE1  doub Y N 146 
HIS ND1 HD1  sing N N 147 
HIS CD2 NE2  sing Y N 148 
HIS CD2 HD2  sing N N 149 
HIS CE1 NE2  sing Y N 150 
HIS CE1 HE1  sing N N 151 
HIS NE2 HE2  sing N N 152 
HIS OXT HXT  sing N N 153 
HOH O   H1   sing N N 154 
HOH O   H2   sing N N 155 
ILE N   CA   sing N N 156 
ILE N   H    sing N N 157 
ILE N   H2   sing N N 158 
ILE CA  C    sing N N 159 
ILE CA  CB   sing N N 160 
ILE CA  HA   sing N N 161 
ILE C   O    doub N N 162 
ILE C   OXT  sing N N 163 
ILE CB  CG1  sing N N 164 
ILE CB  CG2  sing N N 165 
ILE CB  HB   sing N N 166 
ILE CG1 CD1  sing N N 167 
ILE CG1 HG12 sing N N 168 
ILE CG1 HG13 sing N N 169 
ILE CG2 HG21 sing N N 170 
ILE CG2 HG22 sing N N 171 
ILE CG2 HG23 sing N N 172 
ILE CD1 HD11 sing N N 173 
ILE CD1 HD12 sing N N 174 
ILE CD1 HD13 sing N N 175 
ILE OXT HXT  sing N N 176 
LEU N   CA   sing N N 177 
LEU N   H    sing N N 178 
LEU N   H2   sing N N 179 
LEU CA  C    sing N N 180 
LEU CA  CB   sing N N 181 
LEU CA  HA   sing N N 182 
LEU C   O    doub N N 183 
LEU C   OXT  sing N N 184 
LEU CB  CG   sing N N 185 
LEU CB  HB2  sing N N 186 
LEU CB  HB3  sing N N 187 
LEU CG  CD1  sing N N 188 
LEU CG  CD2  sing N N 189 
LEU CG  HG   sing N N 190 
LEU CD1 HD11 sing N N 191 
LEU CD1 HD12 sing N N 192 
LEU CD1 HD13 sing N N 193 
LEU CD2 HD21 sing N N 194 
LEU CD2 HD22 sing N N 195 
LEU CD2 HD23 sing N N 196 
LEU OXT HXT  sing N N 197 
LYS N   CA   sing N N 198 
LYS N   H    sing N N 199 
LYS N   H2   sing N N 200 
LYS CA  C    sing N N 201 
LYS CA  CB   sing N N 202 
LYS CA  HA   sing N N 203 
LYS C   O    doub N N 204 
LYS C   OXT  sing N N 205 
LYS CB  CG   sing N N 206 
LYS CB  HB2  sing N N 207 
LYS CB  HB3  sing N N 208 
LYS CG  CD   sing N N 209 
LYS CG  HG2  sing N N 210 
LYS CG  HG3  sing N N 211 
LYS CD  CE   sing N N 212 
LYS CD  HD2  sing N N 213 
LYS CD  HD3  sing N N 214 
LYS CE  NZ   sing N N 215 
LYS CE  HE2  sing N N 216 
LYS CE  HE3  sing N N 217 
LYS NZ  HZ1  sing N N 218 
LYS NZ  HZ2  sing N N 219 
LYS NZ  HZ3  sing N N 220 
LYS OXT HXT  sing N N 221 
MET N   CA   sing N N 222 
MET N   H    sing N N 223 
MET N   H2   sing N N 224 
MET CA  C    sing N N 225 
MET CA  CB   sing N N 226 
MET CA  HA   sing N N 227 
MET C   O    doub N N 228 
MET C   OXT  sing N N 229 
MET CB  CG   sing N N 230 
MET CB  HB2  sing N N 231 
MET CB  HB3  sing N N 232 
MET CG  SD   sing N N 233 
MET CG  HG2  sing N N 234 
MET CG  HG3  sing N N 235 
MET SD  CE   sing N N 236 
MET CE  HE1  sing N N 237 
MET CE  HE2  sing N N 238 
MET CE  HE3  sing N N 239 
MET OXT HXT  sing N N 240 
PHE N   CA   sing N N 241 
PHE N   H    sing N N 242 
PHE N   H2   sing N N 243 
PHE CA  C    sing N N 244 
PHE CA  CB   sing N N 245 
PHE CA  HA   sing N N 246 
PHE C   O    doub N N 247 
PHE C   OXT  sing N N 248 
PHE CB  CG   sing N N 249 
PHE CB  HB2  sing N N 250 
PHE CB  HB3  sing N N 251 
PHE CG  CD1  doub Y N 252 
PHE CG  CD2  sing Y N 253 
PHE CD1 CE1  sing Y N 254 
PHE CD1 HD1  sing N N 255 
PHE CD2 CE2  doub Y N 256 
PHE CD2 HD2  sing N N 257 
PHE CE1 CZ   doub Y N 258 
PHE CE1 HE1  sing N N 259 
PHE CE2 CZ   sing Y N 260 
PHE CE2 HE2  sing N N 261 
PHE CZ  HZ   sing N N 262 
PHE OXT HXT  sing N N 263 
PRO N   CA   sing N N 264 
PRO N   CD   sing N N 265 
PRO N   H    sing N N 266 
PRO CA  C    sing N N 267 
PRO CA  CB   sing N N 268 
PRO CA  HA   sing N N 269 
PRO C   O    doub N N 270 
PRO C   OXT  sing N N 271 
PRO CB  CG   sing N N 272 
PRO CB  HB2  sing N N 273 
PRO CB  HB3  sing N N 274 
PRO CG  CD   sing N N 275 
PRO CG  HG2  sing N N 276 
PRO CG  HG3  sing N N 277 
PRO CD  HD2  sing N N 278 
PRO CD  HD3  sing N N 279 
PRO OXT HXT  sing N N 280 
SER N   CA   sing N N 281 
SER N   H    sing N N 282 
SER N   H2   sing N N 283 
SER CA  C    sing N N 284 
SER CA  CB   sing N N 285 
SER CA  HA   sing N N 286 
SER C   O    doub N N 287 
SER C   OXT  sing N N 288 
SER CB  OG   sing N N 289 
SER CB  HB2  sing N N 290 
SER CB  HB3  sing N N 291 
SER OG  HG   sing N N 292 
SER OXT HXT  sing N N 293 
THR N   CA   sing N N 294 
THR N   H    sing N N 295 
THR N   H2   sing N N 296 
THR CA  C    sing N N 297 
THR CA  CB   sing N N 298 
THR CA  HA   sing N N 299 
THR C   O    doub N N 300 
THR C   OXT  sing N N 301 
THR CB  OG1  sing N N 302 
THR CB  CG2  sing N N 303 
THR CB  HB   sing N N 304 
THR OG1 HG1  sing N N 305 
THR CG2 HG21 sing N N 306 
THR CG2 HG22 sing N N 307 
THR CG2 HG23 sing N N 308 
THR OXT HXT  sing N N 309 
TRP N   CA   sing N N 310 
TRP N   H    sing N N 311 
TRP N   H2   sing N N 312 
TRP CA  C    sing N N 313 
TRP CA  CB   sing N N 314 
TRP CA  HA   sing N N 315 
TRP C   O    doub N N 316 
TRP C   OXT  sing N N 317 
TRP CB  CG   sing N N 318 
TRP CB  HB2  sing N N 319 
TRP CB  HB3  sing N N 320 
TRP CG  CD1  doub Y N 321 
TRP CG  CD2  sing Y N 322 
TRP CD1 NE1  sing Y N 323 
TRP CD1 HD1  sing N N 324 
TRP CD2 CE2  doub Y N 325 
TRP CD2 CE3  sing Y N 326 
TRP NE1 CE2  sing Y N 327 
TRP NE1 HE1  sing N N 328 
TRP CE2 CZ2  sing Y N 329 
TRP CE3 CZ3  doub Y N 330 
TRP CE3 HE3  sing N N 331 
TRP CZ2 CH2  doub Y N 332 
TRP CZ2 HZ2  sing N N 333 
TRP CZ3 CH2  sing Y N 334 
TRP CZ3 HZ3  sing N N 335 
TRP CH2 HH2  sing N N 336 
TRP OXT HXT  sing N N 337 
TYR N   CA   sing N N 338 
TYR N   H    sing N N 339 
TYR N   H2   sing N N 340 
TYR CA  C    sing N N 341 
TYR CA  CB   sing N N 342 
TYR CA  HA   sing N N 343 
TYR C   O    doub N N 344 
TYR C   OXT  sing N N 345 
TYR CB  CG   sing N N 346 
TYR CB  HB2  sing N N 347 
TYR CB  HB3  sing N N 348 
TYR CG  CD1  doub Y N 349 
TYR CG  CD2  sing Y N 350 
TYR CD1 CE1  sing Y N 351 
TYR CD1 HD1  sing N N 352 
TYR CD2 CE2  doub Y N 353 
TYR CD2 HD2  sing N N 354 
TYR CE1 CZ   doub Y N 355 
TYR CE1 HE1  sing N N 356 
TYR CE2 CZ   sing Y N 357 
TYR CE2 HE2  sing N N 358 
TYR CZ  OH   sing N N 359 
TYR OH  HH   sing N N 360 
TYR OXT HXT  sing N N 361 
VAL N   CA   sing N N 362 
VAL N   H    sing N N 363 
VAL N   H2   sing N N 364 
VAL CA  C    sing N N 365 
VAL CA  CB   sing N N 366 
VAL CA  HA   sing N N 367 
VAL C   O    doub N N 368 
VAL C   OXT  sing N N 369 
VAL CB  CG1  sing N N 370 
VAL CB  CG2  sing N N 371 
VAL CB  HB   sing N N 372 
VAL CG1 HG11 sing N N 373 
VAL CG1 HG12 sing N N 374 
VAL CG1 HG13 sing N N 375 
VAL CG2 HG21 sing N N 376 
VAL CG2 HG22 sing N N 377 
VAL CG2 HG23 sing N N 378 
VAL OXT HXT  sing N N 379 
# 
_atom_sites.entry_id                    3FNV 
_atom_sites.fract_transf_matrix[1][1]   -0.01585484 
_atom_sites.fract_transf_matrix[1][2]   0.01001099 
_atom_sites.fract_transf_matrix[1][3]   -0.01568629 
_atom_sites.fract_transf_matrix[2][1]   -0.01269123 
_atom_sites.fract_transf_matrix[2][2]   -0.01599405 
_atom_sites.fract_transf_matrix[2][3]   0.00262020 
_atom_sites.fract_transf_matrix[3][1]   -0.00602398 
_atom_sites.fract_transf_matrix[3][2]   0.00645206 
_atom_sites.fract_transf_matrix[3][3]   0.01020641 
_atom_sites.fract_transf_vector[1]      0.379173 
_atom_sites.fract_transf_vector[2]      0.712451 
_atom_sites.fract_transf_vector[3]      0.233482 
# 
loop_
_atom_type.symbol 
C  
FE 
N  
O  
S  
# 
loop_
_atom_site.group_PDB 
_atom_site.id 
_atom_site.type_symbol 
_atom_site.label_atom_id 
_atom_site.label_alt_id 
_atom_site.label_comp_id 
_atom_site.label_asym_id 
_atom_site.label_entity_id 
_atom_site.label_seq_id 
_atom_site.pdbx_PDB_ins_code 
_atom_site.Cartn_x 
_atom_site.Cartn_y 
_atom_site.Cartn_z 
_atom_site.occupancy 
_atom_site.B_iso_or_equiv 
_atom_site.pdbx_formal_charge 
_atom_site.auth_seq_id 
_atom_site.auth_comp_id 
_atom_site.auth_asym_id 
_atom_site.auth_atom_id 
_atom_site.pdbx_PDB_model_num 
ATOM   1    N  N   . ASP A 1 16 ? 7.444   -0.213  17.046  1.00 48.91 ? 68  ASP A N   1 
ATOM   2    C  CA  . ASP A 1 16 ? 7.180   -1.557  17.639  1.00 48.56 ? 68  ASP A CA  1 
ATOM   3    C  C   . ASP A 1 16 ? 5.682   -1.885  17.719  1.00 47.82 ? 68  ASP A C   1 
ATOM   4    O  O   . ASP A 1 16 ? 5.290   -2.816  18.414  1.00 50.70 ? 68  ASP A O   1 
ATOM   5    C  CB  . ASP A 1 16 ? 7.806   -1.662  19.034  1.00 47.96 ? 68  ASP A CB  1 
ATOM   6    N  N   . SER A 1 17 ? 4.853   -1.126  17.012  1.00 45.63 ? 69  SER A N   1 
ATOM   7    C  CA  . SER A 1 17 ? 3.414   -1.373  16.997  1.00 44.83 ? 69  SER A CA  1 
ATOM   8    C  C   . SER A 1 17 ? 2.953   -1.877  15.626  1.00 40.19 ? 69  SER A C   1 
ATOM   9    O  O   . SER A 1 17 ? 3.593   -1.629  14.612  1.00 36.01 ? 69  SER A O   1 
ATOM   10   C  CB  . SER A 1 17 ? 2.660   -0.096  17.363  1.00 45.90 ? 69  SER A CB  1 
ATOM   11   O  OG  . SER A 1 17 ? 2.793   0.861   16.334  1.00 50.92 ? 69  SER A OG  1 
ATOM   12   N  N   . LEU A 1 18 ? 1.827   -2.575  15.614  1.00 39.22 ? 70  LEU A N   1 
ATOM   13   C  CA  . LEU A 1 18 ? 1.300   -3.172  14.390  1.00 38.25 ? 70  LEU A CA  1 
ATOM   14   C  C   . LEU A 1 18 ? 0.782   -2.130  13.434  1.00 36.32 ? 70  LEU A C   1 
ATOM   15   O  O   . LEU A 1 18 ? 0.281   -1.092  13.841  1.00 36.09 ? 70  LEU A O   1 
ATOM   16   C  CB  . LEU A 1 18 ? 0.156   -4.140  14.700  1.00 36.81 ? 70  LEU A CB  1 
ATOM   17   C  CG  . LEU A 1 18 ? 0.399   -5.369  15.564  1.00 42.83 ? 70  LEU A CG  1 
ATOM   18   C  CD1 . LEU A 1 18 ? -0.936  -6.076  15.743  1.00 40.95 ? 70  LEU A CD1 1 
ATOM   19   C  CD2 . LEU A 1 18 ? 1.423   -6.308  14.952  1.00 37.16 ? 70  LEU A CD2 1 
ATOM   20   N  N   . ILE A 1 19 ? 0.921   -2.420  12.148  1.00 35.40 ? 71  ILE A N   1 
ATOM   21   C  CA  . ILE A 1 19 ? 0.358   -1.603  11.101  1.00 33.41 ? 71  ILE A CA  1 
ATOM   22   C  C   . ILE A 1 19 ? -0.981  -2.225  10.736  1.00 34.59 ? 71  ILE A C   1 
ATOM   23   O  O   . ILE A 1 19 ? -2.000  -1.552  10.732  1.00 36.73 ? 71  ILE A O   1 
ATOM   24   C  CB  . ILE A 1 19 ? 1.261   -1.593  9.873   1.00 33.79 ? 71  ILE A CB  1 
ATOM   25   C  CG1 . ILE A 1 19 ? 2.519   -0.772  10.175  1.00 35.33 ? 71  ILE A CG1 1 
ATOM   26   C  CG2 . ILE A 1 19 ? 0.472   -1.087  8.666   1.00 29.52 ? 71  ILE A CG2 1 
ATOM   27   C  CD1 . ILE A 1 19 ? 3.671   -0.989  9.180   1.00 38.29 ? 71  ILE A CD1 1 
ATOM   28   N  N   . ASN A 1 20 ? -0.977  -3.517  10.440  1.00 32.06 ? 72  ASN A N   1 
ATOM   29   C  CA  . ASN A 1 20 ? -2.202  -4.246  10.118  1.00 32.25 ? 72  ASN A CA  1 
ATOM   30   C  C   . ASN A 1 20 ? -2.792  -4.896  11.374  1.00 32.99 ? 72  ASN A C   1 
ATOM   31   O  O   . ASN A 1 20 ? -2.206  -5.816  11.942  1.00 32.74 ? 72  ASN A O   1 
ATOM   32   C  CB  . ASN A 1 20 ? -1.931  -5.332  9.061   1.00 30.82 ? 72  ASN A CB  1 
ATOM   33   C  CG  . ASN A 1 20 ? -3.129  -6.209  8.815   1.00 32.17 ? 72  ASN A CG  1 
ATOM   34   O  OD1 . ASN A 1 20 ? -4.277  -5.753  8.917   1.00 30.77 ? 72  ASN A OD1 1 
ATOM   35   N  ND2 . ASN A 1 20 ? -2.884  -7.470  8.496   1.00 27.13 ? 72  ASN A ND2 1 
ATOM   36   N  N   . LEU A 1 21 ? -3.974  -4.446  11.777  1.00 32.80 ? 73  LEU A N   1 
ATOM   37   C  CA  . LEU A 1 21 ? -4.624  -4.973  12.971  1.00 35.46 ? 73  LEU A CA  1 
ATOM   38   C  C   . LEU A 1 21 ? -5.525  -6.173  12.709  1.00 35.14 ? 73  LEU A C   1 
ATOM   39   O  O   . LEU A 1 21 ? -5.621  -7.064  13.542  1.00 36.53 ? 73  LEU A O   1 
ATOM   40   C  CB  . LEU A 1 21 ? -5.467  -3.883  13.636  1.00 36.10 ? 73  LEU A CB  1 
ATOM   41   C  CG  . LEU A 1 21 ? -4.721  -2.619  14.086  1.00 43.23 ? 73  LEU A CG  1 
ATOM   42   C  CD1 . LEU A 1 21 ? -5.698  -1.581  14.671  1.00 46.91 ? 73  LEU A CD1 1 
ATOM   43   C  CD2 . LEU A 1 21 ? -3.661  -2.992  15.120  1.00 42.41 ? 73  LEU A CD2 1 
ATOM   44   N  N   . LYS A 1 22 ? -6.182  -6.211  11.560  1.00 36.47 ? 74  LYS A N   1 
ATOM   45   C  CA  . LYS A 1 22 ? -7.221  -7.215  11.356  1.00 40.56 ? 74  LYS A CA  1 
ATOM   46   C  C   . LYS A 1 22 ? -7.240  -7.950  10.016  1.00 36.18 ? 74  LYS A C   1 
ATOM   47   O  O   . LYS A 1 22 ? -7.984  -8.895  9.886   1.00 34.16 ? 74  LYS A O   1 
ATOM   48   C  CB  . LYS A 1 22 ? -8.596  -6.538  11.566  1.00 42.21 ? 74  LYS A CB  1 
ATOM   49   C  CG  . LYS A 1 22 ? -8.874  -6.127  13.003  1.00 48.32 ? 74  LYS A CG  1 
ATOM   50   C  CD  . LYS A 1 22 ? -10.227 -5.419  13.173  1.00 48.85 ? 74  LYS A CD  1 
ATOM   51   C  CE  . LYS A 1 22 ? -10.162 -3.964  12.715  1.00 56.91 ? 74  LYS A CE  1 
ATOM   52   N  N   . ILE A 1 23 ? -6.440  -7.552  9.032   1.00 32.21 ? 75  ILE A N   1 
ATOM   53   C  CA  . ILE A 1 23 ? -6.535  -8.193  7.730   1.00 32.29 ? 75  ILE A CA  1 
ATOM   54   C  C   . ILE A 1 23 ? -5.775  -9.521  7.589   1.00 31.54 ? 75  ILE A C   1 
ATOM   55   O  O   . ILE A 1 23 ? -4.554  -9.584  7.803   1.00 30.01 ? 75  ILE A O   1 
ATOM   56   C  CB  . ILE A 1 23 ? -6.120  -7.233  6.624   1.00 35.25 ? 75  ILE A CB  1 
ATOM   57   C  CG1 . ILE A 1 23 ? -7.114  -6.070  6.581   1.00 39.71 ? 75  ILE A CG1 1 
ATOM   58   C  CG2 . ILE A 1 23 ? -6.071  -7.953  5.247   1.00 35.30 ? 75  ILE A CG2 1 
ATOM   59   C  CD1 . ILE A 1 23 ? -6.677  -4.983  5.685   1.00 40.96 ? 75  ILE A CD1 1 
ATOM   60   N  N   . GLN A 1 24 ? -6.529  -10.577 7.285   1.00 30.74 ? 76  GLN A N   1 
ATOM   61   C  CA  A GLN A 1 24 ? -5.984  -11.895 6.988   0.50 30.25 ? 76  GLN A CA  1 
ATOM   62   C  CA  B GLN A 1 24 ? -5.951  -11.888 6.963   0.50 31.63 ? 76  GLN A CA  1 
ATOM   63   C  C   . GLN A 1 24 ? -4.871  -12.324 7.949   1.00 31.06 ? 76  GLN A C   1 
ATOM   64   O  O   . GLN A 1 24 ? -3.765  -12.680 7.536   1.00 31.58 ? 76  GLN A O   1 
ATOM   65   C  CB  A GLN A 1 24 ? -5.475  -11.889 5.549   0.50 29.89 ? 76  GLN A CB  1 
ATOM   66   C  CB  B GLN A 1 24 ? -5.334  -11.861 5.547   0.50 31.14 ? 76  GLN A CB  1 
ATOM   67   C  CG  A GLN A 1 24 ? -6.526  -11.391 4.554   0.50 30.28 ? 76  GLN A CG  1 
ATOM   68   C  CG  B GLN A 1 24 ? -6.144  -12.546 4.444   0.50 36.46 ? 76  GLN A CG  1 
ATOM   69   C  CD  A GLN A 1 24 ? -5.979  -11.247 3.167   0.50 29.57 ? 76  GLN A CD  1 
ATOM   70   C  CD  B GLN A 1 24 ? -5.348  -12.666 3.143   0.50 33.89 ? 76  GLN A CD  1 
ATOM   71   O  OE1 A GLN A 1 24 ? -5.162  -12.062 2.721   0.50 33.84 ? 76  GLN A OE1 1 
ATOM   72   O  OE1 B GLN A 1 24 ? -4.843  -13.738 2.796   0.50 30.77 ? 76  GLN A OE1 1 
ATOM   73   N  NE2 A GLN A 1 24 ? -6.417  -10.209 2.466   0.50 32.05 ? 76  GLN A NE2 1 
ATOM   74   N  NE2 B GLN A 1 24 ? -5.228  -11.555 2.426   0.50 42.50 ? 76  GLN A NE2 1 
ATOM   75   N  N   . LYS A 1 25 ? -5.187  -12.334 9.238   1.00 29.15 ? 77  LYS A N   1 
ATOM   76   C  CA  . LYS A 1 25 ? -4.180  -12.629 10.227  1.00 30.44 ? 77  LYS A CA  1 
ATOM   77   C  C   . LYS A 1 25 ? -3.629  -14.031 10.202  1.00 32.19 ? 77  LYS A C   1 
ATOM   78   O  O   . LYS A 1 25 ? -2.555  -14.258 10.743  1.00 35.20 ? 77  LYS A O   1 
ATOM   79   C  CB  . LYS A 1 25 ? -4.652  -12.226 11.630  1.00 32.86 ? 77  LYS A CB  1 
ATOM   80   C  CG  . LYS A 1 25 ? -4.569  -10.706 11.857  1.00 35.02 ? 77  LYS A CG  1 
ATOM   81   C  CD  . LYS A 1 25 ? -3.158  -10.177 11.474  1.00 36.70 ? 77  LYS A CD  1 
ATOM   82   C  CE  . LYS A 1 25 ? -2.769  -8.888  12.167  1.00 41.26 ? 77  LYS A CE  1 
ATOM   83   N  NZ  . LYS A 1 25 ? -1.434  -8.355  11.708  1.00 34.52 ? 77  LYS A NZ  1 
ATOM   84   N  N   . GLU A 1 26 ? -4.325  -14.961 9.553   1.00 31.02 ? 78  GLU A N   1 
ATOM   85   C  CA  . GLU A 1 26 ? -3.818  -16.316 9.381   1.00 31.61 ? 78  GLU A CA  1 
ATOM   86   C  C   . GLU A 1 26 ? -2.712  -16.417 8.306   1.00 29.84 ? 78  GLU A C   1 
ATOM   87   O  O   . GLU A 1 26 ? -2.039  -17.431 8.187   1.00 31.54 ? 78  GLU A O   1 
ATOM   88   C  CB  . GLU A 1 26 ? -4.986  -17.299 9.083   1.00 33.96 ? 78  GLU A CB  1 
ATOM   89   C  CG  . GLU A 1 26 ? -5.631  -17.200 7.661   1.00 40.14 ? 78  GLU A CG  1 
ATOM   90   C  CD  . GLU A 1 26 ? -6.345  -15.866 7.365   1.00 50.85 ? 78  GLU A CD  1 
ATOM   91   O  OE1 . GLU A 1 26 ? -6.989  -15.292 8.278   1.00 50.31 ? 78  GLU A OE1 1 
ATOM   92   O  OE2 . GLU A 1 26 ? -6.258  -15.397 6.208   1.00 57.13 ? 78  GLU A OE2 1 
ATOM   93   N  N   . ASN A 1 27 ? -2.531  -15.365 7.528   1.00 30.76 ? 79  ASN A N   1 
ATOM   94   C  CA  . ASN A 1 27 ? -1.536  -15.321 6.485   1.00 30.29 ? 79  ASN A CA  1 
ATOM   95   C  C   . ASN A 1 27 ? -0.245  -14.603 6.989   1.00 29.01 ? 79  ASN A C   1 
ATOM   96   O  O   . ASN A 1 27 ? -0.302  -13.432 7.394   1.00 28.99 ? 79  ASN A O   1 
ATOM   97   C  CB  . ASN A 1 27 ? -2.180  -14.572 5.312   1.00 31.77 ? 79  ASN A CB  1 
ATOM   98   C  CG  . ASN A 1 27 ? -1.301  -14.518 4.081   1.00 37.72 ? 79  ASN A CG  1 
ATOM   99   O  OD1 . ASN A 1 27 ? -0.092  -14.784 4.135   1.00 36.45 ? 79  ASN A OD1 1 
ATOM   100  N  ND2 . ASN A 1 27 ? -1.913  -14.151 2.949   1.00 34.04 ? 79  ASN A ND2 1 
ATOM   101  N  N   . PRO A 1 28 ? 0.916   -15.279 6.936   1.00 30.36 ? 80  PRO A N   1 
ATOM   102  C  CA  . PRO A 1 28 ? 2.162   -14.685 7.459   1.00 31.54 ? 80  PRO A CA  1 
ATOM   103  C  C   . PRO A 1 28 ? 2.666   -13.451 6.727   1.00 31.33 ? 80  PRO A C   1 
ATOM   104  O  O   . PRO A 1 28 ? 3.447   -12.681 7.288   1.00 29.75 ? 80  PRO A O   1 
ATOM   105  C  CB  . PRO A 1 28 ? 3.197   -15.821 7.330   1.00 32.36 ? 80  PRO A CB  1 
ATOM   106  C  CG  . PRO A 1 28 ? 2.455   -17.025 7.027   1.00 30.92 ? 80  PRO A CG  1 
ATOM   107  C  CD  . PRO A 1 28 ? 1.156   -16.634 6.405   1.00 32.27 ? 80  PRO A CD  1 
ATOM   108  N  N   . LYS A 1 29 ? 2.232   -13.255 5.490   1.00 31.22 ? 81  LYS A N   1 
ATOM   109  C  CA  . LYS A 1 29 ? 2.628   -12.066 4.730   1.00 31.54 ? 81  LYS A CA  1 
ATOM   110  C  C   . LYS A 1 29 ? 1.633   -11.825 3.601   1.00 30.34 ? 81  LYS A C   1 
ATOM   111  O  O   . LYS A 1 29 ? 1.585   -12.563 2.627   1.00 32.49 ? 81  LYS A O   1 
ATOM   112  C  CB  . LYS A 1 29 ? 4.047   -12.197 4.180   1.00 32.00 ? 81  LYS A CB  1 
ATOM   113  C  CG  . LYS A 1 29 ? 4.495   -10.953 3.382   1.00 32.39 ? 81  LYS A CG  1 
ATOM   114  C  CD  . LYS A 1 29 ? 5.988   -10.899 3.174   1.00 37.00 ? 81  LYS A CD  1 
ATOM   115  C  CE  . LYS A 1 29 ? 6.542   -12.129 2.515   1.00 47.35 ? 81  LYS A CE  1 
ATOM   116  N  NZ  . LYS A 1 29 ? 8.026   -12.119 2.603   1.00 51.48 ? 81  LYS A NZ  1 
ATOM   117  N  N   . VAL A 1 30 ? 0.834   -10.787 3.761   1.00 29.35 ? 82  VAL A N   1 
ATOM   118  C  CA  . VAL A 1 30 ? -0.192  -10.449 2.807   1.00 30.21 ? 82  VAL A CA  1 
ATOM   119  C  C   . VAL A 1 30 ? 0.398   -9.666  1.630   1.00 29.84 ? 82  VAL A C   1 
ATOM   120  O  O   . VAL A 1 30 ? 0.824   -8.532  1.764   1.00 29.45 ? 82  VAL A O   1 
ATOM   121  C  CB  . VAL A 1 30 ? -1.317  -9.671  3.494   1.00 29.43 ? 82  VAL A CB  1 
ATOM   122  C  CG1 . VAL A 1 30 ? -2.472  -9.350  2.489   1.00 30.21 ? 82  VAL A CG1 1 
ATOM   123  C  CG2 . VAL A 1 30 ? -1.821  -10.480 4.686   1.00 26.82 ? 82  VAL A CG2 1 
ATOM   124  N  N   . VAL A 1 31 ? 0.433   -10.314 0.478   1.00 30.59 ? 83  VAL A N   1 
ATOM   125  C  CA  . VAL A 1 31 ? 0.943   -9.723  -0.759  1.00 32.69 ? 83  VAL A CA  1 
ATOM   126  C  C   . VAL A 1 31 ? -0.197  -9.822  -1.748  1.00 33.16 ? 83  VAL A C   1 
ATOM   127  O  O   . VAL A 1 31 ? -0.818  -10.864 -1.874  1.00 34.71 ? 83  VAL A O   1 
ATOM   128  C  CB  . VAL A 1 31 ? 2.161   -10.512 -1.302  1.00 36.33 ? 83  VAL A CB  1 
ATOM   129  C  CG1 . VAL A 1 31 ? 2.545   -10.012 -2.695  1.00 34.47 ? 83  VAL A CG1 1 
ATOM   130  C  CG2 . VAL A 1 31 ? 3.372   -10.438 -0.318  1.00 34.63 ? 83  VAL A CG2 1 
ATOM   131  N  N   . ASN A 1 32 ? -0.534  -8.754  -2.428  1.00 31.69 ? 84  ASN A N   1 
ATOM   132  C  CA  . ASN A 1 32 ? -1.626  -8.834  -3.391  1.00 32.75 ? 84  ASN A CA  1 
ATOM   133  C  C   . ASN A 1 32 ? -1.038  -8.534  -4.745  1.00 34.58 ? 84  ASN A C   1 
ATOM   134  O  O   . ASN A 1 32 ? -0.266  -7.598  -4.876  1.00 32.29 ? 84  ASN A O   1 
ATOM   135  C  CB  . ASN A 1 32 ? -2.699  -7.808  -3.067  1.00 33.10 ? 84  ASN A CB  1 
ATOM   136  C  CG  . ASN A 1 32 ? -3.505  -8.174  -1.856  1.00 37.64 ? 84  ASN A CG  1 
ATOM   137  O  OD1 . ASN A 1 32 ? -3.275  -7.652  -0.775  1.00 34.29 ? 84  ASN A OD1 1 
ATOM   138  N  ND2 . ASN A 1 32 ? -4.466  -9.076  -2.031  1.00 35.05 ? 84  ASN A ND2 1 
ATOM   139  N  N   . GLU A 1 33 ? -1.363  -9.356  -5.727  1.00 34.94 ? 85  GLU A N   1 
ATOM   140  C  CA  . GLU A 1 33 ? -0.951  -9.129  -7.113  1.00 39.98 ? 85  GLU A CA  1 
ATOM   141  C  C   . GLU A 1 33 ? -2.092  -8.494  -7.917  1.00 41.58 ? 85  GLU A C   1 
ATOM   142  O  O   . GLU A 1 33 ? -3.270  -8.864  -7.761  1.00 44.48 ? 85  GLU A O   1 
ATOM   143  C  CB  . GLU A 1 33 ? -0.524  -10.436 -7.768  1.00 39.08 ? 85  GLU A CB  1 
ATOM   144  C  CG  . GLU A 1 33 ? 0.727   -11.036 -7.142  1.00 44.19 ? 85  GLU A CG  1 
ATOM   145  N  N   . ILE A 1 34 ? -1.736  -7.513  -8.740  1.00 39.95 ? 86  ILE A N   1 
ATOM   146  C  CA  . ILE A 1 34 ? -2.676  -6.803  -9.593  1.00 38.85 ? 86  ILE A CA  1 
ATOM   147  C  C   . ILE A 1 34 ? -2.260  -7.059  -11.037 1.00 36.54 ? 86  ILE A C   1 
ATOM   148  O  O   . ILE A 1 34 ? -1.119  -6.802  -11.415 1.00 32.26 ? 86  ILE A O   1 
ATOM   149  C  CB  . ILE A 1 34 ? -2.621  -5.274  -9.348  1.00 39.99 ? 86  ILE A CB  1 
ATOM   150  C  CG1 . ILE A 1 34 ? -2.924  -4.949  -7.893  1.00 45.85 ? 86  ILE A CG1 1 
ATOM   151  C  CG2 . ILE A 1 34 ? -3.540  -4.494  -10.326 1.00 41.91 ? 86  ILE A CG2 1 
ATOM   152  C  CD1 . ILE A 1 34 ? -3.981  -5.849  -7.243  1.00 53.01 ? 86  ILE A CD1 1 
ATOM   153  N  N   . ASN A 1 35 ? -3.183  -7.576  -11.834 1.00 35.20 ? 87  ASN A N   1 
ATOM   154  C  CA  . ASN A 1 35 ? -2.947  -7.743  -13.251 1.00 35.66 ? 87  ASN A CA  1 
ATOM   155  C  C   . ASN A 1 35 ? -3.342  -6.451  -13.955 1.00 35.11 ? 87  ASN A C   1 
ATOM   156  O  O   . ASN A 1 35 ? -4.518  -6.185  -14.160 1.00 33.43 ? 87  ASN A O   1 
ATOM   157  C  CB  . ASN A 1 35 ? -3.736  -8.923  -13.761 1.00 36.63 ? 87  ASN A CB  1 
ATOM   158  C  CG  . ASN A 1 35 ? -3.364  -10.199 -13.037 1.00 42.36 ? 87  ASN A CG  1 
ATOM   159  O  OD1 . ASN A 1 35 ? -4.152  -10.730 -12.252 1.00 48.82 ? 87  ASN A OD1 1 
ATOM   160  N  ND2 . ASN A 1 35 ? -2.133  -10.666 -13.256 1.00 41.41 ? 87  ASN A ND2 1 
ATOM   161  N  N   . ILE A 1 36 ? -2.334  -5.646  -14.272 1.00 36.06 ? 88  ILE A N   1 
ATOM   162  C  CA  . ILE A 1 36 ? -2.489  -4.339  -14.924 1.00 36.70 ? 88  ILE A CA  1 
ATOM   163  C  C   . ILE A 1 36 ? -3.314  -4.401  -16.189 1.00 33.87 ? 88  ILE A C   1 
ATOM   164  O  O   . ILE A 1 36 ? -4.160  -3.562  -16.398 1.00 33.38 ? 88  ILE A O   1 
ATOM   165  C  CB  . ILE A 1 36 ? -1.105  -3.729  -15.291 1.00 36.66 ? 88  ILE A CB  1 
ATOM   166  C  CG1 . ILE A 1 36 ? -0.426  -3.196  -14.035 1.00 38.39 ? 88  ILE A CG1 1 
ATOM   167  C  CG2 . ILE A 1 36 ? -1.235  -2.651  -16.356 1.00 40.60 ? 88  ILE A CG2 1 
ATOM   168  C  CD1 . ILE A 1 36 ? -1.378  -2.601  -13.023 1.00 45.39 ? 88  ILE A CD1 1 
ATOM   169  N  N   . GLU A 1 37 ? -3.080  -5.398  -17.020 1.00 35.59 ? 89  GLU A N   1 
ATOM   170  C  CA  . GLU A 1 37 ? -3.823  -5.524  -18.269 1.00 36.84 ? 89  GLU A CA  1 
ATOM   171  C  C   . GLU A 1 37 ? -5.338  -5.648  -18.034 1.00 37.82 ? 89  GLU A C   1 
ATOM   172  O  O   . GLU A 1 37 ? -6.113  -5.473  -18.967 1.00 37.95 ? 89  GLU A O   1 
ATOM   173  C  CB  . GLU A 1 37 ? -3.328  -6.735  -19.073 1.00 36.85 ? 89  GLU A CB  1 
ATOM   174  N  N   . ASP A 1 38 ? -5.757  -5.950  -16.799 1.00 39.11 ? 90  ASP A N   1 
ATOM   175  C  CA  . ASP A 1 38 ? -7.177  -6.171  -16.510 1.00 38.70 ? 90  ASP A CA  1 
ATOM   176  C  C   . ASP A 1 38 ? -7.853  -5.063  -15.690 1.00 38.13 ? 90  ASP A C   1 
ATOM   177  O  O   . ASP A 1 38 ? -9.001  -5.218  -15.303 1.00 38.15 ? 90  ASP A O   1 
ATOM   178  C  CB  . ASP A 1 38 ? -7.374  -7.534  -15.839 1.00 38.23 ? 90  ASP A CB  1 
ATOM   179  N  N   . LEU A 1 39 ? -7.161  -3.955  -15.430 1.00 37.26 ? 91  LEU A N   1 
ATOM   180  C  CA  . LEU A 1 39 ? -7.794  -2.810  -14.768 1.00 39.27 ? 91  LEU A CA  1 
ATOM   181  C  C   . LEU A 1 39 ? -8.976  -2.330  -15.606 1.00 39.89 ? 91  LEU A C   1 
ATOM   182  O  O   . LEU A 1 39 ? -8.815  -2.084  -16.792 1.00 39.48 ? 91  LEU A O   1 
ATOM   183  C  CB  . LEU A 1 39 ? -6.816  -1.646  -14.607 1.00 39.52 ? 91  LEU A CB  1 
ATOM   184  C  CG  . LEU A 1 39 ? -5.856  -1.688  -13.438 1.00 44.61 ? 91  LEU A CG  1 
ATOM   185  C  CD1 . LEU A 1 39 ? -4.904  -0.500  -13.537 1.00 49.88 ? 91  LEU A CD1 1 
ATOM   186  C  CD2 . LEU A 1 39 ? -6.645  -1.672  -12.131 1.00 41.94 ? 91  LEU A CD2 1 
ATOM   187  N  N   . SER A 1 40 ? -10.154 -2.198  -14.997 1.00 41.80 ? 92  SER A N   1 
ATOM   188  C  CA  . SER A 1 40 ? -11.356 -1.793  -15.750 1.00 45.28 ? 92  SER A CA  1 
ATOM   189  C  C   . SER A 1 40 ? -11.590 -0.280  -15.699 1.00 45.20 ? 92  SER A C   1 
ATOM   190  O  O   . SER A 1 40 ? -12.071 0.314   -16.666 1.00 46.05 ? 92  SER A O   1 
ATOM   191  C  CB  . SER A 1 40 ? -12.595 -2.537  -15.224 1.00 46.83 ? 92  SER A CB  1 
ATOM   192  N  N   . LEU A 1 41 ? -11.244 0.315   -14.563 1.00 43.99 ? 93  LEU A N   1 
ATOM   193  C  CA  . LEU A 1 41 ? -11.366 1.749   -14.329 1.00 44.45 ? 93  LEU A CA  1 
ATOM   194  C  C   . LEU A 1 41 ? -10.100 2.466   -14.776 1.00 43.64 ? 93  LEU A C   1 
ATOM   195  O  O   . LEU A 1 41 ? -9.001  1.909   -14.651 1.00 43.79 ? 93  LEU A O   1 
ATOM   196  C  CB  . LEU A 1 41 ? -11.495 1.996   -12.820 1.00 44.72 ? 93  LEU A CB  1 
ATOM   197  C  CG  . LEU A 1 41 ? -12.594 1.247   -12.062 1.00 46.27 ? 93  LEU A CG  1 
ATOM   198  C  CD1 . LEU A 1 41 ? -12.338 1.293   -10.573 1.00 42.73 ? 93  LEU A CD1 1 
ATOM   199  C  CD2 . LEU A 1 41 ? -13.973 1.835   -12.438 1.00 38.71 ? 93  LEU A CD2 1 
ATOM   200  N  N   . THR A 1 42 ? -10.230 3.715   -15.221 1.00 39.12 ? 94  THR A N   1 
ATOM   201  C  CA  . THR A 1 42 ? -9.057  4.499   -15.601 1.00 37.28 ? 94  THR A CA  1 
ATOM   202  C  C   . THR A 1 42 ? -8.260  4.997   -14.392 1.00 36.73 ? 94  THR A C   1 
ATOM   203  O  O   . THR A 1 42 ? -7.124  5.430   -14.542 1.00 34.72 ? 94  THR A O   1 
ATOM   204  C  CB  . THR A 1 42 ? -9.440  5.703   -16.473 1.00 38.09 ? 94  THR A CB  1 
ATOM   205  O  OG1 . THR A 1 42 ? -10.146 6.664   -15.678 1.00 39.69 ? 94  THR A OG1 1 
ATOM   206  C  CG2 . THR A 1 42 ? -10.291 5.256   -17.646 1.00 34.24 ? 94  THR A CG2 1 
ATOM   207  N  N   . LYS A 1 43 ? -8.865  4.950   -13.204 1.00 35.62 ? 95  LYS A N   1 
ATOM   208  C  CA  . LYS A 1 43 ? -8.238  5.375   -11.967 1.00 36.50 ? 95  LYS A CA  1 
ATOM   209  C  C   . LYS A 1 43 ? -8.713  4.425   -10.869 1.00 36.54 ? 95  LYS A C   1 
ATOM   210  O  O   . LYS A 1 43 ? -9.919  4.319   -10.633 1.00 35.56 ? 95  LYS A O   1 
ATOM   211  C  CB  . LYS A 1 43 ? -8.647  6.812   -11.660 1.00 37.36 ? 95  LYS A CB  1 
ATOM   212  C  CG  . LYS A 1 43 ? -8.134  7.395   -10.356 1.00 39.65 ? 95  LYS A CG  1 
ATOM   213  C  CD  . LYS A 1 43 ? -8.607  8.873   -10.255 1.00 43.14 ? 95  LYS A CD  1 
ATOM   214  N  N   . ALA A 1 44 ? -7.774  3.715   -10.238 1.00 32.17 ? 96  ALA A N   1 
ATOM   215  C  CA  . ALA A 1 44 ? -8.060  2.723   -9.195  1.00 33.90 ? 96  ALA A CA  1 
ATOM   216  C  C   . ALA A 1 44 ? -7.126  2.975   -8.027  1.00 34.20 ? 96  ALA A C   1 
ATOM   217  O  O   . ALA A 1 44 ? -5.914  3.052   -8.205  1.00 34.57 ? 96  ALA A O   1 
ATOM   218  C  CB  . ALA A 1 44 ? -7.830  1.307   -9.717  1.00 32.75 ? 96  ALA A CB  1 
ATOM   219  N  N   . ALA A 1 45 ? -7.693  3.085   -6.839  1.00 32.11 ? 97  ALA A N   1 
ATOM   220  C  CA  . ALA A 1 45 ? -6.954  3.429   -5.650  1.00 32.20 ? 97  ALA A CA  1 
ATOM   221  C  C   . ALA A 1 45 ? -6.788  2.146   -4.819  1.00 32.75 ? 97  ALA A C   1 
ATOM   222  O  O   . ALA A 1 45 ? -7.759  1.399   -4.621  1.00 32.39 ? 97  ALA A O   1 
ATOM   223  C  CB  . ALA A 1 45 ? -7.735  4.492   -4.885  1.00 33.08 ? 97  ALA A CB  1 
ATOM   224  N  N   . TYR A 1 46 ? -5.563  1.914   -4.362  1.00 31.43 ? 98  TYR A N   1 
ATOM   225  C  CA  A TYR A 1 46 ? -5.217  0.751   -3.551  0.50 31.13 ? 98  TYR A CA  1 
ATOM   226  C  CA  B TYR A 1 46 ? -5.204  0.761   -3.557  0.50 31.83 ? 98  TYR A CA  1 
ATOM   227  C  C   . TYR A 1 46 ? -4.764  1.184   -2.160  1.00 32.30 ? 98  TYR A C   1 
ATOM   228  O  O   . TYR A 1 46 ? -3.993  2.143   -2.003  1.00 32.20 ? 98  TYR A O   1 
ATOM   229  C  CB  A TYR A 1 46 ? -4.152  -0.095  -4.250  0.50 31.35 ? 98  TYR A CB  1 
ATOM   230  C  CB  B TYR A 1 46 ? -4.125  -0.059  -4.268  0.50 32.78 ? 98  TYR A CB  1 
ATOM   231  C  CG  A TYR A 1 46 ? -4.697  -0.632  -5.538  0.50 30.94 ? 98  TYR A CG  1 
ATOM   232  C  CG  B TYR A 1 46 ? -4.786  -1.057  -5.160  0.50 35.14 ? 98  TYR A CG  1 
ATOM   233  C  CD1 A TYR A 1 46 ? -5.427  -1.814  -5.565  0.50 34.61 ? 98  TYR A CD1 1 
ATOM   234  C  CD1 B TYR A 1 46 ? -4.893  -2.381  -4.775  0.50 35.92 ? 98  TYR A CD1 1 
ATOM   235  C  CD2 A TYR A 1 46 ? -4.593  0.097   -6.701  0.50 30.50 ? 98  TYR A CD2 1 
ATOM   236  C  CD2 B TYR A 1 46 ? -5.423  -0.652  -6.326  0.50 37.64 ? 98  TYR A CD2 1 
ATOM   237  C  CE1 A TYR A 1 46 ? -5.985  -2.276  -6.735  0.50 36.60 ? 98  TYR A CE1 1 
ATOM   238  C  CE1 B TYR A 1 46 ? -5.557  -3.288  -5.549  0.50 37.74 ? 98  TYR A CE1 1 
ATOM   239  C  CE2 A TYR A 1 46 ? -5.144  -0.363  -7.885  0.50 34.23 ? 98  TYR A CE2 1 
ATOM   240  C  CE2 B TYR A 1 46 ? -6.097  -1.552  -7.108  0.50 37.63 ? 98  TYR A CE2 1 
ATOM   241  C  CZ  A TYR A 1 46 ? -5.834  -1.542  -7.898  0.50 36.33 ? 98  TYR A CZ  1 
ATOM   242  C  CZ  B TYR A 1 46 ? -6.157  -2.874  -6.714  0.50 39.31 ? 98  TYR A CZ  1 
ATOM   243  O  OH  A TYR A 1 46 ? -6.379  -1.986  -9.084  0.50 37.37 ? 98  TYR A OH  1 
ATOM   244  O  OH  B TYR A 1 46 ? -6.813  -3.804  -7.482  0.50 42.74 ? 98  TYR A OH  1 
ATOM   245  N  N   . CYS A 1 47 ? -5.278  0.475   -1.168  1.00 30.78 ? 99  CYS A N   1 
ATOM   246  C  CA  . CYS A 1 47 ? -5.035  0.757   0.222   1.00 31.47 ? 99  CYS A CA  1 
ATOM   247  C  C   . CYS A 1 47 ? -3.591  0.529   0.705   1.00 32.32 ? 99  CYS A C   1 
ATOM   248  O  O   . CYS A 1 47 ? -2.973  -0.479  0.436   1.00 31.75 ? 99  CYS A O   1 
ATOM   249  C  CB  . CYS A 1 47 ? -6.019  -0.077  1.054   1.00 31.28 ? 99  CYS A CB  1 
ATOM   250  S  SG  . CYS A 1 47 ? -5.969  0.127   2.849   1.00 32.70 ? 99  CYS A SG  1 
ATOM   251  N  N   . ARG A 1 48 ? -3.092  1.512   1.441   1.00 32.58 ? 100 ARG A N   1 
ATOM   252  C  CA  . ARG A 1 48 ? -1.805  1.452   2.140   1.00 31.27 ? 100 ARG A CA  1 
ATOM   253  C  C   . ARG A 1 48 ? -1.978  1.695   3.654   1.00 31.33 ? 100 ARG A C   1 
ATOM   254  O  O   . ARG A 1 48 ? -1.010  1.916   4.367   1.00 33.74 ? 100 ARG A O   1 
ATOM   255  C  CB  . ARG A 1 48 ? -0.851  2.496   1.516   1.00 32.39 ? 100 ARG A CB  1 
ATOM   256  C  CG  . ARG A 1 48 ? -0.551  2.210   0.024   1.00 31.20 ? 100 ARG A CG  1 
ATOM   257  C  CD  . ARG A 1 48 ? 0.594   2.999   -0.503  1.00 30.49 ? 100 ARG A CD  1 
ATOM   258  N  NE  . ARG A 1 48 ? 0.342   4.446   -0.438  1.00 30.43 ? 100 ARG A NE  1 
ATOM   259  C  CZ  . ARG A 1 48 ? 1.117   5.347   -1.013  1.00 30.10 ? 100 ARG A CZ  1 
ATOM   260  N  NH1 . ARG A 1 48 ? 2.185   4.960   -1.714  1.00 30.29 ? 100 ARG A NH1 1 
ATOM   261  N  NH2 . ARG A 1 48 ? 0.817   6.633   -0.896  1.00 30.25 ? 100 ARG A NH2 1 
ATOM   262  N  N   . CYS A 1 49 ? -3.205  1.646   4.157   1.00 34.02 ? 101 CYS A N   1 
ATOM   263  C  CA  . CYS A 1 49 ? -3.468  1.852   5.584   1.00 32.37 ? 101 CYS A CA  1 
ATOM   264  C  C   . CYS A 1 49 ? -3.959  0.598   6.309   1.00 33.67 ? 101 CYS A C   1 
ATOM   265  O  O   . CYS A 1 49 ? -4.039  0.613   7.538   1.00 33.53 ? 101 CYS A O   1 
ATOM   266  C  CB  . CYS A 1 49 ? -4.502  2.971   5.768   1.00 34.27 ? 101 CYS A CB  1 
ATOM   267  S  SG  . CYS A 1 49 ? -6.222  2.560   5.443   1.00 32.61 ? 101 CYS A SG  1 
ATOM   268  N  N   . TRP A 1 50 ? -4.338  -0.454  5.560   1.00 30.55 ? 102 TRP A N   1 
ATOM   269  C  CA  . TRP A 1 50 ? -4.802  -1.724  6.127   1.00 31.78 ? 102 TRP A CA  1 
ATOM   270  C  C   . TRP A 1 50 ? -6.117  -1.634  6.908   1.00 33.59 ? 102 TRP A C   1 
ATOM   271  O  O   . TRP A 1 50 ? -6.353  -2.422  7.830   1.00 34.60 ? 102 TRP A O   1 
ATOM   272  C  CB  . TRP A 1 50 ? -3.703  -2.403  6.977   1.00 30.68 ? 102 TRP A CB  1 
ATOM   273  C  CG  . TRP A 1 50 ? -2.492  -2.678  6.140   1.00 30.92 ? 102 TRP A CG  1 
ATOM   274  C  CD1 . TRP A 1 50 ? -1.530  -1.790  5.810   1.00 30.23 ? 102 TRP A CD1 1 
ATOM   275  C  CD2 . TRP A 1 50 ? -2.161  -3.894  5.467   1.00 28.16 ? 102 TRP A CD2 1 
ATOM   276  N  NE1 . TRP A 1 50 ? -0.590  -2.380  5.004   1.00 31.25 ? 102 TRP A NE1 1 
ATOM   277  C  CE2 . TRP A 1 50 ? -0.956  -3.671  4.771   1.00 29.31 ? 102 TRP A CE2 1 
ATOM   278  C  CE3 . TRP A 1 50 ? -2.751  -5.162  5.395   1.00 29.27 ? 102 TRP A CE3 1 
ATOM   279  C  CZ2 . TRP A 1 50 ? -0.340  -4.651  4.004   1.00 28.75 ? 102 TRP A CZ2 1 
ATOM   280  C  CZ3 . TRP A 1 50 ? -2.125  -6.141  4.661   1.00 30.10 ? 102 TRP A CZ3 1 
ATOM   281  C  CH2 . TRP A 1 50 ? -0.927  -5.879  3.970   1.00 28.68 ? 102 TRP A CH2 1 
ATOM   282  N  N   . ARG A 1 51 ? -6.968  -0.681  6.529   1.00 32.77 ? 103 ARG A N   1 
ATOM   283  C  CA  . ARG A 1 51 ? -8.260  -0.511  7.146   1.00 32.68 ? 103 ARG A CA  1 
ATOM   284  C  C   . ARG A 1 51 ? -9.408  -0.651  6.156   1.00 33.90 ? 103 ARG A C   1 
ATOM   285  O  O   . ARG A 1 51 ? -10.562 -0.719  6.565   1.00 34.18 ? 103 ARG A O   1 
ATOM   286  C  CB  . ARG A 1 51 ? -8.358  0.883   7.790   1.00 34.71 ? 103 ARG A CB  1 
ATOM   287  C  CG  . ARG A 1 51 ? -7.247  1.270   8.779   1.00 38.35 ? 103 ARG A CG  1 
ATOM   288  C  CD  . ARG A 1 51 ? -7.300  0.356   9.977   1.00 40.94 ? 103 ARG A CD  1 
ATOM   289  N  NE  . ARG A 1 51 ? -6.384  0.715   11.065  1.00 36.86 ? 103 ARG A NE  1 
ATOM   290  C  CZ  . ARG A 1 51 ? -5.114  0.340   11.143  1.00 37.83 ? 103 ARG A CZ  1 
ATOM   291  N  NH1 . ARG A 1 51 ? -4.552  -0.366  10.182  1.00 39.87 ? 103 ARG A NH1 1 
ATOM   292  N  NH2 . ARG A 1 51 ? -4.384  0.696   12.184  1.00 40.60 ? 103 ARG A NH2 1 
ATOM   293  N  N   . SER A 1 52 ? -9.133  -0.688  4.862   1.00 32.24 ? 104 SER A N   1 
ATOM   294  C  CA  . SER A 1 52 ? -10.214 -0.750  3.890   1.00 33.09 ? 104 SER A CA  1 
ATOM   295  C  C   . SER A 1 52 ? -11.071 -1.987  4.047   1.00 34.39 ? 104 SER A C   1 
ATOM   296  O  O   . SER A 1 52 ? -10.558 -3.076  4.221   1.00 34.25 ? 104 SER A O   1 
ATOM   297  C  CB  . SER A 1 52 ? -9.666  -0.752  2.477   1.00 34.24 ? 104 SER A CB  1 
ATOM   298  O  OG  . SER A 1 52 ? -10.729 -0.727  1.556   1.00 34.01 ? 104 SER A OG  1 
ATOM   299  N  N   . LYS A 1 53 ? -12.380 -1.817  3.947   1.00 36.28 ? 105 LYS A N   1 
ATOM   300  C  CA  . LYS A 1 53 ? -13.286 -2.949  3.886   1.00 36.51 ? 105 LYS A CA  1 
ATOM   301  C  C   . LYS A 1 53 ? -13.290 -3.608  2.489   1.00 36.34 ? 105 LYS A C   1 
ATOM   302  O  O   . LYS A 1 53 ? -13.888 -4.661  2.304   1.00 34.79 ? 105 LYS A O   1 
ATOM   303  C  CB  . LYS A 1 53 ? -14.697 -2.516  4.262   1.00 39.33 ? 105 LYS A CB  1 
ATOM   304  C  CG  . LYS A 1 53 ? -14.820 -1.918  5.666   1.00 44.48 ? 105 LYS A CG  1 
ATOM   305  C  CD  . LYS A 1 53 ? -14.320 -2.878  6.742   1.00 47.92 ? 105 LYS A CD  1 
ATOM   306  N  N   . THR A 1 54 ? -12.659 -2.992  1.497   1.00 34.59 ? 106 THR A N   1 
ATOM   307  C  CA  . THR A 1 54 ? -12.568 -3.617  0.174   1.00 33.18 ? 106 THR A CA  1 
ATOM   308  C  C   . THR A 1 54 ? -11.093 -3.961  -0.143  1.00 31.57 ? 106 THR A C   1 
ATOM   309  O  O   . THR A 1 54 ? -10.708 -4.111  -1.309  1.00 32.70 ? 106 THR A O   1 
ATOM   310  C  CB  . THR A 1 54 ? -13.119 -2.684  -0.897  1.00 33.57 ? 106 THR A CB  1 
ATOM   311  O  OG1 . THR A 1 54 ? -12.329 -1.489  -0.935  1.00 34.50 ? 106 THR A OG1 1 
ATOM   312  C  CG2 . THR A 1 54 ? -14.573 -2.328  -0.645  1.00 36.85 ? 106 THR A CG2 1 
ATOM   313  N  N   . PHE A 1 55 ? -10.282 -4.099  0.899   1.00 32.27 ? 107 PHE A N   1 
ATOM   314  C  CA  . PHE A 1 55 ? -8.835  -4.360  0.761   1.00 33.62 ? 107 PHE A CA  1 
ATOM   315  C  C   . PHE A 1 55 ? -8.660  -5.472  -0.262  1.00 33.22 ? 107 PHE A C   1 
ATOM   316  O  O   . PHE A 1 55 ? -9.381  -6.421  -0.237  1.00 31.46 ? 107 PHE A O   1 
ATOM   317  C  CB  . PHE A 1 55 ? -8.228  -4.740  2.130   1.00 34.62 ? 107 PHE A CB  1 
ATOM   318  C  CG  . PHE A 1 55 ? -6.713  -4.707  2.159   1.00 33.71 ? 107 PHE A CG  1 
ATOM   319  C  CD1 . PHE A 1 55 ? -6.055  -3.526  2.417   1.00 34.02 ? 107 PHE A CD1 1 
ATOM   320  C  CD2 . PHE A 1 55 ? -5.965  -5.854  1.890   1.00 37.12 ? 107 PHE A CD2 1 
ATOM   321  C  CE1 . PHE A 1 55 ? -4.677  -3.458  2.442   1.00 35.05 ? 107 PHE A CE1 1 
ATOM   322  C  CE2 . PHE A 1 55 ? -4.583  -5.801  1.895   1.00 34.34 ? 107 PHE A CE2 1 
ATOM   323  C  CZ  . PHE A 1 55 ? -3.935  -4.594  2.179   1.00 35.78 ? 107 PHE A CZ  1 
ATOM   324  N  N   . PRO A 1 56 ? -7.689  -5.364  -1.175  1.00 33.28 ? 108 PRO A N   1 
ATOM   325  C  CA  . PRO A 1 56 ? -6.653  -4.380  -1.311  1.00 31.85 ? 108 PRO A CA  1 
ATOM   326  C  C   . PRO A 1 56 ? -7.043  -3.007  -1.908  1.00 30.94 ? 108 PRO A C   1 
ATOM   327  O  O   . PRO A 1 56 ? -6.182  -2.142  -2.001  1.00 29.32 ? 108 PRO A O   1 
ATOM   328  C  CB  . PRO A 1 56 ? -5.637  -5.099  -2.192  1.00 32.34 ? 108 PRO A CB  1 
ATOM   329  C  CG  . PRO A 1 56 ? -6.466  -5.931  -3.102  1.00 37.13 ? 108 PRO A CG  1 
ATOM   330  C  CD  . PRO A 1 56 ? -7.575  -6.431  -2.187  1.00 35.54 ? 108 PRO A CD  1 
ATOM   331  N  N   . ALA A 1 57 ? -8.299  -2.819  -2.300  1.00 32.00 ? 109 ALA A N   1 
ATOM   332  C  CA  . ALA A 1 57 ? -8.784  -1.523  -2.775  1.00 33.24 ? 109 ALA A CA  1 
ATOM   333  C  C   . ALA A 1 57 ? -8.906  -0.557  -1.601  1.00 34.31 ? 109 ALA A C   1 
ATOM   334  O  O   . ALA A 1 57 ? -9.123  -0.969  -0.442  1.00 32.16 ? 109 ALA A O   1 
ATOM   335  C  CB  . ALA A 1 57 ? -10.193 -1.657  -3.490  1.00 31.16 ? 109 ALA A CB  1 
ATOM   336  N  N   . CYS A 1 58 ? -8.769  0.723   -1.925  1.00 33.97 ? 110 CYS A N   1 
ATOM   337  C  CA  . CYS A 1 58 ? -8.969  1.802   -0.977  1.00 34.04 ? 110 CYS A CA  1 
ATOM   338  C  C   . CYS A 1 58 ? -10.458 2.163   -0.979  1.00 34.95 ? 110 CYS A C   1 
ATOM   339  O  O   . CYS A 1 58 ? -11.039 2.342   -2.029  1.00 34.70 ? 110 CYS A O   1 
ATOM   340  C  CB  . CYS A 1 58 ? -8.125  2.998   -1.401  1.00 33.97 ? 110 CYS A CB  1 
ATOM   341  S  SG  . CYS A 1 58 ? -8.510  4.531   -0.552  1.00 33.72 ? 110 CYS A SG  1 
ATOM   342  N  N   . ASP A 1 59 ? -11.089 2.224   0.194   1.00 33.65 ? 111 ASP A N   1 
ATOM   343  C  CA  . ASP A 1 59 ? -12.462 2.661   0.275   1.00 33.24 ? 111 ASP A CA  1 
ATOM   344  C  C   . ASP A 1 59 ? -12.599 3.988   1.039   1.00 32.68 ? 111 ASP A C   1 
ATOM   345  O  O   . ASP A 1 59 ? -13.690 4.343   1.451   1.00 33.64 ? 111 ASP A O   1 
ATOM   346  C  CB  . ASP A 1 59 ? -13.353 1.571   0.918   1.00 33.72 ? 111 ASP A CB  1 
ATOM   347  C  CG  . ASP A 1 59 ? -13.052 1.378   2.400   1.00 36.49 ? 111 ASP A CG  1 
ATOM   348  O  OD1 . ASP A 1 59 ? -12.075 1.982   2.869   1.00 37.03 ? 111 ASP A OD1 1 
ATOM   349  O  OD2 . ASP A 1 59 ? -13.760 0.644   3.117   1.00 35.50 ? 111 ASP A OD2 1 
ATOM   350  N  N   . GLY A 1 60 ? -11.512 4.720   1.238   1.00 33.12 ? 112 GLY A N   1 
ATOM   351  C  CA  . GLY A 1 60 ? -11.556 5.976   1.983   1.00 33.45 ? 112 GLY A CA  1 
ATOM   352  C  C   . GLY A 1 60 ? -11.417 5.844   3.498   1.00 35.69 ? 112 GLY A C   1 
ATOM   353  O  O   . GLY A 1 60 ? -11.446 6.852   4.226   1.00 32.44 ? 112 GLY A O   1 
ATOM   354  N  N   . SER A 1 61 ? -11.215 4.615   3.979   1.00 34.32 ? 113 SER A N   1 
ATOM   355  C  CA  . SER A 1 61 ? -11.022 4.366   5.418   1.00 35.25 ? 113 SER A CA  1 
ATOM   356  C  C   . SER A 1 61 ? -9.764  5.024   5.998   1.00 32.16 ? 113 SER A C   1 
ATOM   357  O  O   . SER A 1 61 ? -9.668  5.204   7.207   1.00 32.91 ? 113 SER A O   1 
ATOM   358  C  CB  . SER A 1 61 ? -10.991 2.864   5.721   1.00 36.09 ? 113 SER A CB  1 
ATOM   359  O  OG  . SER A 1 61 ? -12.252 2.251   5.445   1.00 33.88 ? 113 SER A OG  1 
ATOM   360  N  N   . HIS A 1 62 ? -8.809  5.373   5.152   1.00 33.69 ? 114 HIS A N   1 
ATOM   361  C  CA  . HIS A 1 62 ? -7.617  6.096   5.585   1.00 32.60 ? 114 HIS A CA  1 
ATOM   362  C  C   . HIS A 1 62 ? -7.962  7.421   6.237   1.00 34.24 ? 114 HIS A C   1 
ATOM   363  O  O   . HIS A 1 62 ? -7.241  7.885   7.154   1.00 33.74 ? 114 HIS A O   1 
ATOM   364  C  CB  . HIS A 1 62 ? -6.628  6.287   4.412   1.00 34.41 ? 114 HIS A CB  1 
ATOM   365  C  CG  . HIS A 1 62 ? -7.179  7.065   3.254   1.00 33.82 ? 114 HIS A CG  1 
ATOM   366  N  ND1 . HIS A 1 62 ? -7.814  6.468   2.190   1.00 30.81 ? 114 HIS A ND1 1 
ATOM   367  C  CD2 . HIS A 1 62 ? -7.190  8.395   2.999   1.00 38.37 ? 114 HIS A CD2 1 
ATOM   368  C  CE1 . HIS A 1 62 ? -8.193  7.393   1.329   1.00 38.02 ? 114 HIS A CE1 1 
ATOM   369  N  NE2 . HIS A 1 62 ? -7.830  8.573   1.798   1.00 34.32 ? 114 HIS A NE2 1 
ATOM   370  N  N   . ASN A 1 63 ? -9.075  8.031   5.811   1.00 35.26 ? 115 ASN A N   1 
ATOM   371  C  CA  . ASN A 1 63 ? -9.443  9.329   6.345   1.00 35.73 ? 115 ASN A CA  1 
ATOM   372  C  C   . ASN A 1 63 ? -9.798  9.244   7.814   1.00 35.45 ? 115 ASN A C   1 
ATOM   373  O  O   . ASN A 1 63 ? -9.357  10.072  8.587   1.00 35.47 ? 115 ASN A O   1 
ATOM   374  C  CB  . ASN A 1 63 ? -10.542 9.990   5.525   1.00 36.73 ? 115 ASN A CB  1 
ATOM   375  C  CG  . ASN A 1 63 ? -10.045 10.431  4.171   1.00 40.08 ? 115 ASN A CG  1 
ATOM   376  O  OD1 . ASN A 1 63 ? -8.977  11.064  4.062   1.00 37.55 ? 115 ASN A OD1 1 
ATOM   377  N  ND2 . ASN A 1 63 ? -10.808 10.103  3.119   1.00 37.99 ? 115 ASN A ND2 1 
ATOM   378  N  N   . LYS A 1 64 ? -10.534 8.209   8.199   1.00 36.38 ? 116 LYS A N   1 
ATOM   379  C  CA  . LYS A 1 64 ? -10.855 7.976   9.606   1.00 35.54 ? 116 LYS A CA  1 
ATOM   380  C  C   . LYS A 1 64 ? -9.600  7.622   10.416  1.00 33.72 ? 116 LYS A C   1 
ATOM   381  O  O   . LYS A 1 64 ? -9.438  8.099   11.529  1.00 32.03 ? 116 LYS A O   1 
ATOM   382  C  CB  . LYS A 1 64 ? -11.898 6.864   9.748   1.00 36.16 ? 116 LYS A CB  1 
ATOM   383  C  CG  . LYS A 1 64 ? -12.560 6.792   11.132  1.00 43.14 ? 116 LYS A CG  1 
ATOM   384  N  N   . HIS A 1 65 ? -8.718  6.798   9.854   1.00 32.67 ? 117 HIS A N   1 
ATOM   385  C  CA  . HIS A 1 65 ? -7.442  6.465   10.508  1.00 33.28 ? 117 HIS A CA  1 
ATOM   386  C  C   . HIS A 1 65 ? -6.623  7.711   10.784  1.00 30.77 ? 117 HIS A C   1 
ATOM   387  O  O   . HIS A 1 65 ? -6.139  7.898   11.900  1.00 33.27 ? 117 HIS A O   1 
ATOM   388  C  CB  . HIS A 1 65 ? -6.603  5.477   9.699   1.00 33.06 ? 117 HIS A CB  1 
ATOM   389  C  CG  . HIS A 1 65 ? -5.180  5.381   10.169  1.00 37.36 ? 117 HIS A CG  1 
ATOM   390  N  ND1 . HIS A 1 65 ? -4.805  4.643   11.273  1.00 33.92 ? 117 HIS A ND1 1 
ATOM   391  C  CD2 . HIS A 1 65 ? -4.046  5.972   9.712   1.00 35.79 ? 117 HIS A CD2 1 
ATOM   392  C  CE1 . HIS A 1 65 ? -3.503  4.764   11.464  1.00 39.42 ? 117 HIS A CE1 1 
ATOM   393  N  NE2 . HIS A 1 65 ? -3.018  5.577   10.539  1.00 40.55 ? 117 HIS A NE2 1 
ATOM   394  N  N   . ASN A 1 66 ? -6.512  8.581   9.789   1.00 30.68 ? 118 ASN A N   1 
ATOM   395  C  CA  . ASN A 1 66 ? -5.734  9.802   9.929   1.00 32.98 ? 118 ASN A CA  1 
ATOM   396  C  C   . ASN A 1 66 ? -6.306  10.743  10.980  1.00 32.63 ? 118 ASN A C   1 
ATOM   397  O  O   . ASN A 1 66 ? -5.559  11.358  11.726  1.00 32.37 ? 118 ASN A O   1 
ATOM   398  C  CB  . ASN A 1 66 ? -5.623  10.534  8.591   1.00 33.00 ? 118 ASN A CB  1 
ATOM   399  C  CG  . ASN A 1 66 ? -4.732  9.805   7.601   1.00 33.96 ? 118 ASN A CG  1 
ATOM   400  O  OD1 . ASN A 1 66 ? -3.898  8.983   7.987   1.00 34.29 ? 118 ASN A OD1 1 
ATOM   401  N  ND2 . ASN A 1 66 ? -4.901  10.107  6.319   1.00 30.83 ? 118 ASN A ND2 1 
ATOM   402  N  N   . GLU A 1 67 ? -7.630  10.855  11.032  1.00 32.72 ? 119 GLU A N   1 
ATOM   403  C  CA  . GLU A 1 67 ? -8.290  11.718  12.015  1.00 34.05 ? 119 GLU A CA  1 
ATOM   404  C  C   . GLU A 1 67 ? -8.088  11.187  13.424  1.00 34.84 ? 119 GLU A C   1 
ATOM   405  O  O   . GLU A 1 67 ? -7.788  11.947  14.337  1.00 36.59 ? 119 GLU A O   1 
ATOM   406  C  CB  . GLU A 1 67 ? -9.797  11.809  11.734  1.00 32.69 ? 119 GLU A CB  1 
ATOM   407  N  N   . LEU A 1 68 ? -8.237  9.875   13.582  1.00 35.93 ? 120 LEU A N   1 
ATOM   408  C  CA  A LEU A 1 68 ? -8.126  9.192   14.882  0.50 36.03 ? 120 LEU A CA  1 
ATOM   409  C  CA  B LEU A 1 68 ? -8.145  9.233   14.900  0.50 36.51 ? 120 LEU A CA  1 
ATOM   410  C  C   . LEU A 1 68 ? -6.715  9.260   15.450  1.00 35.41 ? 120 LEU A C   1 
ATOM   411  O  O   . LEU A 1 68 ? -6.520  9.536   16.618  1.00 34.81 ? 120 LEU A O   1 
ATOM   412  C  CB  A LEU A 1 68 ? -8.535  7.716   14.728  0.50 35.75 ? 120 LEU A CB  1 
ATOM   413  C  CB  B LEU A 1 68 ? -8.663  7.789   14.829  0.50 37.41 ? 120 LEU A CB  1 
ATOM   414  C  CG  A LEU A 1 68 ? -8.297  6.720   15.875  0.50 36.87 ? 120 LEU A CG  1 
ATOM   415  C  CG  B LEU A 1 68 ? -9.399  7.218   16.055  0.50 44.57 ? 120 LEU A CG  1 
ATOM   416  C  CD1 A LEU A 1 68 ? -9.109  7.069   17.137  0.50 38.41 ? 120 LEU A CD1 1 
ATOM   417  C  CD1 B LEU A 1 68 ? -10.002 5.865   15.699  0.50 45.56 ? 120 LEU A CD1 1 
ATOM   418  C  CD2 A LEU A 1 68 ? -8.623  5.305   15.403  0.50 37.00 ? 120 LEU A CD2 1 
ATOM   419  C  CD2 B LEU A 1 68 ? -8.516  7.107   17.302  0.50 46.64 ? 120 LEU A CD2 1 
ATOM   420  N  N   . THR A 1 69 ? -5.725  8.998   14.599  1.00 35.40 ? 121 THR A N   1 
ATOM   421  C  CA  . THR A 1 69 ? -4.318  8.923   15.025  1.00 34.52 ? 121 THR A CA  1 
ATOM   422  C  C   . THR A 1 69 ? -3.444  10.142  14.721  1.00 34.61 ? 121 THR A C   1 
ATOM   423  O  O   . THR A 1 69 ? -2.347  10.256  15.259  1.00 36.31 ? 121 THR A O   1 
ATOM   424  C  CB  . THR A 1 69 ? -3.646  7.733   14.359  1.00 34.37 ? 121 THR A CB  1 
ATOM   425  O  OG1 . THR A 1 69 ? -3.600  7.950   12.944  1.00 32.65 ? 121 THR A OG1 1 
ATOM   426  C  CG2 . THR A 1 69 ? -4.436  6.452   14.617  1.00 33.56 ? 121 THR A CG2 1 
ATOM   427  N  N   . GLY A 1 70 ? -3.913  11.048  13.868  1.00 33.00 ? 122 GLY A N   1 
ATOM   428  C  CA  . GLY A 1 70 ? -3.094  12.188  13.446  1.00 32.53 ? 122 GLY A CA  1 
ATOM   429  C  C   . GLY A 1 70 ? -2.100  11.827  12.342  1.00 30.80 ? 122 GLY A C   1 
ATOM   430  O  O   . GLY A 1 70 ? -1.169  12.560  12.070  1.00 30.66 ? 122 GLY A O   1 
ATOM   431  N  N   . ASP A 1 71 ? -2.316  10.700  11.685  1.00 31.23 ? 123 ASP A N   1 
ATOM   432  C  CA  . ASP A 1 71 ? -1.405  10.220  10.650  1.00 32.27 ? 123 ASP A CA  1 
ATOM   433  C  C   . ASP A 1 71 ? -1.723  10.931  9.326   1.00 31.63 ? 123 ASP A C   1 
ATOM   434  O  O   . ASP A 1 71 ? -2.626  11.766  9.270   1.00 27.30 ? 123 ASP A O   1 
ATOM   435  C  CB  . ASP A 1 71 ? -1.582  8.706   10.514  1.00 29.98 ? 123 ASP A CB  1 
ATOM   436  C  CG  . ASP A 1 71 ? -0.312  7.972   10.042  1.00 39.01 ? 123 ASP A CG  1 
ATOM   437  O  OD1 . ASP A 1 71 ? 0.728   8.602   9.689   1.00 39.15 ? 123 ASP A OD1 1 
ATOM   438  O  OD2 . ASP A 1 71 ? -0.381  6.725   10.058  1.00 35.57 ? 123 ASP A OD2 1 
ATOM   439  N  N   . ASN A 1 72 ? -0.997  10.582  8.266   1.00 30.14 ? 124 ASN A N   1 
ATOM   440  C  CA  . ASN A 1 72 ? -1.170  11.214  6.952   1.00 30.83 ? 124 ASN A CA  1 
ATOM   441  C  C   . ASN A 1 72 ? -1.062  10.199  5.808   1.00 31.39 ? 124 ASN A C   1 
ATOM   442  O  O   . ASN A 1 72 ? -0.540  10.503  4.748   1.00 32.17 ? 124 ASN A O   1 
ATOM   443  C  CB  . ASN A 1 72 ? -0.128  12.332  6.765   1.00 30.22 ? 124 ASN A CB  1 
ATOM   444  C  CG  . ASN A 1 72 ? 1.302   11.802  6.695   1.00 32.34 ? 124 ASN A CG  1 
ATOM   445  O  OD1 . ASN A 1 72 ? 1.571   10.677  7.127   1.00 28.88 ? 124 ASN A OD1 1 
ATOM   446  N  ND2 . ASN A 1 72 ? 2.221   12.597  6.118   1.00 23.94 ? 124 ASN A ND2 1 
ATOM   447  N  N   . VAL A 1 73 ? -1.529  8.983   6.038   1.00 31.03 ? 125 VAL A N   1 
ATOM   448  C  CA  . VAL A 1 73 ? -1.402  7.935   5.041   1.00 31.96 ? 125 VAL A CA  1 
ATOM   449  C  C   . VAL A 1 73 ? -2.498  8.091   4.003   1.00 30.54 ? 125 VAL A C   1 
ATOM   450  O  O   . VAL A 1 73 ? -3.600  8.582   4.295   1.00 34.17 ? 125 VAL A O   1 
ATOM   451  C  CB  . VAL A 1 73 ? -1.437  6.513   5.659   1.00 34.53 ? 125 VAL A CB  1 
ATOM   452  C  CG1 . VAL A 1 73 ? -0.243  6.337   6.668   1.00 33.59 ? 125 VAL A CG1 1 
ATOM   453  C  CG2 . VAL A 1 73 ? -2.767  6.233   6.289   1.00 39.96 ? 125 VAL A CG2 1 
ATOM   454  N  N   . GLY A 1 74 ? -2.182  7.671   2.792   1.00 32.52 ? 126 GLY A N   1 
ATOM   455  C  CA  . GLY A 1 74 ? -3.164  7.643   1.708   1.00 33.47 ? 126 GLY A CA  1 
ATOM   456  C  C   . GLY A 1 74 ? -2.840  6.567   0.708   1.00 32.85 ? 126 GLY A C   1 
ATOM   457  O  O   . GLY A 1 74 ? -1.824  5.885   0.809   1.00 31.90 ? 126 GLY A O   1 
ATOM   458  N  N   . PRO A 1 75 ? -3.719  6.402   -0.263  1.00 32.84 ? 127 PRO A N   1 
ATOM   459  C  CA  . PRO A 1 75 ? -3.593  5.309   -1.221  1.00 32.55 ? 127 PRO A CA  1 
ATOM   460  C  C   . PRO A 1 75 ? -2.560  5.421   -2.328  1.00 30.89 ? 127 PRO A C   1 
ATOM   461  O  O   . PRO A 1 75 ? -1.964  6.470   -2.553  1.00 30.70 ? 127 PRO A O   1 
ATOM   462  C  CB  . PRO A 1 75 ? -4.987  5.259   -1.852  1.00 30.21 ? 127 PRO A CB  1 
ATOM   463  C  CG  . PRO A 1 75 ? -5.474  6.669   -1.793  1.00 32.78 ? 127 PRO A CG  1 
ATOM   464  C  CD  . PRO A 1 75 ? -4.937  7.204   -0.468  1.00 28.99 ? 127 PRO A CD  1 
ATOM   465  N  N   . LEU A 1 76 ? -2.329  4.290   -2.992  1.00 31.71 ? 128 LEU A N   1 
ATOM   466  C  CA  . LEU A 1 76 ? -1.570  4.257   -4.231  1.00 31.67 ? 128 LEU A CA  1 
ATOM   467  C  C   . LEU A 1 76 ? -2.619  4.246   -5.349  1.00 32.18 ? 128 LEU A C   1 
ATOM   468  O  O   . LEU A 1 76 ? -3.506  3.400   -5.359  1.00 33.04 ? 128 LEU A O   1 
ATOM   469  C  CB  . LEU A 1 76 ? -0.733  2.997   -4.302  1.00 33.35 ? 128 LEU A CB  1 
ATOM   470  C  CG  . LEU A 1 76 ? 0.151   2.814   -5.523  1.00 36.63 ? 128 LEU A CG  1 
ATOM   471  C  CD1 . LEU A 1 76 ? 1.346   3.793   -5.469  1.00 41.18 ? 128 LEU A CD1 1 
ATOM   472  C  CD2 . LEU A 1 76 ? 0.628   1.400   -5.587  1.00 37.53 ? 128 LEU A CD2 1 
ATOM   473  N  N   . ILE A 1 77 ? -2.513  5.162   -6.294  1.00 29.65 ? 129 ILE A N   1 
ATOM   474  C  CA  . ILE A 1 77 ? -3.496  5.262   -7.358  1.00 32.81 ? 129 ILE A CA  1 
ATOM   475  C  C   . ILE A 1 77 ? -2.883  4.841   -8.683  1.00 31.07 ? 129 ILE A C   1 
ATOM   476  O  O   . ILE A 1 77 ? -1.861  5.375   -9.093  1.00 33.42 ? 129 ILE A O   1 
ATOM   477  C  CB  . ILE A 1 77 ? -4.038  6.695   -7.423  1.00 30.67 ? 129 ILE A CB  1 
ATOM   478  C  CG1 . ILE A 1 77 ? -4.702  7.046   -6.079  1.00 39.04 ? 129 ILE A CG1 1 
ATOM   479  C  CG2 . ILE A 1 77 ? -5.050  6.878   -8.604  1.00 33.32 ? 129 ILE A CG2 1 
ATOM   480  C  CD1 . ILE A 1 77 ? -5.108  8.482   -5.980  1.00 42.14 ? 129 ILE A CD1 1 
ATOM   481  N  N   . LEU A 1 78 ? -3.496  3.864   -9.345  1.00 30.36 ? 130 LEU A N   1 
ATOM   482  C  CA  . LEU A 1 78 ? -3.041  3.396   -10.652 1.00 29.93 ? 130 LEU A CA  1 
ATOM   483  C  C   . LEU A 1 78 ? -3.882  4.064   -11.704 1.00 30.16 ? 130 LEU A C   1 
ATOM   484  O  O   . LEU A 1 78 ? -5.115  4.076   -11.606 1.00 31.35 ? 130 LEU A O   1 
ATOM   485  C  CB  . LEU A 1 78 ? -3.230  1.891   -10.743 1.00 33.43 ? 130 LEU A CB  1 
ATOM   486  C  CG  . LEU A 1 78 ? -2.578  1.051   -9.656  1.00 39.69 ? 130 LEU A CG  1 
ATOM   487  C  CD1 . LEU A 1 78 ? -2.798  -0.438  -10.004 1.00 42.96 ? 130 LEU A CD1 1 
ATOM   488  C  CD2 . LEU A 1 78 ? -1.088  1.382   -9.550  1.00 41.08 ? 130 LEU A CD2 1 
ATOM   489  N  N   . LYS A 1 79 ? -3.236  4.655   -12.692 1.00 30.79 ? 131 LYS A N   1 
ATOM   490  C  CA  . LYS A 1 79 ? -3.926  5.365   -13.741 1.00 33.94 ? 131 LYS A CA  1 
ATOM   491  C  C   . LYS A 1 79 ? -3.599  4.807   -15.107 1.00 32.75 ? 131 LYS A C   1 
ATOM   492  O  O   . LYS A 1 79 ? -2.442  4.566   -15.404 1.00 32.24 ? 131 LYS A O   1 
ATOM   493  C  CB  . LYS A 1 79 ? -3.520  6.829   -13.704 1.00 34.93 ? 131 LYS A CB  1 
ATOM   494  C  CG  . LYS A 1 79 ? -4.015  7.563   -12.462 1.00 42.99 ? 131 LYS A CG  1 
ATOM   495  C  CD  . LYS A 1 79 ? -4.039  9.064   -12.713 1.00 44.75 ? 131 LYS A CD  1 
ATOM   496  C  CE  . LYS A 1 79 ? -5.084  9.775   -11.853 1.00 55.22 ? 131 LYS A CE  1 
ATOM   497  N  NZ  . LYS A 1 79 ? -5.042  11.245  -12.141 1.00 55.25 ? 131 LYS A NZ  1 
ATOM   498  N  N   . LYS A 1 80 ? -4.608  4.613   -15.948 1.00 32.77 ? 132 LYS A N   1 
ATOM   499  C  CA  . LYS A 1 80 ? -4.363  4.209   -17.332 1.00 35.59 ? 132 LYS A CA  1 
ATOM   500  C  C   . LYS A 1 80 ? -4.032  5.419   -18.172 1.00 36.06 ? 132 LYS A C   1 
ATOM   501  O  O   . LYS A 1 80 ? -4.233  6.550   -17.735 1.00 36.97 ? 132 LYS A O   1 
ATOM   502  C  CB  . LYS A 1 80 ? -5.590  3.559   -17.937 1.00 37.08 ? 132 LYS A CB  1 
ATOM   503  C  CG  . LYS A 1 80 ? -5.986  2.235   -17.331 1.00 38.30 ? 132 LYS A CG  1 
ATOM   504  C  CD  . LYS A 1 80 ? -7.075  1.669   -18.224 1.00 41.41 ? 132 LYS A CD  1 
ATOM   505  C  CE  . LYS A 1 80 ? -7.717  0.433   -17.671 1.00 42.40 ? 132 LYS A CE  1 
ATOM   506  N  NZ  . LYS A 1 80 ? -8.941  0.122   -18.476 1.00 40.20 ? 132 LYS A NZ  1 
ATOM   507  N  N   . LYS A 1 81 ? -3.537  5.181   -19.384 1.00 38.22 ? 133 LYS A N   1 
ATOM   508  C  CA  . LYS A 1 81 ? -3.255  6.260   -20.321 1.00 39.35 ? 133 LYS A CA  1 
ATOM   509  C  C   . LYS A 1 81 ? -4.535  7.027   -20.649 1.00 40.76 ? 133 LYS A C   1 
ATOM   510  O  O   . LYS A 1 81 ? -5.612  6.428   -20.774 1.00 40.57 ? 133 LYS A O   1 
ATOM   511  C  CB  . LYS A 1 81 ? -2.646  5.717   -21.624 1.00 40.26 ? 133 LYS A CB  1 
ATOM   512  N  N   . GLU A 1 82 ? -4.404  8.347   -20.795 1.00 41.73 ? 134 GLU A N   1 
ATOM   513  C  CA  . GLU A 1 82 ? -5.530  9.219   -21.123 1.00 42.28 ? 134 GLU A CA  1 
ATOM   514  C  C   . GLU A 1 82 ? -6.129  8.847   -22.469 1.00 42.20 ? 134 GLU A C   1 
ATOM   515  O  O   . GLU A 1 82 ? -5.444  8.900   -23.486 1.00 43.32 ? 134 GLU A O   1 
ATOM   516  C  CB  . GLU A 1 82 ? -5.082  10.683  -21.153 1.00 42.39 ? 134 GLU A CB  1 
ATOM   517  N  N   . ASP B 1 16 ? -4.705  2.449   18.318  1.00 48.09 ? 68  ASP B N   1 
ATOM   518  C  CA  . ASP B 1 16 ? -4.704  3.768   17.612  1.00 48.60 ? 68  ASP B CA  1 
ATOM   519  C  C   . ASP B 1 16 ? -3.273  4.276   17.388  1.00 48.24 ? 68  ASP B C   1 
ATOM   520  O  O   . ASP B 1 16 ? -2.940  5.398   17.789  1.00 50.59 ? 68  ASP B O   1 
ATOM   521  C  CB  . ASP B 1 16 ? -5.515  4.807   18.408  1.00 47.59 ? 68  ASP B CB  1 
ATOM   522  N  N   . SER B 1 17 ? -2.444  3.458   16.738  1.00 46.40 ? 69  SER B N   1 
ATOM   523  C  CA  . SER B 1 17 ? -1.033  3.797   16.493  1.00 45.16 ? 69  SER B CA  1 
ATOM   524  C  C   . SER B 1 17 ? -0.809  4.351   15.088  1.00 41.67 ? 69  SER B C   1 
ATOM   525  O  O   . SER B 1 17 ? -1.483  3.936   14.156  1.00 41.27 ? 69  SER B O   1 
ATOM   526  C  CB  . SER B 1 17 ? -0.149  2.549   16.664  1.00 46.34 ? 69  SER B CB  1 
ATOM   527  O  OG  . SER B 1 17 ? -0.219  2.015   17.981  1.00 49.41 ? 69  SER B OG  1 
ATOM   528  N  N   . LEU B 1 18 ? 0.147   5.268   14.940  1.00 38.80 ? 70  LEU B N   1 
ATOM   529  C  CA  . LEU B 1 18 ? 0.520   5.775   13.625  1.00 38.71 ? 70  LEU B CA  1 
ATOM   530  C  C   . LEU B 1 18 ? 1.039   4.627   12.777  1.00 37.35 ? 70  LEU B C   1 
ATOM   531  O  O   . LEU B 1 18 ? 1.668   3.702   13.280  1.00 37.23 ? 70  LEU B O   1 
ATOM   532  C  CB  . LEU B 1 18 ? 1.630   6.832   13.702  1.00 38.12 ? 70  LEU B CB  1 
ATOM   533  C  CG  . LEU B 1 18 ? 1.372   8.217   14.300  1.00 41.86 ? 70  LEU B CG  1 
ATOM   534  C  CD1 . LEU B 1 18 ? 2.717   8.956   14.387  1.00 37.38 ? 70  LEU B CD1 1 
ATOM   535  C  CD2 . LEU B 1 18 ? 0.329   9.049   13.525  1.00 33.71 ? 70  LEU B CD2 1 
ATOM   536  N  N   . ILE B 1 19 ? 0.764   4.695   11.490  1.00 34.72 ? 71  ILE B N   1 
ATOM   537  C  CA  . ILE B 1 19 ? 1.273   3.733   10.536  1.00 34.11 ? 71  ILE B CA  1 
ATOM   538  C  C   . ILE B 1 19 ? 2.519   4.329   9.881   1.00 34.97 ? 71  ILE B C   1 
ATOM   539  O  O   . ILE B 1 19 ? 3.566   3.706   9.837   1.00 34.64 ? 71  ILE B O   1 
ATOM   540  C  CB  . ILE B 1 19 ? 0.218   3.420   9.464   1.00 34.42 ? 71  ILE B CB  1 
ATOM   541  C  CG1 . ILE B 1 19 ? -0.935  2.636   10.106  1.00 37.28 ? 71  ILE B CG1 1 
ATOM   542  C  CG2 . ILE B 1 19 ? 0.857   2.636   8.309   1.00 33.73 ? 71  ILE B CG2 1 
ATOM   543  C  CD1 . ILE B 1 19 ? -2.189  2.463   9.217   1.00 36.47 ? 71  ILE B CD1 1 
ATOM   544  N  N   . ASN B 1 20 ? 2.416   5.563   9.403   1.00 33.64 ? 72  ASN B N   1 
ATOM   545  C  CA  . ASN B 1 20 ? 3.546   6.223   8.772   1.00 32.93 ? 72  ASN B CA  1 
ATOM   546  C  C   . ASN B 1 20 ? 4.276   7.035   9.823   1.00 33.09 ? 72  ASN B C   1 
ATOM   547  O  O   . ASN B 1 20 ? 3.714   7.974   10.362  1.00 32.86 ? 72  ASN B O   1 
ATOM   548  C  CB  . ASN B 1 20 ? 3.065   7.155   7.658   1.00 32.09 ? 72  ASN B CB  1 
ATOM   549  C  CG  . ASN B 1 20 ? 4.182   7.967   7.043   1.00 32.75 ? 72  ASN B CG  1 
ATOM   550  O  OD1 . ASN B 1 20 ? 5.330   7.542   7.027   1.00 32.66 ? 72  ASN B OD1 1 
ATOM   551  N  ND2 . ASN B 1 20 ? 3.846   9.133   6.524   1.00 30.29 ? 72  ASN B ND2 1 
ATOM   552  N  N   . LEU B 1 21 ? 5.529   6.689   10.096  1.00 32.64 ? 73  LEU B N   1 
ATOM   553  C  CA  . LEU B 1 21 ? 6.319   7.409   11.090  1.00 35.50 ? 73  LEU B CA  1 
ATOM   554  C  C   . LEU B 1 21 ? 7.208   8.503   10.496  1.00 35.27 ? 73  LEU B C   1 
ATOM   555  O  O   . LEU B 1 21 ? 7.498   9.492   11.152  1.00 36.45 ? 73  LEU B O   1 
ATOM   556  C  CB  . LEU B 1 21 ? 7.238   6.423   11.813  1.00 36.99 ? 73  LEU B CB  1 
ATOM   557  C  CG  . LEU B 1 21 ? 6.604   5.154   12.408  1.00 42.25 ? 73  LEU B CG  1 
ATOM   558  C  CD1 . LEU B 1 21 ? 7.700   4.381   13.150  1.00 46.81 ? 73  LEU B CD1 1 
ATOM   559  C  CD2 . LEU B 1 21 ? 5.464   5.510   13.344  1.00 39.32 ? 73  LEU B CD2 1 
ATOM   560  N  N   . LYS B 1 22 ? 7.647   8.313   9.258   1.00 37.16 ? 74  LYS B N   1 
ATOM   561  C  CA  . LYS B 1 22 ? 8.731   9.140   8.719   1.00 38.82 ? 74  LYS B CA  1 
ATOM   562  C  C   . LYS B 1 22 ? 8.491   9.779   7.345   1.00 35.15 ? 74  LYS B C   1 
ATOM   563  O  O   . LYS B 1 22 ? 9.151   10.755  7.011   1.00 36.61 ? 74  LYS B O   1 
ATOM   564  C  CB  . LYS B 1 22 ? 10.032  8.292   8.676   1.00 38.92 ? 74  LYS B CB  1 
ATOM   565  N  N   . ILE B 1 23 ? 7.542   9.289   6.568   1.00 31.80 ? 75  ILE B N   1 
ATOM   566  C  CA  . ILE B 1 23 ? 7.403   9.808   5.209   1.00 33.20 ? 75  ILE B CA  1 
ATOM   567  C  C   . ILE B 1 23 ? 6.547   11.088  5.084   1.00 31.34 ? 75  ILE B C   1 
ATOM   568  O  O   . ILE B 1 23 ? 5.377   11.108  5.454   1.00 32.14 ? 75  ILE B O   1 
ATOM   569  C  CB  . ILE B 1 23 ? 6.889   8.722   4.292   1.00 35.14 ? 75  ILE B CB  1 
ATOM   570  C  CG1 . ILE B 1 23 ? 7.933   7.594   4.254   1.00 39.21 ? 75  ILE B CG1 1 
ATOM   571  C  CG2 . ILE B 1 23 ? 6.565   9.296   2.860   1.00 34.92 ? 75  ILE B CG2 1 
ATOM   572  C  CD1 . ILE B 1 23 ? 7.380   6.312   3.786   1.00 41.93 ? 75  ILE B CD1 1 
ATOM   573  N  N   . GLN B 1 24 ? 7.171   12.132  4.556   1.00 29.58 ? 76  GLN B N   1 
ATOM   574  C  CA  . GLN B 1 24 ? 6.547   13.441  4.287   1.00 31.94 ? 76  GLN B CA  1 
ATOM   575  C  C   . GLN B 1 24 ? 5.539   13.873  5.331   1.00 29.22 ? 76  GLN B C   1 
ATOM   576  O  O   . GLN B 1 24 ? 4.365   14.093  5.006   1.00 28.11 ? 76  GLN B O   1 
ATOM   577  C  CB  . GLN B 1 24 ? 5.871   13.437  2.904   1.00 32.86 ? 76  GLN B CB  1 
ATOM   578  C  CG  . GLN B 1 24 ? 6.810   13.159  1.719   1.00 40.53 ? 76  GLN B CG  1 
ATOM   579  C  CD  . GLN B 1 24 ? 6.060   13.122  0.376   1.00 39.91 ? 76  GLN B CD  1 
ATOM   580  O  OE1 . GLN B 1 24 ? 5.056   13.815  0.189   1.00 45.65 ? 76  GLN B OE1 1 
ATOM   581  N  NE2 . GLN B 1 24 ? 6.554   12.314  -0.556  1.00 43.48 ? 76  GLN B NE2 1 
ATOM   582  N  N   . LYS B 1 25 ? 5.986   14.025  6.584   1.00 28.76 ? 77  LYS B N   1 
ATOM   583  C  CA  . LYS B 1 25 ? 5.057   14.384  7.653   1.00 28.91 ? 77  LYS B CA  1 
ATOM   584  C  C   . LYS B 1 25 ? 4.470   15.776  7.511   1.00 28.27 ? 77  LYS B C   1 
ATOM   585  O  O   . LYS B 1 25 ? 3.424   16.070  8.072   1.00 30.35 ? 77  LYS B O   1 
ATOM   586  C  CB  . LYS B 1 25 ? 5.664   14.160  9.050   1.00 29.57 ? 77  LYS B CB  1 
ATOM   587  C  CG  . LYS B 1 25 ? 6.047   12.702  9.328   1.00 34.15 ? 77  LYS B CG  1 
ATOM   588  C  CD  . LYS B 1 25 ? 4.972   11.651  9.024   1.00 37.94 ? 77  LYS B CD  1 
ATOM   589  C  CE  . LYS B 1 25 ? 3.889   11.568  10.092  1.00 41.81 ? 77  LYS B CE  1 
ATOM   590  N  NZ  . LYS B 1 25 ? 2.878   10.459  9.827   1.00 35.95 ? 77  LYS B NZ  1 
ATOM   591  N  N   . GLU B 1 26 ? 5.130   16.638  6.749   1.00 28.51 ? 78  GLU B N   1 
ATOM   592  C  CA  . GLU B 1 26 ? 4.598   17.967  6.437   1.00 28.69 ? 78  GLU B CA  1 
ATOM   593  C  C   . GLU B 1 26 ? 3.402   17.900  5.458   1.00 27.64 ? 78  GLU B C   1 
ATOM   594  O  O   . GLU B 1 26 ? 2.671   18.865  5.289   1.00 28.65 ? 78  GLU B O   1 
ATOM   595  C  CB  . GLU B 1 26 ? 5.692   18.849  5.833   1.00 29.39 ? 78  GLU B CB  1 
ATOM   596  C  CG  . GLU B 1 26 ? 6.154   18.447  4.415   1.00 37.16 ? 78  GLU B CG  1 
ATOM   597  C  CD  . GLU B 1 26 ? 7.176   17.287  4.383   1.00 49.43 ? 78  GLU B CD  1 
ATOM   598  O  OE1 . GLU B 1 26 ? 7.427   16.653  5.443   1.00 46.96 ? 78  GLU B OE1 1 
ATOM   599  O  OE2 . GLU B 1 26 ? 7.737   17.029  3.287   1.00 53.17 ? 78  GLU B OE2 1 
ATOM   600  N  N   . ASN B 1 27 ? 3.226   16.769  4.799   1.00 29.81 ? 79  ASN B N   1 
ATOM   601  C  CA  . ASN B 1 27 ? 2.139   16.555  3.834   1.00 28.35 ? 79  ASN B CA  1 
ATOM   602  C  C   . ASN B 1 27 ? 0.902   15.965  4.534   1.00 28.93 ? 79  ASN B C   1 
ATOM   603  O  O   . ASN B 1 27 ? 0.973   14.897  5.119   1.00 30.75 ? 79  ASN B O   1 
ATOM   604  C  CB  . ASN B 1 27 ? 2.687   15.615  2.736   1.00 27.70 ? 79  ASN B CB  1 
ATOM   605  C  CG  . ASN B 1 27 ? 1.677   15.310  1.618   1.00 35.74 ? 79  ASN B CG  1 
ATOM   606  O  OD1 . ASN B 1 27 ? 0.487   15.543  1.763   1.00 33.78 ? 79  ASN B OD1 1 
ATOM   607  N  ND2 . ASN B 1 27 ? 2.175   14.744  0.498   1.00 34.32 ? 79  ASN B ND2 1 
ATOM   608  N  N   . PRO B 1 28 ? -0.253  16.641  4.459   1.00 31.24 ? 80  PRO B N   1 
ATOM   609  C  CA  . PRO B 1 28 ? -1.454  16.106  5.128   1.00 32.52 ? 80  PRO B CA  1 
ATOM   610  C  C   . PRO B 1 28 ? -2.005  14.777  4.615   1.00 32.89 ? 80  PRO B C   1 
ATOM   611  O  O   . PRO B 1 28 ? -2.775  14.129  5.334   1.00 32.23 ? 80  PRO B O   1 
ATOM   612  C  CB  . PRO B 1 28 ? -2.491  17.206  4.945   1.00 35.03 ? 80  PRO B CB  1 
ATOM   613  C  CG  . PRO B 1 28 ? -1.959  18.086  3.853   1.00 36.61 ? 80  PRO B CG  1 
ATOM   614  C  CD  . PRO B 1 28 ? -0.493  17.940  3.819   1.00 31.38 ? 80  PRO B CD  1 
ATOM   615  N  N   . LYS B 1 29 ? -1.637  14.351  3.412   1.00 31.01 ? 81  LYS B N   1 
ATOM   616  C  CA  . LYS B 1 29 ? -2.030  13.012  2.963   1.00 32.37 ? 81  LYS B CA  1 
ATOM   617  C  C   . LYS B 1 29 ? -1.130  12.546  1.843   1.00 31.24 ? 81  LYS B C   1 
ATOM   618  O  O   . LYS B 1 29 ? -1.132  13.120  0.767   1.00 33.68 ? 81  LYS B O   1 
ATOM   619  C  CB  . LYS B 1 29 ? -3.497  12.972  2.496   1.00 33.24 ? 81  LYS B CB  1 
ATOM   620  C  CG  . LYS B 1 29 ? -3.873  11.554  2.071   1.00 32.79 ? 81  LYS B CG  1 
ATOM   621  C  CD  . LYS B 1 29 ? -5.351  11.265  2.137   1.00 38.11 ? 81  LYS B CD  1 
ATOM   622  C  CE  . LYS B 1 29 ? -6.187  11.944  1.132   1.00 45.70 ? 81  LYS B CE  1 
ATOM   623  N  NZ  . LYS B 1 29 ? -7.540  11.270  1.071   1.00 45.89 ? 81  LYS B NZ  1 
ATOM   624  N  N   . VAL B 1 30 ? -0.334  11.529  2.102   1.00 29.58 ? 82  VAL B N   1 
ATOM   625  C  CA  . VAL B 1 30 ? 0.612   11.062  1.115   1.00 29.97 ? 82  VAL B CA  1 
ATOM   626  C  C   . VAL B 1 30 ? -0.071  10.078  0.169   1.00 31.74 ? 82  VAL B C   1 
ATOM   627  O  O   . VAL B 1 30 ? -0.408  8.972   0.541   1.00 32.36 ? 82  VAL B O   1 
ATOM   628  C  CB  . VAL B 1 30 ? 1.819   10.421  1.754   1.00 28.64 ? 82  VAL B CB  1 
ATOM   629  C  CG1 . VAL B 1 30 ? 2.759   9.916   0.675   1.00 27.28 ? 82  VAL B CG1 1 
ATOM   630  C  CG2 . VAL B 1 30 ? 2.498   11.452  2.685   1.00 28.53 ? 82  VAL B CG2 1 
ATOM   631  N  N   . VAL B 1 31 ? -0.291  10.530  -1.046  1.00 31.85 ? 83  VAL B N   1 
ATOM   632  C  CA  . VAL B 1 31 ? -0.933  9.730   -2.077  1.00 33.55 ? 83  VAL B CA  1 
ATOM   633  C  C   . VAL B 1 31 ? 0.070   9.681   -3.228  1.00 33.69 ? 83  VAL B C   1 
ATOM   634  O  O   . VAL B 1 31 ? 0.635   10.712  -3.620  1.00 34.10 ? 83  VAL B O   1 
ATOM   635  C  CB  . VAL B 1 31 ? -2.250  10.380  -2.525  1.00 34.53 ? 83  VAL B CB  1 
ATOM   636  C  CG1 . VAL B 1 31 ? -2.887  9.628   -3.743  1.00 33.44 ? 83  VAL B CG1 1 
ATOM   637  C  CG2 . VAL B 1 31 ? -3.214  10.384  -1.371  1.00 36.05 ? 83  VAL B CG2 1 
ATOM   638  N  N   . ASN B 1 32 ? 0.338   8.493   -3.737  1.00 30.73 ? 84  ASN B N   1 
ATOM   639  C  CA  . ASN B 1 32 ? 1.236   8.350   -4.887  1.00 31.00 ? 84  ASN B CA  1 
ATOM   640  C  C   . ASN B 1 32 ? 0.445   7.801   -6.069  1.00 31.56 ? 84  ASN B C   1 
ATOM   641  O  O   . ASN B 1 32 ? -0.436  6.975   -5.894  1.00 29.43 ? 84  ASN B O   1 
ATOM   642  C  CB  . ASN B 1 32 ? 2.364   7.380   -4.536  1.00 32.78 ? 84  ASN B CB  1 
ATOM   643  C  CG  . ASN B 1 32 ? 3.286   7.911   -3.473  1.00 35.37 ? 84  ASN B CG  1 
ATOM   644  O  OD1 . ASN B 1 32 ? 3.162   7.567   -2.294  1.00 31.72 ? 84  ASN B OD1 1 
ATOM   645  N  ND2 . ASN B 1 32 ? 4.218   8.737   -3.875  1.00 34.70 ? 84  ASN B ND2 1 
ATOM   646  N  N   . GLU B 1 33 ? 0.744   8.291   -7.258  1.00 33.99 ? 85  GLU B N   1 
ATOM   647  C  CA  . GLU B 1 33 ? 0.104   7.871   -8.490  1.00 38.79 ? 85  GLU B CA  1 
ATOM   648  C  C   . GLU B 1 33 ? 1.120   7.093   -9.337  1.00 38.77 ? 85  GLU B C   1 
ATOM   649  O  O   . GLU B 1 33 ? 2.313   7.416   -9.351  1.00 38.47 ? 85  GLU B O   1 
ATOM   650  C  CB  . GLU B 1 33 ? -0.370  9.084   -9.306  1.00 40.11 ? 85  GLU B CB  1 
ATOM   651  C  CG  . GLU B 1 33 ? -1.555  9.871   -8.714  1.00 45.52 ? 85  GLU B CG  1 
ATOM   652  C  CD  . GLU B 1 33 ? -2.114  10.972  -9.666  1.00 46.73 ? 85  GLU B CD  1 
ATOM   653  O  OE1 . GLU B 1 33 ? -1.315  11.706  -10.324 1.00 44.52 ? 85  GLU B OE1 1 
ATOM   654  O  OE2 . GLU B 1 33 ? -3.370  11.094  -9.732  1.00 57.61 ? 85  GLU B OE2 1 
ATOM   655  N  N   . ILE B 1 34 ? 0.641   6.061   -10.021 1.00 37.46 ? 86  ILE B N   1 
ATOM   656  C  CA  . ILE B 1 34 ? 1.446   5.310   -10.954 1.00 38.10 ? 86  ILE B CA  1 
ATOM   657  C  C   . ILE B 1 34 ? 0.733   5.373   -12.276 1.00 35.95 ? 86  ILE B C   1 
ATOM   658  O  O   . ILE B 1 34 ? -0.432  4.997   -12.377 1.00 33.73 ? 86  ILE B O   1 
ATOM   659  C  CB  . ILE B 1 34 ? 1.542   3.812   -10.574 1.00 39.31 ? 86  ILE B CB  1 
ATOM   660  C  CG1 . ILE B 1 34 ? 2.204   3.626   -9.222  1.00 44.47 ? 86  ILE B CG1 1 
ATOM   661  C  CG2 . ILE B 1 34 ? 2.306   3.029   -11.666 1.00 40.39 ? 86  ILE B CG2 1 
ATOM   662  C  CD1 . ILE B 1 34 ? 3.583   4.250   -9.137  1.00 51.76 ? 86  ILE B CD1 1 
ATOM   663  N  N   . ASN B 1 35 ? 1.408   5.866   -13.300 1.00 35.08 ? 87  ASN B N   1 
ATOM   664  C  CA  . ASN B 1 35 ? 0.835   5.838   -14.612 1.00 34.56 ? 87  ASN B CA  1 
ATOM   665  C  C   . ASN B 1 35 ? 1.254   4.528   -15.255 1.00 34.60 ? 87  ASN B C   1 
ATOM   666  O  O   . ASN B 1 35 ? 2.430   4.303   -15.518 1.00 34.15 ? 87  ASN B O   1 
ATOM   667  C  CB  . ASN B 1 35 ? 1.278   7.040   -15.409 1.00 36.47 ? 87  ASN B CB  1 
ATOM   668  C  CG  . ASN B 1 35 ? 0.912   8.338   -14.728 1.00 41.71 ? 87  ASN B CG  1 
ATOM   669  O  OD1 . ASN B 1 35 ? 1.581   8.772   -13.786 1.00 50.33 ? 87  ASN B OD1 1 
ATOM   670  N  ND2 . ASN B 1 35 ? -0.148  8.977   -15.209 1.00 44.02 ? 87  ASN B ND2 1 
ATOM   671  N  N   . ILE B 1 36 ? 0.277   3.652   -15.454 1.00 35.26 ? 88  ILE B N   1 
ATOM   672  C  CA  . ILE B 1 36 ? 0.481   2.309   -16.007 1.00 35.18 ? 88  ILE B CA  1 
ATOM   673  C  C   . ILE B 1 36 ? 1.415   2.273   -17.209 1.00 33.28 ? 88  ILE B C   1 
ATOM   674  O  O   . ILE B 1 36 ? 2.285   1.413   -17.270 1.00 31.07 ? 88  ILE B O   1 
ATOM   675  C  CB  . ILE B 1 36 ? -0.886  1.645   -16.367 1.00 36.65 ? 88  ILE B CB  1 
ATOM   676  C  CG1 . ILE B 1 36 ? -1.645  1.261   -15.089 1.00 37.05 ? 88  ILE B CG1 1 
ATOM   677  C  CG2 . ILE B 1 36 ? -0.722  0.459   -17.323 1.00 39.55 ? 88  ILE B CG2 1 
ATOM   678  C  CD1 . ILE B 1 36 ? -0.781  1.064   -13.859 1.00 45.73 ? 88  ILE B CD1 1 
ATOM   679  N  N   . GLU B 1 37 ? 1.259   3.212   -18.137 1.00 33.75 ? 89  GLU B N   1 
ATOM   680  C  CA  . GLU B 1 37 ? 2.097   3.249   -19.337 1.00 35.84 ? 89  GLU B CA  1 
ATOM   681  C  C   . GLU B 1 37 ? 3.599   3.409   -19.042 1.00 36.90 ? 89  GLU B C   1 
ATOM   682  O  O   . GLU B 1 37 ? 4.426   3.127   -19.905 1.00 38.29 ? 89  GLU B O   1 
ATOM   683  C  CB  . GLU B 1 37 ? 1.624   4.358   -20.294 1.00 35.65 ? 89  GLU B CB  1 
ATOM   684  N  N   . ASP B 1 38 ? 3.942   3.850   -17.835 1.00 37.96 ? 90  ASP B N   1 
ATOM   685  C  CA  . ASP B 1 38 ? 5.330   4.057   -17.437 1.00 40.24 ? 90  ASP B CA  1 
ATOM   686  C  C   . ASP B 1 38 ? 6.000   2.812   -16.841 1.00 41.23 ? 90  ASP B C   1 
ATOM   687  O  O   . ASP B 1 38 ? 7.223   2.687   -16.902 1.00 43.98 ? 90  ASP B O   1 
ATOM   688  C  CB  . ASP B 1 38 ? 5.428   5.236   -16.461 1.00 40.63 ? 90  ASP B CB  1 
ATOM   689  C  CG  . ASP B 1 38 ? 5.040   6.570   -17.112 1.00 46.63 ? 90  ASP B CG  1 
ATOM   690  O  OD1 . ASP B 1 38 ? 5.082   6.666   -18.359 1.00 53.36 ? 90  ASP B OD1 1 
ATOM   691  O  OD2 . ASP B 1 38 ? 4.697   7.525   -16.377 1.00 59.35 ? 90  ASP B OD2 1 
ATOM   692  N  N   . LEU B 1 39 ? 5.215   1.896   -16.284 1.00 39.31 ? 91  LEU B N   1 
ATOM   693  C  CA  . LEU B 1 39 ? 5.739   0.624   -15.785 1.00 39.79 ? 91  LEU B CA  1 
ATOM   694  C  C   . LEU B 1 39 ? 6.462   -0.162  -16.877 1.00 39.57 ? 91  LEU B C   1 
ATOM   695  O  O   . LEU B 1 39 ? 5.844   -0.575  -17.856 1.00 38.52 ? 91  LEU B O   1 
ATOM   696  C  CB  . LEU B 1 39 ? 4.597   -0.244  -15.266 1.00 39.86 ? 91  LEU B CB  1 
ATOM   697  C  CG  . LEU B 1 39 ? 3.800   0.255   -14.077 1.00 41.79 ? 91  LEU B CG  1 
ATOM   698  C  CD1 . LEU B 1 39 ? 2.677   -0.735  -13.848 1.00 47.08 ? 91  LEU B CD1 1 
ATOM   699  C  CD2 . LEU B 1 39 ? 4.680   0.395   -12.842 1.00 40.19 ? 91  LEU B CD2 1 
ATOM   700  N  N   . SER B 1 40 ? 7.762   -0.376  -16.716 1.00 41.36 ? 92  SER B N   1 
ATOM   701  C  CA  . SER B 1 40 ? 8.530   -1.115  -17.732 1.00 44.95 ? 92  SER B CA  1 
ATOM   702  C  C   . SER B 1 40 ? 8.760   -2.579  -17.345 1.00 44.18 ? 92  SER B C   1 
ATOM   703  O  O   . SER B 1 40 ? 8.929   -3.429  -18.219 1.00 45.61 ? 92  SER B O   1 
ATOM   704  C  CB  . SER B 1 40 ? 9.869   -0.419  -18.024 1.00 45.51 ? 92  SER B CB  1 
ATOM   705  O  OG  . SER B 1 40 ? 10.597  -0.196  -16.825 1.00 50.53 ? 92  SER B OG  1 
ATOM   706  N  N   . LEU B 1 41 ? 8.749   -2.872  -16.048 1.00 42.92 ? 93  LEU B N   1 
ATOM   707  C  CA  . LEU B 1 41 ? 9.027   -4.227  -15.565 1.00 43.24 ? 93  LEU B CA  1 
ATOM   708  C  C   . LEU B 1 41 ? 7.788   -5.117  -15.567 1.00 41.80 ? 93  LEU B C   1 
ATOM   709  O  O   . LEU B 1 41 ? 6.669   -4.630  -15.451 1.00 41.24 ? 93  LEU B O   1 
ATOM   710  C  CB  . LEU B 1 41 ? 9.627   -4.176  -14.154 1.00 42.68 ? 93  LEU B CB  1 
ATOM   711  C  CG  . LEU B 1 41 ? 10.894  -3.326  -14.021 1.00 44.79 ? 93  LEU B CG  1 
ATOM   712  C  CD1 . LEU B 1 41 ? 11.356  -3.301  -12.572 1.00 45.52 ? 93  LEU B CD1 1 
ATOM   713  C  CD2 . LEU B 1 41 ? 12.000  -3.831  -14.976 1.00 40.74 ? 93  LEU B CD2 1 
ATOM   714  N  N   . THR B 1 42 ? 8.000   -6.427  -15.703 1.00 39.70 ? 94  THR B N   1 
ATOM   715  C  CA  A THR B 1 42 ? 6.903   -7.387  -15.709 0.50 39.01 ? 94  THR B CA  1 
ATOM   716  C  CA  B THR B 1 42 ? 6.898   -7.381  -15.712 0.50 38.42 ? 94  THR B CA  1 
ATOM   717  C  C   . THR B 1 42 ? 6.292   -7.506  -14.314 1.00 37.71 ? 94  THR B C   1 
ATOM   718  O  O   . THR B 1 42 ? 5.136   -7.905  -14.159 1.00 34.78 ? 94  THR B O   1 
ATOM   719  C  CB  A THR B 1 42 ? 7.378   -8.781  -16.171 0.50 39.62 ? 94  THR B CB  1 
ATOM   720  C  CB  B THR B 1 42 ? 7.348   -8.777  -16.205 0.50 38.91 ? 94  THR B CB  1 
ATOM   721  O  OG1 A THR B 1 42 ? 6.244   -9.619  -16.421 0.50 42.77 ? 94  THR B OG1 1 
ATOM   722  O  OG1 B THR B 1 42 ? 8.413   -9.264  -15.378 0.50 41.88 ? 94  THR B OG1 1 
ATOM   723  C  CG2 A THR B 1 42 ? 8.272   -9.437  -15.118 0.50 41.49 ? 94  THR B CG2 1 
ATOM   724  C  CG2 B THR B 1 42 ? 7.818   -8.722  -17.662 0.50 35.98 ? 94  THR B CG2 1 
ATOM   725  N  N   . LYS B 1 43 ? 7.083   -7.156  -13.310 1.00 36.39 ? 95  LYS B N   1 
ATOM   726  C  CA  . LYS B 1 43 ? 6.687   -7.265  -11.927 1.00 38.55 ? 95  LYS B CA  1 
ATOM   727  C  C   . LYS B 1 43 ? 7.359   -6.104  -11.187 1.00 37.16 ? 95  LYS B C   1 
ATOM   728  O  O   . LYS B 1 43 ? 8.545   -5.844  -11.407 1.00 37.38 ? 95  LYS B O   1 
ATOM   729  C  CB  . LYS B 1 43 ? 7.170   -8.629  -11.422 1.00 38.43 ? 95  LYS B CB  1 
ATOM   730  C  CG  . LYS B 1 43 ? 6.526   -9.128  -10.164 1.00 43.14 ? 95  LYS B CG  1 
ATOM   731  C  CD  . LYS B 1 43 ? 6.775   -10.633 -10.000 1.00 42.94 ? 95  LYS B CD  1 
ATOM   732  N  N   . ALA B 1 44 ? 6.583   -5.375  -10.392 1.00 34.38 ? 96  ALA B N   1 
ATOM   733  C  CA  . ALA B 1 44 ? 7.072   -4.251  -9.590  1.00 34.85 ? 96  ALA B CA  1 
ATOM   734  C  C   . ALA B 1 44 ? 6.304   -4.201  -8.267  1.00 34.47 ? 96  ALA B C   1 
ATOM   735  O  O   . ALA B 1 44 ? 5.061   -4.189  -8.265  1.00 34.88 ? 96  ALA B O   1 
ATOM   736  C  CB  . ALA B 1 44 ? 6.890   -2.930  -10.327 1.00 35.06 ? 96  ALA B CB  1 
ATOM   737  N  N   . ALA B 1 45 ? 7.039   -4.122  -7.158  1.00 31.70 ? 97  ALA B N   1 
ATOM   738  C  CA  . ALA B 1 45 ? 6.457   -4.167  -5.830  1.00 33.66 ? 97  ALA B CA  1 
ATOM   739  C  C   . ALA B 1 45 ? 6.383   -2.771  -5.199  1.00 32.35 ? 97  ALA B C   1 
ATOM   740  O  O   . ALA B 1 45 ? 7.368   -2.037  -5.167  1.00 28.80 ? 97  ALA B O   1 
ATOM   741  C  CB  . ALA B 1 45 ? 7.273   -5.143  -4.932  1.00 33.84 ? 97  ALA B CB  1 
ATOM   742  N  N   . TYR B 1 46 ? 5.201   -2.422  -4.698  1.00 31.72 ? 98  TYR B N   1 
ATOM   743  C  CA  . TYR B 1 46 ? 4.964   -1.132  -4.055  1.00 31.34 ? 98  TYR B CA  1 
ATOM   744  C  C   . TYR B 1 46 ? 4.663   -1.338  -2.567  1.00 32.67 ? 98  TYR B C   1 
ATOM   745  O  O   . TYR B 1 46 ? 3.962   -2.267  -2.176  1.00 30.08 ? 98  TYR B O   1 
ATOM   746  C  CB  . TYR B 1 46 ? 3.849   -0.367  -4.773  1.00 31.01 ? 98  TYR B CB  1 
ATOM   747  C  CG  . TYR B 1 46 ? 4.349   0.150   -6.085  1.00 31.28 ? 98  TYR B CG  1 
ATOM   748  C  CD1 . TYR B 1 46 ? 4.885   1.428   -6.191  1.00 34.11 ? 98  TYR B CD1 1 
ATOM   749  C  CD2 . TYR B 1 46 ? 4.378   -0.674  -7.204  1.00 35.64 ? 98  TYR B CD2 1 
ATOM   750  C  CE1 . TYR B 1 46 ? 5.427   1.876   -7.399  1.00 39.79 ? 98  TYR B CE1 1 
ATOM   751  C  CE2 . TYR B 1 46 ? 4.883   -0.240  -8.397  1.00 36.90 ? 98  TYR B CE2 1 
ATOM   752  C  CZ  . TYR B 1 46 ? 5.420   1.029   -8.488  1.00 37.43 ? 98  TYR B CZ  1 
ATOM   753  O  OH  . TYR B 1 46 ? 5.908   1.452   -9.693  1.00 48.42 ? 98  TYR B OH  1 
ATOM   754  N  N   . CYS B 1 47 ? 5.230   -0.464  -1.752  1.00 30.78 ? 99  CYS B N   1 
ATOM   755  C  CA  . CYS B 1 47 ? 5.173   -0.578  -0.304  1.00 31.45 ? 99  CYS B CA  1 
ATOM   756  C  C   . CYS B 1 47 ? 3.813   -0.228  0.322   1.00 32.66 ? 99  CYS B C   1 
ATOM   757  O  O   . CYS B 1 47 ? 3.174   0.754   -0.036  1.00 33.29 ? 99  CYS B O   1 
ATOM   758  C  CB  . CYS B 1 47 ? 6.262   0.342   0.266   1.00 31.73 ? 99  CYS B CB  1 
ATOM   759  S  SG  . CYS B 1 47 ? 6.455   0.419   2.043   1.00 31.87 ? 99  CYS B SG  1 
ATOM   760  N  N   . ARG B 1 48 ? 3.375   -1.067  1.254   1.00 30.78 ? 100 ARG B N   1 
ATOM   761  C  CA  . ARG B 1 48 ? 2.198   -0.817  2.035   1.00 31.44 ? 100 ARG B CA  1 
ATOM   762  C  C   . ARG B 1 48 ? 2.521   -0.777  3.552   1.00 31.86 ? 100 ARG B C   1 
ATOM   763  O  O   . ARG B 1 48 ? 1.630   -0.849  4.377   1.00 33.61 ? 100 ARG B O   1 
ATOM   764  C  CB  . ARG B 1 48 ? 1.134   -1.862  1.712   1.00 31.52 ? 100 ARG B CB  1 
ATOM   765  C  CG  . ARG B 1 48 ? 0.779   -1.932  0.226   1.00 29.03 ? 100 ARG B CG  1 
ATOM   766  C  CD  . ARG B 1 48 ? -0.460  -2.786  -0.018  1.00 33.09 ? 100 ARG B CD  1 
ATOM   767  N  NE  . ARG B 1 48 ? -0.213  -4.198  0.240   1.00 29.80 ? 100 ARG B NE  1 
ATOM   768  C  CZ  . ARG B 1 48 ? -1.062  -5.175  -0.064  1.00 28.64 ? 100 ARG B CZ  1 
ATOM   769  N  NH1 . ARG B 1 48 ? -2.222  -4.916  -0.620  1.00 32.26 ? 100 ARG B NH1 1 
ATOM   770  N  NH2 . ARG B 1 48 ? -0.733  -6.421  0.201   1.00 32.34 ? 100 ARG B NH2 1 
ATOM   771  N  N   . CYS B 1 49 ? 3.801   -0.664  3.903   1.00 35.50 ? 101 CYS B N   1 
ATOM   772  C  CA  . CYS B 1 49 ? 4.221   -0.651  5.310   1.00 32.76 ? 101 CYS B CA  1 
ATOM   773  C  C   . CYS B 1 49 ? 4.824   0.675   5.761   1.00 32.56 ? 101 CYS B C   1 
ATOM   774  O  O   . CYS B 1 49 ? 5.060   0.869   6.954   1.00 29.92 ? 101 CYS B O   1 
ATOM   775  C  CB  . CYS B 1 49 ? 5.233   -1.789  5.573   1.00 33.21 ? 101 CYS B CB  1 
ATOM   776  S  SG  . CYS B 1 49 ? 6.933   -1.559  5.005   1.00 34.19 ? 101 CYS B SG  1 
ATOM   777  N  N   . TRP B 1 50 ? 5.123   1.565   4.807   1.00 31.31 ? 102 TRP B N   1 
ATOM   778  C  CA  . TRP B 1 50 ? 5.670   2.872   5.095   1.00 31.36 ? 102 TRP B CA  1 
ATOM   779  C  C   . TRP B 1 50 ? 7.070   2.839   5.708   1.00 32.15 ? 102 TRP B C   1 
ATOM   780  O  O   . TRP B 1 50 ? 7.476   3.816   6.296   1.00 33.57 ? 102 TRP B O   1 
ATOM   781  C  CB  . TRP B 1 50 ? 4.695   3.720   5.953   1.00 29.34 ? 102 TRP B CB  1 
ATOM   782  C  CG  . TRP B 1 50 ? 3.386   3.877   5.254   1.00 30.77 ? 102 TRP B CG  1 
ATOM   783  C  CD1 . TRP B 1 50 ? 2.385   2.948   5.176   1.00 31.01 ? 102 TRP B CD1 1 
ATOM   784  C  CD2 . TRP B 1 50 ? 2.978   4.966   4.428   1.00 29.97 ? 102 TRP B CD2 1 
ATOM   785  N  NE1 . TRP B 1 50 ? 1.368   3.411   4.382   1.00 31.19 ? 102 TRP B NE1 1 
ATOM   786  C  CE2 . TRP B 1 50 ? 1.701   4.647   3.912   1.00 32.70 ? 102 TRP B CE2 1 
ATOM   787  C  CE3 . TRP B 1 50 ? 3.540   6.198   4.105   1.00 29.76 ? 102 TRP B CE3 1 
ATOM   788  C  CZ2 . TRP B 1 50 ? 0.996   5.504   3.082   1.00 28.76 ? 102 TRP B CZ2 1 
ATOM   789  C  CZ3 . TRP B 1 50 ? 2.848   7.042   3.256   1.00 30.15 ? 102 TRP B CZ3 1 
ATOM   790  C  CH2 . TRP B 1 50 ? 1.585   6.693   2.761   1.00 26.20 ? 102 TRP B CH2 1 
ATOM   791  N  N   . ARG B 1 51 ? 7.805   1.742   5.543   1.00 32.83 ? 103 ARG B N   1 
ATOM   792  C  CA  . ARG B 1 51 ? 9.158   1.638   6.049   1.00 33.59 ? 103 ARG B CA  1 
ATOM   793  C  C   . ARG B 1 51 ? 10.213  1.560   4.964   1.00 33.06 ? 103 ARG B C   1 
ATOM   794  O  O   . ARG B 1 51 ? 11.395  1.608   5.265   1.00 31.17 ? 103 ARG B O   1 
ATOM   795  C  CB  . ARG B 1 51 ? 9.325   0.397   6.909   1.00 33.86 ? 103 ARG B CB  1 
ATOM   796  C  CG  . ARG B 1 51 ? 8.339   0.268   8.045   1.00 37.75 ? 103 ARG B CG  1 
ATOM   797  C  CD  . ARG B 1 51 ? 8.454   1.383   9.015   1.00 41.39 ? 103 ARG B CD  1 
ATOM   798  N  NE  . ARG B 1 51 ? 7.588   1.188   10.185  1.00 43.89 ? 103 ARG B NE  1 
ATOM   799  C  CZ  . ARG B 1 51 ? 6.332   1.612   10.293  1.00 39.69 ? 103 ARG B CZ  1 
ATOM   800  N  NH1 . ARG B 1 51 ? 5.757   2.238   9.293   1.00 44.16 ? 103 ARG B NH1 1 
ATOM   801  N  NH2 . ARG B 1 51 ? 5.649   1.404   11.415  1.00 37.91 ? 103 ARG B NH2 1 
ATOM   802  N  N   . SER B 1 52 ? 9.818   1.388   3.719   1.00 31.15 ? 104 SER B N   1 
ATOM   803  C  CA  . SER B 1 52 ? 10.791  1.315   2.648   1.00 32.67 ? 104 SER B CA  1 
ATOM   804  C  C   . SER B 1 52 ? 11.631  2.582   2.525   1.00 34.77 ? 104 SER B C   1 
ATOM   805  O  O   . SER B 1 52 ? 11.106  3.703   2.547   1.00 33.52 ? 104 SER B O   1 
ATOM   806  C  CB  . SER B 1 52 ? 10.104  1.118   1.308   1.00 33.40 ? 104 SER B CB  1 
ATOM   807  O  OG  . SER B 1 52 ? 11.110  1.001   0.332   1.00 35.20 ? 104 SER B OG  1 
ATOM   808  N  N   . LYS B 1 53 ? 12.925  2.389   2.331   1.00 35.47 ? 105 LYS B N   1 
ATOM   809  C  CA  . LYS B 1 53 ? 13.820  3.500   2.104   1.00 38.70 ? 105 LYS B CA  1 
ATOM   810  C  C   . LYS B 1 53 ? 13.684  4.005   0.648   1.00 38.18 ? 105 LYS B C   1 
ATOM   811  O  O   . LYS B 1 53 ? 14.180  5.066   0.332   1.00 39.39 ? 105 LYS B O   1 
ATOM   812  C  CB  . LYS B 1 53 ? 15.255  3.097   2.485   1.00 40.38 ? 105 LYS B CB  1 
ATOM   813  C  CG  . LYS B 1 53 ? 15.380  2.803   4.022   1.00 45.02 ? 105 LYS B CG  1 
ATOM   814  C  CD  . LYS B 1 53 ? 16.657  2.037   4.430   1.00 43.52 ? 105 LYS B CD  1 
ATOM   815  N  N   . THR B 1 54 ? 12.984  3.262   -0.215  1.00 36.34 ? 106 THR B N   1 
ATOM   816  C  CA  . THR B 1 54 ? 12.707  3.718   -1.580  1.00 35.06 ? 106 THR B CA  1 
ATOM   817  C  C   . THR B 1 54 ? 11.211  3.953   -1.822  1.00 32.88 ? 106 THR B C   1 
ATOM   818  O  O   . THR B 1 54 ? 10.746  3.826   -2.933  1.00 32.37 ? 106 THR B O   1 
ATOM   819  C  CB  . THR B 1 54 ? 13.176  2.681   -2.604  1.00 35.75 ? 106 THR B CB  1 
ATOM   820  O  OG1 . THR B 1 54 ? 12.558  1.441   -2.301  1.00 33.35 ? 106 THR B OG1 1 
ATOM   821  C  CG2 . THR B 1 54 ? 14.711  2.499   -2.584  1.00 35.77 ? 106 THR B CG2 1 
ATOM   822  N  N   . PHE B 1 55 ? 10.470  4.302   -0.775  1.00 32.98 ? 107 PHE B N   1 
ATOM   823  C  CA  . PHE B 1 55 ? 9.022   4.481   -0.845  1.00 34.38 ? 107 PHE B CA  1 
ATOM   824  C  C   . PHE B 1 55 ? 8.734   5.436   -1.986  1.00 35.77 ? 107 PHE B C   1 
ATOM   825  O  O   . PHE B 1 55 ? 9.419   6.424   -2.121  1.00 33.44 ? 107 PHE B O   1 
ATOM   826  C  CB  . PHE B 1 55 ? 8.528   5.071   0.484   1.00 34.92 ? 107 PHE B CB  1 
ATOM   827  C  CG  . PHE B 1 55 ? 7.048   5.024   0.660   1.00 33.51 ? 107 PHE B CG  1 
ATOM   828  C  CD1 . PHE B 1 55 ? 6.453   3.912   1.184   1.00 36.90 ? 107 PHE B CD1 1 
ATOM   829  C  CD2 . PHE B 1 55 ? 6.260   6.091   0.283   1.00 33.04 ? 107 PHE B CD2 1 
ATOM   830  C  CE1 . PHE B 1 55 ? 5.074   3.854   1.341   1.00 32.20 ? 107 PHE B CE1 1 
ATOM   831  C  CE2 . PHE B 1 55 ? 4.897   6.048   0.452   1.00 32.16 ? 107 PHE B CE2 1 
ATOM   832  C  CZ  . PHE B 1 55 ? 4.308   4.939   0.984   1.00 32.93 ? 107 PHE B CZ  1 
ATOM   833  N  N   . PRO B 1 56 ? 7.676   5.202   -2.764  1.00 34.78 ? 108 PRO B N   1 
ATOM   834  C  CA  . PRO B 1 56 ? 6.612   4.226   -2.686  1.00 32.57 ? 108 PRO B CA  1 
ATOM   835  C  C   . PRO B 1 56 ? 6.980   2.787   -3.073  1.00 31.36 ? 108 PRO B C   1 
ATOM   836  O  O   . PRO B 1 56 ? 6.158   1.917   -2.918  1.00 30.26 ? 108 PRO B O   1 
ATOM   837  C  CB  . PRO B 1 56 ? 5.562   4.797   -3.642  1.00 31.93 ? 108 PRO B CB  1 
ATOM   838  C  CG  . PRO B 1 56 ? 6.319   5.523   -4.639  1.00 35.26 ? 108 PRO B CG  1 
ATOM   839  C  CD  . PRO B 1 56 ? 7.530   6.072   -3.937  1.00 35.26 ? 108 PRO B CD  1 
ATOM   840  N  N   . ALA B 1 57 ? 8.183   2.544   -3.589  1.00 32.35 ? 109 ALA B N   1 
ATOM   841  C  CA  . ALA B 1 57 ? 8.581   1.193   -3.930  1.00 32.60 ? 109 ALA B CA  1 
ATOM   842  C  C   . ALA B 1 57 ? 8.871   0.400   -2.657  1.00 34.32 ? 109 ALA B C   1 
ATOM   843  O  O   . ALA B 1 57 ? 9.255   0.967   -1.621  1.00 35.65 ? 109 ALA B O   1 
ATOM   844  C  CB  . ALA B 1 57 ? 9.812   1.206   -4.875  1.00 30.92 ? 109 ALA B CB  1 
ATOM   845  N  N   . CYS B 1 58 ? 8.657   -0.910  -2.745  1.00 34.11 ? 110 CYS B N   1 
ATOM   846  C  CA  . CYS B 1 58 ? 8.971   -1.842  -1.669  1.00 33.80 ? 110 CYS B CA  1 
ATOM   847  C  C   . CYS B 1 58 ? 10.448  -2.224  -1.801  1.00 33.72 ? 110 CYS B C   1 
ATOM   848  O  O   . CYS B 1 58 ? 10.910  -2.516  -2.902  1.00 33.07 ? 110 CYS B O   1 
ATOM   849  C  CB  . CYS B 1 58 ? 8.054   -3.060  -1.777  1.00 33.23 ? 110 CYS B CB  1 
ATOM   850  S  SG  . CYS B 1 58 ? 8.570   -4.532  -0.822  1.00 33.87 ? 110 CYS B SG  1 
ATOM   851  N  N   . ASP B 1 59 ? 11.189  -2.183  -0.698  1.00 33.32 ? 111 ASP B N   1 
ATOM   852  C  CA  . ASP B 1 59 ? 12.569  -2.618  -0.682  1.00 33.16 ? 111 ASP B CA  1 
ATOM   853  C  C   . ASP B 1 59 ? 12.818  -3.796  0.280   1.00 33.97 ? 111 ASP B C   1 
ATOM   854  O  O   . ASP B 1 59 ? 13.955  -4.052  0.672   1.00 33.54 ? 111 ASP B O   1 
ATOM   855  C  CB  . ASP B 1 59 ? 13.504  -1.459  -0.308  1.00 34.22 ? 111 ASP B CB  1 
ATOM   856  C  CG  . ASP B 1 59 ? 13.371  -1.034  1.149   1.00 38.54 ? 111 ASP B CG  1 
ATOM   857  O  OD1 . ASP B 1 59 ? 12.532  -1.597  1.902   1.00 37.92 ? 111 ASP B OD1 1 
ATOM   858  O  OD2 . ASP B 1 59 ? 14.090  -0.097  1.542   1.00 38.22 ? 111 ASP B OD2 1 
ATOM   859  N  N   . GLY B 1 60 ? 11.780  -4.502  0.681   1.00 33.49 ? 112 GLY B N   1 
ATOM   860  C  CA  . GLY B 1 60 ? 11.965  -5.625  1.602   1.00 34.33 ? 112 GLY B CA  1 
ATOM   861  C  C   . GLY B 1 60 ? 11.896  -5.227  3.066   1.00 33.11 ? 112 GLY B C   1 
ATOM   862  O  O   . GLY B 1 60 ? 11.906  -6.093  3.936   1.00 30.29 ? 112 GLY B O   1 
ATOM   863  N  N   . SER B 1 61 ? 11.747  -3.936  3.346   1.00 32.25 ? 113 SER B N   1 
ATOM   864  C  CA  . SER B 1 61 ? 11.703  -3.474  4.731   1.00 33.66 ? 113 SER B CA  1 
ATOM   865  C  C   . SER B 1 61 ? 10.508  -4.006  5.495   1.00 31.89 ? 113 SER B C   1 
ATOM   866  O  O   . SER B 1 61 ? 10.544  -4.030  6.706   1.00 33.27 ? 113 SER B O   1 
ATOM   867  C  CB  . SER B 1 61 ? 11.737  -1.941  4.832   1.00 35.16 ? 113 SER B CB  1 
ATOM   868  O  OG  . SER B 1 61 ? 12.978  -1.403  4.393   1.00 33.92 ? 113 SER B OG  1 
ATOM   869  N  N   . HIS B 1 62 ? 9.445   -4.428  4.813   1.00 33.57 ? 114 HIS B N   1 
ATOM   870  C  CA  . HIS B 1 62 ? 8.319   -5.049  5.503   1.00 33.39 ? 114 HIS B CA  1 
ATOM   871  C  C   . HIS B 1 62 ? 8.759   -6.270  6.329   1.00 33.87 ? 114 HIS B C   1 
ATOM   872  O  O   . HIS B 1 62 ? 8.195   -6.522  7.393   1.00 33.58 ? 114 HIS B O   1 
ATOM   873  C  CB  . HIS B 1 62 ? 7.184   -5.450  4.520   1.00 34.35 ? 114 HIS B CB  1 
ATOM   874  C  CG  . HIS B 1 62 ? 7.616   -6.392  3.442   1.00 33.75 ? 114 HIS B CG  1 
ATOM   875  N  ND1 . HIS B 1 62 ? 8.141   -5.967  2.241   1.00 30.56 ? 114 HIS B ND1 1 
ATOM   876  C  CD2 . HIS B 1 62 ? 7.615   -7.743  3.397   1.00 36.54 ? 114 HIS B CD2 1 
ATOM   877  C  CE1 . HIS B 1 62 ? 8.441   -7.017  1.503   1.00 38.09 ? 114 HIS B CE1 1 
ATOM   878  N  NE2 . HIS B 1 62 ? 8.132   -8.109  2.183   1.00 31.91 ? 114 HIS B NE2 1 
ATOM   879  N  N   . ASN B 1 63 ? 9.791   -6.987  5.879   1.00 34.63 ? 115 ASN B N   1 
ATOM   880  C  CA  . ASN B 1 63 ? 10.179  -8.226  6.539   1.00 34.16 ? 115 ASN B CA  1 
ATOM   881  C  C   . ASN B 1 63 ? 10.723  -7.982  7.951   1.00 35.23 ? 115 ASN B C   1 
ATOM   882  O  O   . ASN B 1 63 ? 10.351  -8.699  8.881   1.00 34.30 ? 115 ASN B O   1 
ATOM   883  C  CB  . ASN B 1 63 ? 11.169  -9.022  5.672   1.00 35.71 ? 115 ASN B CB  1 
ATOM   884  C  CG  . ASN B 1 63 ? 10.496  -9.629  4.435   1.00 38.78 ? 115 ASN B CG  1 
ATOM   885  O  OD1 . ASN B 1 63 ? 9.432   -10.240 4.535   1.00 37.86 ? 115 ASN B OD1 1 
ATOM   886  N  ND2 . ASN B 1 63 ? 11.101  -9.427  3.262   1.00 37.49 ? 115 ASN B ND2 1 
ATOM   887  N  N   . LYS B 1 64 ? 11.548  -6.953  8.113   1.00 33.50 ? 116 LYS B N   1 
ATOM   888  C  CA  . LYS B 1 64 ? 12.054  -6.585  9.433   1.00 35.06 ? 116 LYS B CA  1 
ATOM   889  C  C   . LYS B 1 64 ? 10.917  -6.073  10.327  1.00 32.38 ? 116 LYS B C   1 
ATOM   890  O  O   . LYS B 1 64 ? 10.867  -6.419  11.502  1.00 30.64 ? 116 LYS B O   1 
ATOM   891  C  CB  . LYS B 1 64 ? 13.173  -5.536  9.355   1.00 34.88 ? 116 LYS B CB  1 
ATOM   892  C  CG  . LYS B 1 64 ? 14.079  -5.554  10.602  1.00 44.91 ? 116 LYS B CG  1 
ATOM   893  N  N   . HIS B 1 65 ? 9.998   -5.287  9.767   1.00 32.28 ? 117 HIS B N   1 
ATOM   894  C  CA  . HIS B 1 65 ? 8.829   -4.817  10.530  1.00 33.46 ? 117 HIS B CA  1 
ATOM   895  C  C   . HIS B 1 65 ? 8.029   -6.006  11.068  1.00 32.88 ? 117 HIS B C   1 
ATOM   896  O  O   . HIS B 1 65 ? 7.704   -6.063  12.257  1.00 32.36 ? 117 HIS B O   1 
ATOM   897  C  CB  . HIS B 1 65 ? 7.914   -3.899  9.708   1.00 34.11 ? 117 HIS B CB  1 
ATOM   898  C  CG  . HIS B 1 65 ? 6.577   -3.672  10.353  1.00 37.98 ? 117 HIS B CG  1 
ATOM   899  N  ND1 . HIS B 1 65 ? 6.393   -2.777  11.389  1.00 34.24 ? 117 HIS B ND1 1 
ATOM   900  C  CD2 . HIS B 1 65 ? 5.376   -4.272  10.157  1.00 36.30 ? 117 HIS B CD2 1 
ATOM   901  C  CE1 . HIS B 1 65 ? 5.134   -2.829  11.792  1.00 42.87 ? 117 HIS B CE1 1 
ATOM   902  N  NE2 . HIS B 1 65 ? 4.496   -3.733  11.068  1.00 40.42 ? 117 HIS B NE2 1 
ATOM   903  N  N   . ASN B 1 66 ? 7.778   -6.979  10.201  1.00 33.02 ? 118 ASN B N   1 
ATOM   904  C  CA  . ASN B 1 66 ? 6.996   -8.155  10.561  1.00 33.74 ? 118 ASN B CA  1 
ATOM   905  C  C   . ASN B 1 66 ? 7.678   -8.986  11.624  1.00 34.26 ? 118 ASN B C   1 
ATOM   906  O  O   . ASN B 1 66 ? 7.023   -9.494  12.548  1.00 33.91 ? 118 ASN B O   1 
ATOM   907  C  CB  . ASN B 1 66 ? 6.728   -9.028  9.336   1.00 34.58 ? 118 ASN B CB  1 
ATOM   908  C  CG  . ASN B 1 66 ? 5.695   -8.431  8.399   1.00 33.60 ? 118 ASN B CG  1 
ATOM   909  O  OD1 . ASN B 1 66 ? 4.955   -7.501  8.751   1.00 30.97 ? 118 ASN B OD1 1 
ATOM   910  N  ND2 . ASN B 1 66 ? 5.618   -8.992  7.201   1.00 31.85 ? 118 ASN B ND2 1 
ATOM   911  N  N   . GLU B 1 67 ? 8.997   -9.142  11.502  1.00 34.57 ? 119 GLU B N   1 
ATOM   912  C  CA  . GLU B 1 67 ? 9.755   -9.924  12.484  1.00 33.86 ? 119 GLU B CA  1 
ATOM   913  C  C   . GLU B 1 67 ? 9.749   -9.234  13.854  1.00 34.12 ? 119 GLU B C   1 
ATOM   914  O  O   . GLU B 1 67 ? 9.594   -9.880  14.884  1.00 35.86 ? 119 GLU B O   1 
ATOM   915  C  CB  . GLU B 1 67 ? 11.208  -10.131 12.008  1.00 35.63 ? 119 GLU B CB  1 
ATOM   916  N  N   . LEU B 1 68 ? 9.936   -7.925  13.839  1.00 35.04 ? 120 LEU B N   1 
ATOM   917  C  CA  . LEU B 1 68 ? 9.974   -7.096  15.030  1.00 35.77 ? 120 LEU B CA  1 
ATOM   918  C  C   . LEU B 1 68 ? 8.653   -7.024  15.785  1.00 35.86 ? 120 LEU B C   1 
ATOM   919  O  O   . LEU B 1 68 ? 8.621   -7.192  17.000  1.00 35.49 ? 120 LEU B O   1 
ATOM   920  C  CB  . LEU B 1 68 ? 10.345  -5.677  14.619  1.00 36.56 ? 120 LEU B CB  1 
ATOM   921  C  CG  . LEU B 1 68 ? 10.431  -4.594  15.697  1.00 37.98 ? 120 LEU B CG  1 
ATOM   922  C  CD1 . LEU B 1 68 ? 11.538  -4.920  16.702  1.00 39.10 ? 120 LEU B CD1 1 
ATOM   923  C  CD2 . LEU B 1 68 ? 10.670  -3.233  15.017  1.00 38.80 ? 120 LEU B CD2 1 
ATOM   924  N  N   . THR B 1 69 ? 7.571   -6.734  15.070  1.00 35.58 ? 121 THR B N   1 
ATOM   925  C  CA  . THR B 1 69 ? 6.260   -6.518  15.690  1.00 34.38 ? 121 THR B CA  1 
ATOM   926  C  C   . THR B 1 69 ? 5.340   -7.743  15.675  1.00 36.07 ? 121 THR B C   1 
ATOM   927  O  O   . THR B 1 69 ? 4.310   -7.750  16.352  1.00 37.69 ? 121 THR B O   1 
ATOM   928  C  CB  . THR B 1 69 ? 5.532   -5.424  14.945  1.00 34.96 ? 121 THR B CB  1 
ATOM   929  O  OG1 . THR B 1 69 ? 5.225   -5.880  13.608  1.00 33.06 ? 121 THR B OG1 1 
ATOM   930  C  CG2 . THR B 1 69 ? 6.396   -4.180  14.884  1.00 32.87 ? 121 THR B CG2 1 
ATOM   931  N  N   . GLY B 1 70 ? 5.700   -8.764  14.899  1.00 34.75 ? 122 GLY B N   1 
ATOM   932  C  CA  . GLY B 1 70 ? 4.827   -9.908  14.676  1.00 32.75 ? 122 GLY B CA  1 
ATOM   933  C  C   . GLY B 1 70 ? 3.694   -9.587  13.697  1.00 31.96 ? 122 GLY B C   1 
ATOM   934  O  O   . GLY B 1 70 ? 2.658   -10.229 13.716  1.00 31.93 ? 122 GLY B O   1 
ATOM   935  N  N   . ASP B 1 71 ? 3.873   -8.592  12.844  1.00 32.77 ? 123 ASP B N   1 
ATOM   936  C  CA  . ASP B 1 71 ? 2.838   -8.232  11.863  1.00 32.35 ? 123 ASP B CA  1 
ATOM   937  C  C   . ASP B 1 71 ? 2.953   -9.161  10.639  1.00 32.17 ? 123 ASP B C   1 
ATOM   938  O  O   . ASP B 1 71 ? 3.819   -10.047 10.597  1.00 28.50 ? 123 ASP B O   1 
ATOM   939  C  CB  . ASP B 1 71 ? 3.009   -6.781  11.432  1.00 30.61 ? 123 ASP B CB  1 
ATOM   940  C  CG  . ASP B 1 71 ? 1.685   -6.089  11.106  1.00 40.01 ? 123 ASP B CG  1 
ATOM   941  O  OD1 . ASP B 1 71 ? 0.644   -6.782  10.947  1.00 41.52 ? 123 ASP B OD1 1 
ATOM   942  O  OD2 . ASP B 1 71 ? 1.697   -4.842  11.028  1.00 35.14 ? 123 ASP B OD2 1 
ATOM   943  N  N   . ASN B 1 72 ? 2.075   -8.967  9.654   1.00 29.92 ? 124 ASN B N   1 
ATOM   944  C  CA  . ASN B 1 72 ? 2.076   -9.780  8.454   1.00 30.17 ? 124 ASN B CA  1 
ATOM   945  C  C   . ASN B 1 72 ? 1.849   -8.934  7.201   1.00 31.68 ? 124 ASN B C   1 
ATOM   946  O  O   . ASN B 1 72 ? 1.143   -9.346  6.280   1.00 31.07 ? 124 ASN B O   1 
ATOM   947  C  CB  . ASN B 1 72 ? 0.982   -10.828 8.532   1.00 29.42 ? 124 ASN B CB  1 
ATOM   948  C  CG  . ASN B 1 72 ? -0.419  -10.219 8.588   1.00 31.90 ? 124 ASN B CG  1 
ATOM   949  O  OD1 . ASN B 1 72 ? -0.587  -9.050  8.922   1.00 32.16 ? 124 ASN B OD1 1 
ATOM   950  N  ND2 . ASN B 1 72 ? -1.437  -11.023 8.253   1.00 30.33 ? 124 ASN B ND2 1 
ATOM   951  N  N   . VAL B 1 73 ? 2.409   -7.739  7.174   1.00 32.29 ? 125 VAL B N   1 
ATOM   952  C  CA  . VAL B 1 73 ? 2.219   -6.872  6.019   1.00 29.68 ? 125 VAL B CA  1 
ATOM   953  C  C   . VAL B 1 73 ? 3.182   -7.224  4.893   1.00 32.20 ? 125 VAL B C   1 
ATOM   954  O  O   . VAL B 1 73 ? 4.284   -7.773  5.104   1.00 33.03 ? 125 VAL B O   1 
ATOM   955  C  CB  . VAL B 1 73 ? 2.229   -5.363  6.388   1.00 32.28 ? 125 VAL B CB  1 
ATOM   956  C  CG1 . VAL B 1 73 ? 1.083   -5.046  7.400   1.00 32.00 ? 125 VAL B CG1 1 
ATOM   957  C  CG2 . VAL B 1 73 ? 3.552   -4.942  6.933   1.00 32.97 ? 125 VAL B CG2 1 
ATOM   958  N  N   . GLY B 1 74 ? 2.737   -6.909  3.683   1.00 33.63 ? 126 GLY B N   1 
ATOM   959  C  CA  . GLY B 1 74 ? 3.510   -7.113  2.477   1.00 34.36 ? 126 GLY B CA  1 
ATOM   960  C  C   . GLY B 1 74 ? 3.068   -6.138  1.400   1.00 33.60 ? 126 GLY B C   1 
ATOM   961  O  O   . GLY B 1 74 ? 2.105   -5.376  1.591   1.00 33.50 ? 126 GLY B O   1 
ATOM   962  N  N   . PRO B 1 75 ? 3.792   -6.127  0.284   1.00 31.03 ? 127 PRO B N   1 
ATOM   963  C  CA  . PRO B 1 75 ? 3.547   -5.198  -0.794  1.00 33.00 ? 127 PRO B CA  1 
ATOM   964  C  C   . PRO B 1 75 ? 2.432   -5.548  -1.760  1.00 32.96 ? 127 PRO B C   1 
ATOM   965  O  O   . PRO B 1 75 ? 1.903   -6.668  -1.786  1.00 31.86 ? 127 PRO B O   1 
ATOM   966  C  CB  . PRO B 1 75 ? 4.865   -5.243  -1.582  1.00 34.40 ? 127 PRO B CB  1 
ATOM   967  C  CG  . PRO B 1 75 ? 5.374   -6.679  -1.361  1.00 30.89 ? 127 PRO B CG  1 
ATOM   968  C  CD  . PRO B 1 75 ? 5.018   -6.926  0.073   1.00 32.49 ? 127 PRO B CD  1 
ATOM   969  N  N   . LEU B 1 76 ? 2.114   -4.559  -2.576  1.00 31.06 ? 128 LEU B N   1 
ATOM   970  C  CA  . LEU B 1 76 ? 1.228   -4.715  -3.702  1.00 31.66 ? 128 LEU B CA  1 
ATOM   971  C  C   . LEU B 1 76 ? 2.179   -4.938  -4.876  1.00 32.89 ? 128 LEU B C   1 
ATOM   972  O  O   . LEU B 1 76 ? 3.092   -4.122  -5.105  1.00 31.96 ? 128 LEU B O   1 
ATOM   973  C  CB  . LEU B 1 76 ? 0.477   -3.412  -3.918  1.00 32.25 ? 128 LEU B CB  1 
ATOM   974  C  CG  . LEU B 1 76 ? -0.612  -3.384  -4.970  1.00 35.85 ? 128 LEU B CG  1 
ATOM   975  C  CD1 . LEU B 1 76 ? -1.796  -4.291  -4.529  1.00 36.33 ? 128 LEU B CD1 1 
ATOM   976  C  CD2 . LEU B 1 76 ? -1.075  -1.967  -5.197  1.00 38.30 ? 128 LEU B CD2 1 
ATOM   977  N  N   . ILE B 1 77 ? 1.944   -6.002  -5.628  1.00 30.32 ? 129 ILE B N   1 
ATOM   978  C  CA  . ILE B 1 77 ? 2.754   -6.317  -6.794  1.00 33.40 ? 129 ILE B CA  1 
ATOM   979  C  C   . ILE B 1 77 ? 1.966   -6.038  -8.060  1.00 31.32 ? 129 ILE B C   1 
ATOM   980  O  O   . ILE B 1 77 ? 0.892   -6.601  -8.250  1.00 30.70 ? 129 ILE B O   1 
ATOM   981  C  CB  . ILE B 1 77 ? 3.135   -7.790  -6.819  1.00 34.53 ? 129 ILE B CB  1 
ATOM   982  C  CG1 . ILE B 1 77 ? 3.775   -8.197  -5.492  1.00 39.41 ? 129 ILE B CG1 1 
ATOM   983  C  CG2 . ILE B 1 77 ? 4.042   -8.098  -8.035  1.00 34.80 ? 129 ILE B CG2 1 
ATOM   984  C  CD1 . ILE B 1 77 ? 4.955   -7.436  -5.137  1.00 42.21 ? 129 ILE B CD1 1 
ATOM   985  N  N   . LEU B 1 78 ? 2.503   -5.178  -8.919  1.00 28.65 ? 130 LEU B N   1 
ATOM   986  C  CA  . LEU B 1 78 ? 1.836   -4.825  -10.154 1.00 31.23 ? 130 LEU B CA  1 
ATOM   987  C  C   . LEU B 1 78 ? 2.463   -5.660  -11.235 1.00 30.98 ? 130 LEU B C   1 
ATOM   988  O  O   . LEU B 1 78 ? 3.669   -5.590  -11.460 1.00 32.36 ? 130 LEU B O   1 
ATOM   989  C  CB  . LEU B 1 78 ? 1.982   -3.330  -10.477 1.00 30.84 ? 130 LEU B CB  1 
ATOM   990  C  CG  . LEU B 1 78 ? 1.648   -2.331  -9.367  1.00 37.57 ? 130 LEU B CG  1 
ATOM   991  C  CD1 . LEU B 1 78 ? 1.754   -0.902  -9.919  1.00 35.46 ? 130 LEU B CD1 1 
ATOM   992  C  CD2 . LEU B 1 78 ? 0.278   -2.586  -8.786  1.00 40.94 ? 130 LEU B CD2 1 
ATOM   993  N  N   . LYS B 1 79 ? 1.641   -6.453  -11.902 1.00 30.44 ? 131 LYS B N   1 
ATOM   994  C  CA  . LYS B 1 79 ? 2.117   -7.339  -12.930 1.00 34.43 ? 131 LYS B CA  1 
ATOM   995  C  C   . LYS B 1 79 ? 1.672   -6.828  -14.289 1.00 34.16 ? 131 LYS B C   1 
ATOM   996  O  O   . LYS B 1 79 ? 0.503   -6.477  -14.462 1.00 32.60 ? 131 LYS B O   1 
ATOM   997  C  CB  . LYS B 1 79 ? 1.577   -8.750  -12.719 1.00 35.34 ? 131 LYS B CB  1 
ATOM   998  C  CG  . LYS B 1 79 ? 2.053   -9.419  -11.417 1.00 42.07 ? 131 LYS B CG  1 
ATOM   999  C  CD  . LYS B 1 79 ? 1.799   -10.927 -11.449 1.00 41.58 ? 131 LYS B CD  1 
ATOM   1000 N  N   . LYS B 1 80 ? 2.612   -6.820  -15.237 1.00 32.59 ? 132 LYS B N   1 
ATOM   1001 C  CA  . LYS B 1 80 ? 2.392   -6.353  -16.602 1.00 35.90 ? 132 LYS B CA  1 
ATOM   1002 C  C   . LYS B 1 80 ? 2.844   -7.466  -17.546 1.00 35.15 ? 132 LYS B C   1 
ATOM   1003 O  O   . LYS B 1 80 ? 4.003   -7.854  -17.520 1.00 33.90 ? 132 LYS B O   1 
ATOM   1004 C  CB  . LYS B 1 80 ? 3.223   -5.096  -16.831 1.00 35.88 ? 132 LYS B CB  1 
ATOM   1005 C  CG  . LYS B 1 80 ? 2.958   -4.346  -18.122 1.00 38.63 ? 132 LYS B CG  1 
ATOM   1006 C  CD  . LYS B 1 80 ? 3.487   -2.905  -18.012 1.00 40.03 ? 132 LYS B CD  1 
ATOM   1007 C  CE  . LYS B 1 80 ? 3.116   -2.034  -19.219 1.00 43.40 ? 132 LYS B CE  1 
ATOM   1008 N  NZ  . LYS B 1 80 ? 3.373   -0.565  -18.980 1.00 37.39 ? 132 LYS B NZ  1 
ATOM   1009 N  N   . LYS B 1 81 ? 1.931   -8.006  -18.341 1.00 35.47 ? 133 LYS B N   1 
ATOM   1010 C  CA  . LYS B 1 81 ? 2.271   -9.106  -19.233 1.00 37.02 ? 133 LYS B CA  1 
ATOM   1011 C  C   . LYS B 1 81 ? 3.212   -8.620  -20.340 1.00 36.95 ? 133 LYS B C   1 
ATOM   1012 O  O   . LYS B 1 81 ? 3.179   -7.453  -20.729 1.00 34.48 ? 133 LYS B O   1 
ATOM   1013 C  CB  . LYS B 1 81 ? 0.996   -9.728  -19.825 1.00 37.67 ? 133 LYS B CB  1 
ATOM   1014 C  CG  . LYS B 1 81 ? 1.209   -11.007 -20.632 1.00 37.27 ? 133 LYS B CG  1 
ATOM   1015 N  N   . GLU B 1 82 ? 4.066   -9.520  -20.821 1.00 39.23 ? 134 GLU B N   1 
ATOM   1016 C  CA  . GLU B 1 82 ? 4.955   -9.216  -21.930 1.00 40.38 ? 134 GLU B CA  1 
ATOM   1017 C  C   . GLU B 1 82 ? 4.112   -9.105  -23.200 1.00 41.35 ? 134 GLU B C   1 
ATOM   1018 O  O   . GLU B 1 82 ? 3.419   -10.054 -23.565 1.00 43.00 ? 134 GLU B O   1 
ATOM   1019 C  CB  . GLU B 1 82 ? 5.996   -10.327 -22.101 1.00 41.15 ? 134 GLU B CB  1 
ATOM   1020 N  N   . VAL B 1 83 ? 4.187   -7.957  -23.874 1.00 41.33 ? 135 VAL B N   1 
ATOM   1021 C  CA  . VAL B 1 83 ? 3.390   -7.691  -25.083 1.00 41.11 ? 135 VAL B CA  1 
ATOM   1022 C  C   . VAL B 1 83 ? 3.791   -8.597  -26.251 1.00 41.59 ? 135 VAL B C   1 
ATOM   1023 O  O   . VAL B 1 83 ? 3.261   -8.493  -27.365 1.00 41.65 ? 135 VAL B O   1 
ATOM   1024 C  CB  . VAL B 1 83 ? 3.521   -6.210  -25.537 1.00 41.54 ? 135 VAL B CB  1 
ATOM   1025 C  CG1 . VAL B 1 83 ? 2.616   -5.924  -26.738 1.00 37.80 ? 135 VAL B CG1 1 
ATOM   1026 C  CG2 . VAL B 1 83 ? 3.201   -5.252  -24.376 1.00 39.53 ? 135 VAL B CG2 1 
ATOM   1027 O  OXT . VAL B 1 83 ? 4.656   -9.464  -26.116 1.00 41.39 ? 135 VAL B OXT 1 
HETATM 1028 FE FE1 . FES C 2 .  ? -6.579  2.432   3.157   1.00 33.98 ? 200 FES A FE1 1 
HETATM 1029 FE FE2 . FES C 2 .  ? -7.550  4.363   1.604   1.00 33.16 ? 200 FES A FE2 1 
HETATM 1030 S  S1  . FES C 2 .  ? -8.699  2.890   2.758   1.00 32.51 ? 200 FES A S1  1 
HETATM 1031 S  S2  . FES C 2 .  ? -5.423  3.904   1.975   1.00 32.34 ? 200 FES A S2  1 
HETATM 1032 FE FE1 . FES D 2 .  ? 7.052   -1.777  2.695   1.00 33.65 ? 200 FES B FE1 1 
HETATM 1033 FE FE2 . FES D 2 .  ? 7.860   -3.978  1.360   1.00 33.67 ? 200 FES B FE2 1 
HETATM 1034 S  S1  . FES D 2 .  ? 9.110   -2.372  2.162   1.00 32.72 ? 200 FES B S1  1 
HETATM 1035 S  S2  . FES D 2 .  ? 5.774   -3.393  1.876   1.00 33.05 ? 200 FES B S2  1 
HETATM 1036 O  O   . HOH E 3 .  ? -1.670  0.663   13.641  1.00 43.10 ? 1   HOH A O   1 
HETATM 1037 O  O   . HOH E 3 .  ? -6.298  -3.755  10.154  1.00 30.77 ? 2   HOH A O   1 
HETATM 1038 O  O   . HOH E 3 .  ? -7.754  -11.638 10.161  1.00 38.72 ? 3   HOH A O   1 
HETATM 1039 O  O   . HOH E 3 .  ? -10.515 -8.179  8.139   1.00 52.12 ? 4   HOH A O   1 
HETATM 1040 O  O   . HOH E 3 .  ? -0.060  -9.841  13.335  1.00 40.76 ? 5   HOH A O   1 
HETATM 1041 O  O   . HOH E 3 .  ? -0.354  -13.262 0.494   1.00 34.95 ? 6   HOH A O   1 
HETATM 1042 O  O   . HOH E 3 .  ? -3.457  -2.438  -1.308  1.00 16.62 ? 10  HOH A O   1 
HETATM 1043 O  O   . HOH E 3 .  ? -11.031 -5.522  5.155   1.00 35.90 ? 12  HOH A O   1 
HETATM 1044 O  O   . HOH E 3 .  ? -17.581 -4.834  4.571   1.00 34.42 ? 13  HOH A O   1 
HETATM 1045 O  O   . HOH E 3 .  ? -15.519 -6.253  3.748   1.00 31.05 ? 14  HOH A O   1 
HETATM 1046 O  O   . HOH E 3 .  ? -13.062 0.322   -2.712  1.00 33.83 ? 15  HOH A O   1 
HETATM 1047 O  O   . HOH E 3 .  ? -12.833 7.193   6.554   1.00 40.25 ? 16  HOH A O   1 
HETATM 1048 O  O   . HOH E 3 .  ? -8.633  12.579  7.878   1.00 39.51 ? 17  HOH A O   1 
HETATM 1049 O  O   . HOH E 3 .  ? -7.001  12.099  5.659   1.00 30.92 ? 19  HOH A O   1 
HETATM 1050 O  O   . HOH E 3 .  ? -6.760  3.421   12.708  1.00 43.60 ? 21  HOH A O   1 
HETATM 1051 O  O   . HOH E 3 .  ? 1.398   12.287  11.301  1.00 43.36 ? 23  HOH A O   1 
HETATM 1052 O  O   . HOH E 3 .  ? -9.933  0.511   -6.755  1.00 48.66 ? 30  HOH A O   1 
HETATM 1053 O  O   . HOH E 3 .  ? -11.453 -6.798  -2.534  1.00 37.84 ? 31  HOH A O   1 
HETATM 1054 O  O   . HOH E 3 .  ? -10.276 3.553   9.334   1.00 37.60 ? 32  HOH A O   1 
HETATM 1055 O  O   . HOH E 3 .  ? -9.149  3.632   11.911  1.00 45.58 ? 33  HOH A O   1 
HETATM 1056 O  O   . HOH E 3 .  ? -3.323  -11.528 -5.281  1.00 44.35 ? 39  HOH A O   1 
HETATM 1057 O  O   . HOH F 3 .  ? 2.025   -14.031 11.224  1.00 46.49 ? 7   HOH B O   1 
HETATM 1058 O  O   . HOH F 3 .  ? 9.621   -11.279 8.533   1.00 32.19 ? 8   HOH B O   1 
HETATM 1059 O  O   . HOH F 3 .  ? 7.866   -10.893 6.508   1.00 29.63 ? 9   HOH B O   1 
HETATM 1060 O  O   . HOH F 3 .  ? 3.379   2.498   -2.167  1.00 18.23 ? 11  HOH B O   1 
HETATM 1061 O  O   . HOH F 3 .  ? -3.011  14.559  8.083   1.00 35.40 ? 18  HOH B O   1 
HETATM 1062 O  O   . HOH F 3 .  ? -5.482  14.133  5.275   1.00 33.99 ? 20  HOH B O   1 
HETATM 1063 O  O   . HOH F 3 .  ? 7.482   5.524   8.315   1.00 34.85 ? 22  HOH B O   1 
HETATM 1064 O  O   . HOH F 3 .  ? 1.382   17.709  8.047   1.00 44.24 ? 24  HOH B O   1 
HETATM 1065 O  O   . HOH F 3 .  ? 1.269   12.959  -1.813  1.00 34.98 ? 25  HOH B O   1 
HETATM 1066 O  O   . HOH F 3 .  ? 9.923   -4.725  -7.442  1.00 37.70 ? 26  HOH B O   1 
HETATM 1067 O  O   . HOH F 3 .  ? 11.301  -2.264  8.548   1.00 40.93 ? 27  HOH B O   1 
HETATM 1068 O  O   . HOH F 3 .  ? 8.314   -1.298  12.295  1.00 38.19 ? 28  HOH B O   1 
HETATM 1069 O  O   . HOH F 3 .  ? 13.558  -6.360  6.076   1.00 42.07 ? 29  HOH B O   1 
HETATM 1070 O  O   . HOH F 3 .  ? 5.809   9.696   -1.624  1.00 36.82 ? 34  HOH B O   1 
HETATM 1071 O  O   . HOH F 3 .  ? 4.295   6.598   -12.709 1.00 48.84 ? 35  HOH B O   1 
HETATM 1072 O  O   . HOH F 3 .  ? 7.054   -2.043  -14.046 1.00 43.30 ? 36  HOH B O   1 
HETATM 1073 O  O   . HOH F 3 .  ? 11.151  4.446   -5.815  1.00 48.01 ? 37  HOH B O   1 
HETATM 1074 O  O   . HOH F 3 .  ? 3.896   -12.760 10.049  1.00 47.67 ? 38  HOH B O   1 
HETATM 1075 O  O   . HOH F 3 .  ? 8.926   13.433  7.278   1.00 40.89 ? 40  HOH B O   1 
# 
